data_3IJR
#
_entry.id   3IJR
#
_cell.length_a   112.749
_cell.length_b   123.203
_cell.length_c   169.767
_cell.angle_alpha   90.00
_cell.angle_beta   90.00
_cell.angle_gamma   90.00
#
_symmetry.space_group_name_H-M   'P 21 21 2'
#
loop_
_entity.id
_entity.type
_entity.pdbx_description
1 polymer 'Oxidoreductase, short chain dehydrogenase/reductase family'
2 non-polymer NICOTINAMIDE-ADENINE-DINUCLEOTIDE
3 non-polymer 'MAGNESIUM ION'
4 non-polymer 'SULFATE ION'
5 water water
#
_entity_poly.entity_id   1
_entity_poly.type   'polypeptide(L)'
_entity_poly.pdbx_seq_one_letter_code
;SNA(MSE)PQQKNFVT(MSE)PAQHQNKQPGIESL(MSE)NPLPQFEDPNYKGSEKLKGKNVLITGGDSGIGRAVSIAFA
KEGANIAIAYLDEEGDANETKQYVEKEGVKCVLLPGDLSDEQHCKDIVQETVRQLGSLNILVNNVAQQYPQQGLEYITAE
QLEKTFRINIFSYFHVTKAALSHLKQGDVIINTASIVAYEGNETLIDYSATKGAIVAFTRSLSQSLVQKGIRVNGVAPGP
IWTPLIPSSFDEKKVSQFGSNVP(MSE)QRPGQPYELAPAYVYLASSDSSYVTGQ(MSE)IHVNGGVIVNG
;
_entity_poly.pdbx_strand_id   A,B,C,D,E,F,G,H
#
# COMPACT_ATOMS: atom_id res chain seq x y z
N VAL A 11 1.32 -21.61 58.66
CA VAL A 11 0.31 -20.96 59.55
C VAL A 11 0.80 -19.58 60.02
N THR A 12 -0.01 -18.56 59.77
CA THR A 12 0.34 -17.20 60.17
C THR A 12 -0.70 -16.62 61.15
N PRO A 14 -4.71 -17.22 63.37
CA PRO A 14 -5.59 -18.26 63.89
C PRO A 14 -6.73 -18.48 62.89
N ALA A 15 -7.18 -19.73 62.75
CA ALA A 15 -8.26 -20.05 61.81
C ALA A 15 -9.55 -19.37 62.27
N GLN A 16 -10.17 -18.63 61.35
CA GLN A 16 -11.41 -17.92 61.65
C GLN A 16 -12.11 -17.51 60.36
N HIS A 17 -13.42 -17.29 60.47
CA HIS A 17 -14.23 -16.90 59.32
C HIS A 17 -15.47 -16.13 59.78
N GLN A 18 -15.78 -15.06 59.07
CA GLN A 18 -16.98 -14.30 59.35
C GLN A 18 -17.96 -14.64 58.24
N ASN A 19 -19.21 -14.82 58.65
CA ASN A 19 -20.29 -15.22 57.76
C ASN A 19 -20.79 -14.18 56.78
N LYS A 20 -20.60 -12.90 57.08
CA LYS A 20 -21.08 -11.87 56.18
C LYS A 20 -20.01 -10.85 55.86
N GLN A 21 -20.12 -10.30 54.66
CA GLN A 21 -19.20 -9.31 54.16
C GLN A 21 -20.01 -8.07 53.78
N PRO A 22 -19.49 -6.85 54.03
CA PRO A 22 -18.18 -6.48 54.61
C PRO A 22 -17.96 -6.98 56.04
N GLY A 23 -16.72 -7.37 56.32
CA GLY A 23 -16.36 -7.88 57.64
C GLY A 23 -16.33 -6.84 58.74
N ILE A 24 -16.37 -7.34 59.97
CA ILE A 24 -16.37 -6.50 61.18
C ILE A 24 -15.04 -6.71 61.89
N GLU A 25 -14.32 -5.62 62.11
CA GLU A 25 -12.97 -5.68 62.68
C GLU A 25 -12.92 -6.14 64.14
N SER A 26 -13.92 -5.75 64.93
CA SER A 26 -13.95 -6.10 66.34
C SER A 26 -14.09 -7.59 66.60
N LEU A 27 -14.51 -8.35 65.59
CA LEU A 27 -14.67 -9.78 65.75
C LEU A 27 -13.41 -10.57 65.37
N ASN A 29 -9.40 -11.96 65.39
CA ASN A 29 -8.37 -12.41 66.32
C ASN A 29 -7.11 -12.83 65.54
N PRO A 30 -6.00 -12.10 65.71
CA PRO A 30 -5.89 -10.92 66.55
C PRO A 30 -6.49 -9.69 65.86
N LEU A 31 -6.70 -8.62 66.62
CA LEU A 31 -7.20 -7.38 66.05
C LEU A 31 -6.11 -6.81 65.16
N PRO A 32 -6.46 -6.35 63.95
CA PRO A 32 -5.44 -5.78 63.14
C PRO A 32 -4.78 -4.63 63.87
N GLN A 33 -3.50 -4.39 63.62
N GLN A 33 -3.49 -4.40 63.65
CA GLN A 33 -2.83 -3.27 64.24
CA GLN A 33 -2.83 -3.26 64.26
C GLN A 33 -3.01 -2.14 63.23
C GLN A 33 -3.00 -2.15 63.24
N PHE A 34 -3.81 -1.16 63.59
CA PHE A 34 -4.14 -0.06 62.68
C PHE A 34 -3.41 1.22 62.95
N GLU A 35 -2.59 1.20 63.99
CA GLU A 35 -1.86 2.35 64.43
C GLU A 35 -0.43 1.97 64.82
N ASP A 36 0.53 2.78 64.38
CA ASP A 36 1.95 2.58 64.72
C ASP A 36 2.19 3.45 65.95
N PRO A 37 2.52 2.82 67.09
CA PRO A 37 2.70 3.58 68.34
C PRO A 37 3.77 4.67 68.26
N ASN A 38 4.82 4.38 67.49
CA ASN A 38 5.93 5.29 67.31
C ASN A 38 5.70 6.31 66.18
N TYR A 39 4.53 6.31 65.55
CA TYR A 39 4.28 7.26 64.45
C TYR A 39 4.06 8.65 65.01
N LYS A 40 4.81 9.63 64.50
CA LYS A 40 4.71 11.01 64.93
C LYS A 40 4.26 11.85 63.77
N GLY A 41 3.15 12.55 63.96
CA GLY A 41 2.62 13.42 62.94
C GLY A 41 3.47 14.67 62.88
N SER A 42 3.45 15.35 61.75
CA SER A 42 4.26 16.55 61.61
C SER A 42 3.57 17.55 60.72
N GLU A 43 2.25 17.61 60.86
CA GLU A 43 1.41 18.57 60.17
C GLU A 43 1.42 18.46 58.68
N LYS A 44 1.72 17.27 58.15
CA LYS A 44 1.83 17.10 56.71
C LYS A 44 0.54 17.42 55.94
N LEU A 45 -0.61 17.33 56.61
CA LEU A 45 -1.90 17.56 55.96
C LEU A 45 -2.75 18.50 56.79
N LYS A 46 -2.10 19.43 57.47
CA LYS A 46 -2.81 20.32 58.41
C LYS A 46 -3.90 21.10 57.71
N GLY A 47 -5.13 21.02 58.23
CA GLY A 47 -6.24 21.77 57.65
C GLY A 47 -6.86 21.16 56.39
N LYS A 48 -6.24 20.10 55.86
CA LYS A 48 -6.78 19.45 54.66
C LYS A 48 -8.08 18.70 54.98
N ASN A 49 -9.00 18.73 54.03
CA ASN A 49 -10.27 18.04 54.14
C ASN A 49 -10.26 16.79 53.26
N VAL A 50 -10.51 15.65 53.89
CA VAL A 50 -10.40 14.36 53.25
C VAL A 50 -11.69 13.53 53.25
N LEU A 51 -11.98 12.90 52.12
CA LEU A 51 -13.05 11.93 52.02
C LEU A 51 -12.38 10.59 51.72
N ILE A 52 -12.65 9.57 52.53
CA ILE A 52 -12.09 8.25 52.32
C ILE A 52 -13.22 7.24 52.32
N THR A 53 -13.36 6.52 51.21
CA THR A 53 -14.42 5.53 51.12
C THR A 53 -13.83 4.23 51.64
N GLY A 54 -14.56 3.58 52.52
CA GLY A 54 -14.10 2.38 53.20
C GLY A 54 -13.12 2.74 54.30
N GLY A 55 -13.27 3.91 54.92
CA GLY A 55 -12.35 4.36 55.97
C GLY A 55 -12.62 3.85 57.38
N ASP A 56 -13.64 3.03 57.53
CA ASP A 56 -14.12 2.60 58.84
C ASP A 56 -13.33 1.48 59.45
N SER A 57 -12.65 0.73 58.59
CA SER A 57 -11.89 -0.41 59.05
C SER A 57 -10.71 -0.72 58.13
N GLY A 58 -9.95 -1.74 58.50
CA GLY A 58 -8.81 -2.21 57.69
C GLY A 58 -7.85 -1.10 57.30
N ILE A 59 -7.42 -1.13 56.06
CA ILE A 59 -6.49 -0.13 55.53
C ILE A 59 -7.04 1.28 55.66
N GLY A 60 -8.32 1.47 55.34
CA GLY A 60 -8.96 2.78 55.39
C GLY A 60 -8.95 3.35 56.80
N ARG A 61 -9.16 2.48 57.78
CA ARG A 61 -9.06 2.90 59.17
C ARG A 61 -7.68 3.41 59.52
N ALA A 62 -6.63 2.70 59.09
CA ALA A 62 -5.27 3.11 59.37
C ALA A 62 -4.96 4.44 58.66
N VAL A 63 -5.46 4.58 57.43
CA VAL A 63 -5.23 5.82 56.69
C VAL A 63 -5.93 6.99 57.38
N SER A 64 -7.20 6.79 57.74
CA SER A 64 -7.96 7.85 58.47
C SER A 64 -7.23 8.36 59.69
N ILE A 65 -6.74 7.44 60.50
CA ILE A 65 -6.02 7.78 61.70
C ILE A 65 -4.68 8.47 61.44
N ALA A 66 -3.89 7.99 60.47
CA ALA A 66 -2.63 8.63 60.16
C ALA A 66 -2.85 10.04 59.63
N PHE A 67 -3.88 10.20 58.80
CA PHE A 67 -4.22 11.48 58.21
C PHE A 67 -4.61 12.45 59.32
N ALA A 68 -5.38 11.95 60.28
CA ALA A 68 -5.77 12.76 61.42
C ALA A 68 -4.53 13.17 62.22
N LYS A 69 -3.61 12.23 62.48
CA LYS A 69 -2.35 12.56 63.19
C LYS A 69 -1.55 13.58 62.42
N GLU A 70 -1.81 13.69 61.12
CA GLU A 70 -1.13 14.67 60.28
C GLU A 70 -1.94 15.97 60.15
N GLY A 71 -3.00 16.12 60.95
CA GLY A 71 -3.78 17.35 60.97
C GLY A 71 -4.96 17.52 60.01
N ALA A 72 -5.32 16.45 59.30
CA ALA A 72 -6.44 16.51 58.35
C ALA A 72 -7.78 16.17 59.01
N ASN A 73 -8.83 16.79 58.48
CA ASN A 73 -10.20 16.47 58.85
C ASN A 73 -10.69 15.33 57.97
N ILE A 74 -11.35 14.35 58.57
CA ILE A 74 -11.70 13.13 57.85
C ILE A 74 -13.17 12.81 57.72
N ALA A 75 -13.64 12.70 56.46
CA ALA A 75 -14.98 12.22 56.19
C ALA A 75 -14.83 10.75 55.77
N ILE A 76 -15.52 9.87 56.49
CA ILE A 76 -15.44 8.43 56.31
C ILE A 76 -16.72 7.80 55.77
N ALA A 77 -16.67 7.26 54.55
CA ALA A 77 -17.81 6.56 53.99
C ALA A 77 -17.62 5.05 54.17
N TYR A 78 -18.71 4.35 54.42
CA TYR A 78 -18.67 2.91 54.67
C TYR A 78 -20.09 2.37 54.46
N LEU A 79 -20.27 1.06 54.45
CA LEU A 79 -21.60 0.51 54.19
C LEU A 79 -22.53 0.60 55.39
N ASP A 80 -22.25 -0.22 56.41
CA ASP A 80 -23.11 -0.29 57.58
C ASP A 80 -22.39 -0.72 58.84
N GLU A 81 -21.05 -0.73 58.85
CA GLU A 81 -20.35 -1.18 60.05
C GLU A 81 -20.26 -0.04 61.07
N GLU A 82 -21.37 0.24 61.75
CA GLU A 82 -21.45 1.32 62.74
C GLU A 82 -20.48 1.20 63.91
N GLY A 83 -20.34 0.00 64.47
CA GLY A 83 -19.40 -0.20 65.58
C GLY A 83 -17.97 0.15 65.13
N ASP A 84 -17.51 -0.44 64.02
CA ASP A 84 -16.15 -0.14 63.53
C ASP A 84 -16.01 1.34 63.20
N ALA A 85 -16.98 1.90 62.51
CA ALA A 85 -16.92 3.32 62.13
C ALA A 85 -16.80 4.19 63.36
N ASN A 86 -17.66 3.93 64.35
N ASN A 86 -17.61 3.90 64.39
CA ASN A 86 -17.65 4.69 65.57
CA ASN A 86 -17.53 4.68 65.61
C ASN A 86 -16.27 4.71 66.22
C ASN A 86 -16.20 4.48 66.38
N GLU A 87 -15.68 3.52 66.42
N GLU A 87 -15.57 3.31 66.27
CA GLU A 87 -14.32 3.38 66.96
CA GLU A 87 -14.25 3.08 66.85
C GLU A 87 -13.30 4.17 66.16
C GLU A 87 -13.20 3.94 66.14
N THR A 88 -13.35 4.07 64.83
CA THR A 88 -12.43 4.80 64.01
C THR A 88 -12.57 6.28 64.30
N LYS A 89 -13.81 6.71 64.41
CA LYS A 89 -14.11 8.09 64.73
C LYS A 89 -13.45 8.55 66.05
N GLN A 90 -13.47 7.71 67.07
N GLN A 90 -13.46 7.68 67.06
CA GLN A 90 -12.88 8.08 68.35
CA GLN A 90 -12.85 8.01 68.35
C GLN A 90 -11.35 8.25 68.25
C GLN A 90 -11.37 8.29 68.19
N TYR A 91 -10.70 7.42 67.45
CA TYR A 91 -9.26 7.55 67.22
C TYR A 91 -8.94 8.83 66.45
N VAL A 92 -9.76 9.16 65.46
CA VAL A 92 -9.54 10.35 64.66
C VAL A 92 -9.69 11.61 65.51
N GLU A 93 -10.78 11.65 66.29
CA GLU A 93 -11.11 12.82 67.11
C GLU A 93 -10.12 13.06 68.24
N LYS A 94 -9.50 12.00 68.69
CA LYS A 94 -8.47 12.10 69.70
C LYS A 94 -7.33 12.99 69.18
N GLU A 95 -7.20 13.13 67.87
CA GLU A 95 -6.09 13.95 67.31
C GLU A 95 -6.52 15.40 67.16
N GLY A 96 -7.72 15.69 67.65
CA GLY A 96 -8.27 17.03 67.62
C GLY A 96 -8.70 17.54 66.26
N VAL A 97 -9.03 16.65 65.33
CA VAL A 97 -9.52 17.07 64.02
C VAL A 97 -11.01 16.70 63.91
N LYS A 98 -11.66 17.19 62.85
CA LYS A 98 -13.07 16.87 62.58
C LYS A 98 -13.17 15.49 61.93
N CYS A 99 -14.27 14.81 62.24
CA CYS A 99 -14.56 13.51 61.66
C CYS A 99 -16.03 13.41 61.36
N VAL A 100 -16.34 12.95 60.16
CA VAL A 100 -17.73 12.84 59.72
C VAL A 100 -17.93 11.40 59.22
N LEU A 101 -18.97 10.74 59.72
CA LEU A 101 -19.32 9.39 59.33
C LEU A 101 -20.41 9.41 58.27
N LEU A 102 -20.21 8.69 57.16
CA LEU A 102 -21.16 8.67 56.04
C LEU A 102 -21.54 7.24 55.63
N PRO A 103 -22.52 6.65 56.32
CA PRO A 103 -22.90 5.28 55.97
C PRO A 103 -23.71 5.24 54.68
N GLY A 104 -23.78 4.07 54.04
CA GLY A 104 -24.60 3.95 52.84
C GLY A 104 -23.93 3.09 51.77
N ASP A 105 -24.75 2.66 50.82
CA ASP A 105 -24.33 1.76 49.76
C ASP A 105 -23.85 2.55 48.57
N LEU A 106 -22.53 2.47 48.34
CA LEU A 106 -21.86 3.16 47.26
C LEU A 106 -22.01 2.46 45.88
N SER A 107 -22.75 1.35 45.82
CA SER A 107 -23.09 0.73 44.55
C SER A 107 -24.19 1.56 43.87
N ASP A 108 -24.81 2.48 44.62
CA ASP A 108 -25.82 3.40 44.09
C ASP A 108 -25.18 4.73 43.64
N GLU A 109 -25.28 5.08 42.36
CA GLU A 109 -24.69 6.32 41.84
C GLU A 109 -25.05 7.60 42.64
N GLN A 110 -26.31 7.78 42.95
CA GLN A 110 -26.76 8.97 43.70
C GLN A 110 -26.08 9.06 45.07
N HIS A 111 -25.94 7.93 45.75
CA HIS A 111 -25.24 7.94 47.02
C HIS A 111 -23.78 8.35 46.85
N CYS A 112 -23.15 7.96 45.75
CA CYS A 112 -21.77 8.35 45.48
C CYS A 112 -21.70 9.87 45.40
N LYS A 113 -22.71 10.48 44.77
CA LYS A 113 -22.71 11.94 44.65
C LYS A 113 -23.01 12.56 46.01
N ASP A 114 -23.93 11.96 46.76
CA ASP A 114 -24.31 12.50 48.06
C ASP A 114 -23.18 12.56 49.08
N ILE A 115 -22.31 11.55 49.11
CA ILE A 115 -21.22 11.58 50.10
C ILE A 115 -20.22 12.71 49.85
N VAL A 116 -20.06 13.06 48.58
CA VAL A 116 -19.17 14.14 48.20
C VAL A 116 -19.82 15.45 48.66
N GLN A 117 -21.10 15.60 48.36
CA GLN A 117 -21.83 16.82 48.73
C GLN A 117 -21.85 17.00 50.23
N GLU A 118 -22.04 15.88 50.92
CA GLU A 118 -22.11 15.89 52.37
C GLU A 118 -20.75 16.21 52.97
N THR A 119 -19.66 15.71 52.36
CA THR A 119 -18.31 16.01 52.84
C THR A 119 -18.08 17.53 52.79
N VAL A 120 -18.45 18.14 51.66
CA VAL A 120 -18.25 19.58 51.48
C VAL A 120 -19.11 20.38 52.45
N ARG A 121 -20.35 19.92 52.66
CA ARG A 121 -21.23 20.57 53.60
C ARG A 121 -20.67 20.58 55.01
N GLN A 122 -20.20 19.42 55.46
CA GLN A 122 -19.71 19.29 56.82
C GLN A 122 -18.31 19.87 57.01
N LEU A 123 -17.40 19.61 56.07
CA LEU A 123 -16.02 20.07 56.23
C LEU A 123 -15.72 21.46 55.63
N GLY A 124 -16.59 21.94 54.73
CA GLY A 124 -16.39 23.23 54.10
C GLY A 124 -15.82 23.15 52.68
N SER A 125 -15.01 22.13 52.43
CA SER A 125 -14.39 21.92 51.13
C SER A 125 -13.83 20.49 51.07
N LEU A 126 -13.24 20.14 49.93
CA LEU A 126 -12.64 18.82 49.71
C LEU A 126 -11.27 18.99 49.07
N ASN A 127 -10.24 18.43 49.69
CA ASN A 127 -8.88 18.53 49.16
C ASN A 127 -8.31 17.20 48.70
N ILE A 128 -8.63 16.14 49.46
CA ILE A 128 -8.09 14.83 49.17
C ILE A 128 -9.17 13.77 49.17
N LEU A 129 -9.23 13.02 48.07
CA LEU A 129 -10.16 11.93 47.91
C LEU A 129 -9.41 10.64 47.87
N VAL A 130 -9.79 9.74 48.75
CA VAL A 130 -9.19 8.40 48.76
C VAL A 130 -10.27 7.36 48.43
N ASN A 131 -10.22 6.81 47.21
CA ASN A 131 -11.19 5.79 46.81
C ASN A 131 -10.62 4.46 47.28
N ASN A 132 -11.34 3.77 48.16
CA ASN A 132 -10.78 2.58 48.79
C ASN A 132 -11.75 1.43 49.06
N VAL A 133 -13.05 1.62 48.84
CA VAL A 133 -14.03 0.55 49.05
C VAL A 133 -13.81 -0.64 48.11
N ALA A 134 -14.15 -1.82 48.60
CA ALA A 134 -14.10 -3.06 47.83
C ALA A 134 -14.87 -4.20 48.48
N GLN A 135 -15.33 -5.13 47.64
CA GLN A 135 -15.87 -6.40 48.04
C GLN A 135 -15.17 -7.43 47.14
N GLN A 136 -14.98 -8.64 47.64
CA GLN A 136 -14.38 -9.73 46.86
C GLN A 136 -15.06 -11.04 47.23
N TYR A 137 -15.36 -11.84 46.20
CA TYR A 137 -16.05 -13.12 46.36
C TYR A 137 -15.27 -14.19 45.65
N PRO A 138 -14.37 -14.85 46.39
CA PRO A 138 -13.53 -15.89 45.82
C PRO A 138 -14.39 -17.02 45.26
N GLN A 139 -13.95 -17.60 44.15
CA GLN A 139 -14.63 -18.73 43.50
C GLN A 139 -13.53 -19.63 42.94
N GLN A 140 -13.80 -20.93 42.84
N GLN A 140 -13.79 -20.94 42.85
CA GLN A 140 -12.80 -21.89 42.38
CA GLN A 140 -12.78 -21.88 42.37
C GLN A 140 -12.50 -21.76 40.88
C GLN A 140 -12.50 -21.77 40.88
N GLY A 141 -13.39 -21.11 40.14
CA GLY A 141 -13.17 -20.93 38.70
C GLY A 141 -14.17 -19.98 38.09
N LEU A 142 -13.90 -19.55 36.86
CA LEU A 142 -14.75 -18.61 36.13
C LEU A 142 -16.19 -19.12 36.01
N GLU A 143 -16.37 -20.43 35.86
CA GLU A 143 -17.72 -21.01 35.69
C GLU A 143 -18.62 -20.79 36.89
N TYR A 144 -18.03 -20.43 38.03
CA TYR A 144 -18.76 -20.22 39.25
C TYR A 144 -19.02 -18.74 39.53
N ILE A 145 -18.72 -17.87 38.56
CA ILE A 145 -18.99 -16.43 38.69
C ILE A 145 -20.28 -16.12 37.95
N THR A 146 -21.34 -15.81 38.68
CA THR A 146 -22.63 -15.46 38.09
C THR A 146 -22.59 -14.04 37.55
N ALA A 147 -23.51 -13.70 36.66
CA ALA A 147 -23.56 -12.33 36.15
C ALA A 147 -23.84 -11.40 37.33
N GLU A 148 -24.66 -11.88 38.26
N GLU A 148 -24.68 -11.85 38.27
CA GLU A 148 -25.02 -11.10 39.44
CA GLU A 148 -25.00 -11.05 39.45
C GLU A 148 -23.77 -10.72 40.23
C GLU A 148 -23.74 -10.70 40.24
N GLN A 149 -22.92 -11.70 40.53
CA GLN A 149 -21.67 -11.45 41.28
C GLN A 149 -20.73 -10.52 40.51
N LEU A 150 -20.53 -10.80 39.22
CA LEU A 150 -19.70 -9.98 38.35
C LEU A 150 -20.12 -8.52 38.38
N GLU A 151 -21.40 -8.26 38.18
CA GLU A 151 -21.86 -6.90 38.12
C GLU A 151 -21.78 -6.24 39.50
N LYS A 152 -22.12 -6.97 40.55
CA LYS A 152 -22.03 -6.42 41.90
C LYS A 152 -20.58 -6.02 42.23
N THR A 153 -19.65 -6.90 41.89
CA THR A 153 -18.24 -6.67 42.16
C THR A 153 -17.77 -5.41 41.43
N PHE A 154 -18.15 -5.27 40.17
CA PHE A 154 -17.76 -4.10 39.41
C PHE A 154 -18.42 -2.81 39.89
N ARG A 155 -19.71 -2.90 40.22
CA ARG A 155 -20.45 -1.71 40.64
C ARG A 155 -19.84 -1.06 41.89
N ILE A 156 -19.42 -1.86 42.87
CA ILE A 156 -18.78 -1.30 44.09
C ILE A 156 -17.26 -1.03 43.94
N ASN A 157 -16.51 -1.96 43.33
CA ASN A 157 -15.04 -1.83 43.21
C ASN A 157 -14.53 -0.80 42.20
N ILE A 158 -15.26 -0.57 41.10
CA ILE A 158 -14.79 0.40 40.11
C ILE A 158 -15.82 1.49 39.75
N PHE A 159 -17.08 1.13 39.56
CA PHE A 159 -18.04 2.18 39.19
C PHE A 159 -18.13 3.25 40.31
N SER A 160 -17.99 2.84 41.57
CA SER A 160 -18.09 3.81 42.67
C SER A 160 -16.91 4.74 42.62
N TYR A 161 -15.74 4.23 42.18
CA TYR A 161 -14.55 5.07 42.06
C TYR A 161 -14.83 6.13 41.01
N PHE A 162 -15.47 5.73 39.90
CA PHE A 162 -15.86 6.66 38.86
C PHE A 162 -16.87 7.70 39.36
N HIS A 163 -17.95 7.23 39.99
CA HIS A 163 -19.00 8.19 40.45
C HIS A 163 -18.58 9.15 41.53
N VAL A 164 -17.87 8.66 42.55
CA VAL A 164 -17.43 9.51 43.64
C VAL A 164 -16.44 10.53 43.12
N THR A 165 -15.46 10.08 42.33
CA THR A 165 -14.43 10.96 41.80
C THR A 165 -15.06 12.03 40.88
N LYS A 166 -16.00 11.60 40.04
CA LYS A 166 -16.69 12.52 39.12
C LYS A 166 -17.37 13.62 39.91
N ALA A 167 -18.03 13.26 41.01
CA ALA A 167 -18.74 14.27 41.82
C ALA A 167 -17.72 15.15 42.51
N ALA A 168 -16.57 14.58 42.88
CA ALA A 168 -15.56 15.38 43.55
C ALA A 168 -14.91 16.44 42.65
N LEU A 169 -14.83 16.18 41.35
CA LEU A 169 -14.16 17.10 40.42
C LEU A 169 -14.57 18.57 40.52
N SER A 170 -15.85 18.88 40.70
CA SER A 170 -16.25 20.29 40.80
C SER A 170 -15.76 20.95 42.10
N HIS A 171 -15.19 20.17 43.01
CA HIS A 171 -14.70 20.71 44.28
C HIS A 171 -13.19 20.71 44.40
N LEU A 172 -12.52 20.02 43.49
CA LEU A 172 -11.07 19.90 43.54
C LEU A 172 -10.42 21.01 42.72
N LYS A 173 -9.31 21.55 43.20
CA LYS A 173 -8.60 22.60 42.49
C LYS A 173 -7.07 22.36 42.55
N GLN A 174 -6.30 23.28 42.00
CA GLN A 174 -4.83 23.18 42.02
C GLN A 174 -4.37 22.82 43.41
N GLY A 175 -3.51 21.82 43.53
CA GLY A 175 -3.00 21.38 44.84
C GLY A 175 -3.75 20.24 45.48
N ASP A 176 -4.91 19.86 44.93
CA ASP A 176 -5.72 18.78 45.46
C ASP A 176 -5.26 17.39 44.95
N VAL A 177 -5.77 16.33 45.54
CA VAL A 177 -5.21 15.00 45.30
C VAL A 177 -6.22 13.86 45.37
N ILE A 178 -6.04 12.87 44.51
CA ILE A 178 -6.83 11.66 44.47
C ILE A 178 -5.89 10.46 44.64
N ILE A 179 -6.25 9.55 45.54
CA ILE A 179 -5.55 8.30 45.73
C ILE A 179 -6.57 7.16 45.60
N ASN A 180 -6.22 6.15 44.81
CA ASN A 180 -7.06 5.00 44.56
C ASN A 180 -6.40 3.74 45.09
N THR A 181 -7.11 2.96 45.88
CA THR A 181 -6.54 1.69 46.32
C THR A 181 -6.79 0.64 45.25
N ALA A 182 -5.71 0.08 44.73
CA ALA A 182 -5.78 -0.97 43.75
C ALA A 182 -5.45 -2.26 44.51
N SER A 183 -4.53 -3.08 43.97
CA SER A 183 -4.12 -4.34 44.58
C SER A 183 -3.04 -5.00 43.75
N ILE A 184 -2.20 -5.78 44.43
CA ILE A 184 -1.18 -6.59 43.82
C ILE A 184 -1.79 -7.49 42.76
N VAL A 185 -3.07 -7.87 42.95
CA VAL A 185 -3.74 -8.79 42.00
C VAL A 185 -3.93 -8.22 40.59
N ALA A 186 -3.93 -6.90 40.45
CA ALA A 186 -4.00 -6.27 39.13
C ALA A 186 -2.71 -6.52 38.35
N TYR A 187 -1.62 -6.74 39.08
CA TYR A 187 -0.29 -6.90 38.49
C TYR A 187 0.15 -8.35 38.35
N GLU A 188 -0.25 -9.18 39.31
N GLU A 188 -0.23 -9.20 39.31
CA GLU A 188 0.14 -10.59 39.37
CA GLU A 188 0.16 -10.61 39.32
C GLU A 188 -0.96 -11.57 39.00
C GLU A 188 -0.96 -11.56 38.94
N GLY A 189 -2.21 -11.12 39.04
CA GLY A 189 -3.34 -12.00 38.80
C GLY A 189 -3.63 -12.82 40.05
N ASN A 190 -4.86 -13.33 40.16
CA ASN A 190 -5.24 -14.25 41.25
C ASN A 190 -6.31 -15.20 40.70
N GLU A 191 -5.96 -16.47 40.62
CA GLU A 191 -6.85 -17.50 40.03
C GLU A 191 -8.22 -17.65 40.70
N THR A 192 -8.32 -17.35 41.99
CA THR A 192 -9.61 -17.49 42.68
C THR A 192 -10.38 -16.18 42.81
N LEU A 193 -9.84 -15.09 42.26
CA LEU A 193 -10.52 -13.80 42.33
C LEU A 193 -10.46 -13.10 40.97
N ILE A 194 -10.93 -13.80 39.93
CA ILE A 194 -10.86 -13.29 38.56
C ILE A 194 -11.66 -12.02 38.33
N ASP A 195 -12.90 -11.95 38.84
CA ASP A 195 -13.71 -10.73 38.70
C ASP A 195 -13.11 -9.57 39.51
N TYR A 196 -12.76 -9.84 40.77
CA TYR A 196 -12.15 -8.84 41.65
C TYR A 196 -10.84 -8.32 41.03
N SER A 197 -10.00 -9.22 40.52
CA SER A 197 -8.72 -8.77 39.93
C SER A 197 -8.97 -7.87 38.71
N ALA A 198 -10.02 -8.19 37.95
CA ALA A 198 -10.40 -7.40 36.80
C ALA A 198 -10.78 -5.99 37.24
N THR A 199 -11.52 -5.86 38.35
CA THR A 199 -11.87 -4.53 38.84
C THR A 199 -10.62 -3.76 39.31
N LYS A 200 -9.65 -4.45 39.87
CA LYS A 200 -8.43 -3.79 40.30
C LYS A 200 -7.58 -3.35 39.10
N GLY A 201 -7.56 -4.14 38.02
CA GLY A 201 -6.87 -3.74 36.79
C GLY A 201 -7.55 -2.50 36.22
N ALA A 202 -8.88 -2.45 36.31
CA ALA A 202 -9.66 -1.28 35.87
C ALA A 202 -9.26 -0.03 36.68
N ILE A 203 -9.04 -0.21 37.98
CA ILE A 203 -8.60 0.90 38.82
C ILE A 203 -7.22 1.42 38.43
N VAL A 204 -6.30 0.51 38.14
CA VAL A 204 -4.97 0.90 37.71
C VAL A 204 -5.05 1.76 36.44
N ALA A 205 -5.79 1.31 35.43
CA ALA A 205 -5.91 2.08 34.20
C ALA A 205 -6.62 3.39 34.44
N PHE A 206 -7.67 3.36 35.26
CA PHE A 206 -8.39 4.56 35.66
C PHE A 206 -7.43 5.58 36.27
N THR A 207 -6.57 5.12 37.16
CA THR A 207 -5.59 5.99 37.81
C THR A 207 -4.64 6.65 36.81
N ARG A 208 -4.13 5.85 35.87
CA ARG A 208 -3.25 6.35 34.87
C ARG A 208 -3.94 7.37 33.94
N SER A 209 -5.13 7.04 33.47
CA SER A 209 -5.82 7.95 32.54
C SER A 209 -6.24 9.25 33.23
N LEU A 210 -6.73 9.11 34.45
CA LEU A 210 -7.21 10.27 35.18
C LEU A 210 -6.04 11.20 35.53
N SER A 211 -4.86 10.65 35.86
CA SER A 211 -3.70 11.50 36.15
C SER A 211 -3.38 12.40 34.96
N GLN A 212 -3.45 11.83 33.77
CA GLN A 212 -3.16 12.58 32.58
C GLN A 212 -4.29 13.58 32.29
N SER A 213 -5.53 13.20 32.55
CA SER A 213 -6.66 14.12 32.38
C SER A 213 -6.55 15.37 33.27
N LEU A 214 -6.11 15.20 34.50
CA LEU A 214 -6.12 16.31 35.47
C LEU A 214 -4.81 17.00 35.78
N VAL A 215 -3.73 16.57 35.14
CA VAL A 215 -2.44 17.09 35.50
C VAL A 215 -2.35 18.60 35.28
N GLN A 216 -2.94 19.10 34.20
CA GLN A 216 -2.86 20.53 33.96
C GLN A 216 -3.79 21.31 34.88
N LYS A 217 -4.68 20.61 35.58
CA LYS A 217 -5.54 21.26 36.56
C LYS A 217 -4.89 21.32 37.95
N GLY A 218 -3.67 20.79 38.04
CA GLY A 218 -2.91 20.77 39.30
C GLY A 218 -3.42 19.77 40.32
N ILE A 219 -4.11 18.73 39.85
CA ILE A 219 -4.65 17.66 40.70
C ILE A 219 -3.87 16.39 40.43
N ARG A 220 -3.20 15.86 41.44
CA ARG A 220 -2.43 14.62 41.28
C ARG A 220 -3.33 13.43 41.53
N VAL A 221 -3.02 12.33 40.85
CA VAL A 221 -3.77 11.09 40.97
C VAL A 221 -2.81 9.91 41.01
N ASN A 222 -2.84 9.16 42.09
CA ASN A 222 -1.95 8.02 42.23
C ASN A 222 -2.66 6.91 42.91
N GLY A 223 -1.98 5.78 43.03
CA GLY A 223 -2.55 4.65 43.72
C GLY A 223 -1.62 3.94 44.64
N VAL A 224 -2.21 3.06 45.44
CA VAL A 224 -1.48 2.15 46.32
C VAL A 224 -1.97 0.73 46.02
N ALA A 225 -1.04 -0.21 45.81
CA ALA A 225 -1.37 -1.59 45.54
C ALA A 225 -0.91 -2.44 46.72
N PRO A 226 -1.80 -2.70 47.67
CA PRO A 226 -1.37 -3.54 48.78
C PRO A 226 -1.25 -5.00 48.41
N GLY A 227 -0.47 -5.72 49.20
CA GLY A 227 -0.41 -7.18 49.12
C GLY A 227 -1.37 -7.69 50.18
N PRO A 228 -1.07 -8.85 50.77
CA PRO A 228 -1.98 -9.41 51.77
C PRO A 228 -1.86 -8.67 53.09
N ILE A 229 -2.94 -7.95 53.45
CA ILE A 229 -2.98 -7.19 54.67
C ILE A 229 -4.10 -7.73 55.55
N TRP A 230 -3.81 -7.86 56.84
CA TRP A 230 -4.77 -8.38 57.83
C TRP A 230 -5.88 -7.36 58.10
N THR A 231 -7.04 -7.57 57.46
CA THR A 231 -8.18 -6.66 57.57
C THR A 231 -9.46 -7.52 57.57
N PRO A 232 -10.63 -6.90 57.90
CA PRO A 232 -11.92 -7.64 57.88
C PRO A 232 -12.31 -8.23 56.51
N LEU A 233 -11.68 -7.76 55.44
CA LEU A 233 -11.95 -8.32 54.10
C LEU A 233 -11.54 -9.79 54.03
N ILE A 234 -10.51 -10.14 54.79
CA ILE A 234 -9.91 -11.48 54.73
C ILE A 234 -10.81 -12.58 55.33
N PRO A 235 -11.05 -12.56 56.66
CA PRO A 235 -11.93 -13.60 57.18
C PRO A 235 -13.40 -13.53 56.70
N SER A 236 -13.79 -12.43 56.05
CA SER A 236 -15.17 -12.31 55.54
C SER A 236 -15.29 -12.83 54.10
N SER A 237 -14.15 -13.09 53.45
CA SER A 237 -14.14 -13.58 52.07
C SER A 237 -13.59 -15.01 51.94
N PHE A 238 -12.47 -15.29 52.61
CA PHE A 238 -11.81 -16.60 52.50
C PHE A 238 -12.23 -17.59 53.61
N ASP A 239 -12.02 -18.88 53.34
CA ASP A 239 -12.32 -19.95 54.31
C ASP A 239 -11.31 -19.93 55.46
N GLU A 240 -11.64 -20.61 56.55
CA GLU A 240 -10.79 -20.60 57.75
C GLU A 240 -9.38 -21.14 57.53
N LYS A 241 -9.24 -22.01 56.54
CA LYS A 241 -7.96 -22.64 56.23
C LYS A 241 -7.04 -21.63 55.55
N LYS A 242 -7.57 -20.97 54.52
CA LYS A 242 -6.87 -19.94 53.77
C LYS A 242 -6.49 -18.79 54.72
N VAL A 243 -7.43 -18.40 55.57
CA VAL A 243 -7.20 -17.34 56.53
C VAL A 243 -6.01 -17.68 57.46
N SER A 244 -5.93 -18.92 57.93
CA SER A 244 -4.88 -19.33 58.87
C SER A 244 -3.47 -19.24 58.27
N GLN A 245 -3.35 -19.35 56.95
CA GLN A 245 -2.06 -19.29 56.25
C GLN A 245 -1.83 -17.96 55.51
N PHE A 246 -2.80 -17.06 55.60
CA PHE A 246 -2.75 -15.78 54.91
C PHE A 246 -1.43 -15.02 55.07
N GLY A 247 -0.84 -14.63 53.95
CA GLY A 247 0.42 -13.87 53.95
C GLY A 247 1.70 -14.69 54.02
N SER A 248 1.59 -16.02 54.11
CA SER A 248 2.78 -16.87 54.20
C SER A 248 3.47 -17.00 52.83
N ASN A 249 2.78 -16.63 51.77
CA ASN A 249 3.31 -16.72 50.41
C ASN A 249 4.31 -15.63 49.96
N VAL A 250 4.34 -14.49 50.65
CA VAL A 250 5.21 -13.37 50.22
C VAL A 250 6.60 -13.47 50.82
N PRO A 251 7.57 -12.79 50.21
CA PRO A 251 8.96 -12.93 50.72
C PRO A 251 9.15 -12.60 52.20
N GLN A 253 7.15 -13.32 54.49
CA GLN A 253 6.49 -14.44 55.18
C GLN A 253 5.53 -14.06 56.29
N ARG A 254 4.80 -12.97 56.07
CA ARG A 254 3.78 -12.52 57.00
C ARG A 254 2.85 -11.57 56.26
N PRO A 255 1.60 -11.46 56.71
CA PRO A 255 0.76 -10.47 56.08
C PRO A 255 1.15 -9.12 56.64
N GLY A 256 0.79 -8.05 55.93
CA GLY A 256 1.05 -6.72 56.43
C GLY A 256 -0.04 -6.37 57.42
N GLN A 257 0.23 -5.37 58.26
CA GLN A 257 -0.76 -4.84 59.18
C GLN A 257 -1.20 -3.53 58.56
N PRO A 258 -2.46 -3.13 58.78
CA PRO A 258 -2.97 -1.89 58.22
C PRO A 258 -2.11 -0.65 58.50
N TYR A 259 -1.50 -0.56 59.68
CA TYR A 259 -0.68 0.61 59.94
C TYR A 259 0.47 0.72 58.92
N GLU A 260 0.90 -0.42 58.36
CA GLU A 260 2.04 -0.42 57.42
C GLU A 260 1.70 0.16 56.04
N LEU A 261 0.42 0.39 55.80
CA LEU A 261 0.00 0.99 54.54
C LEU A 261 -0.17 2.49 54.64
N ALA A 262 -0.45 2.99 55.85
CA ALA A 262 -0.81 4.38 55.98
C ALA A 262 0.23 5.41 55.54
N PRO A 263 1.52 5.17 55.81
CA PRO A 263 2.48 6.22 55.42
C PRO A 263 2.62 6.40 53.90
N ALA A 264 2.30 5.37 53.13
CA ALA A 264 2.28 5.47 51.65
C ALA A 264 1.14 6.42 51.24
N TYR A 265 0.00 6.31 51.91
CA TYR A 265 -1.12 7.25 51.63
C TYR A 265 -0.76 8.66 52.07
N VAL A 266 -0.11 8.79 53.23
CA VAL A 266 0.37 10.09 53.68
C VAL A 266 1.32 10.71 52.64
N TYR A 267 2.27 9.90 52.17
CA TYR A 267 3.20 10.39 51.17
C TYR A 267 2.46 10.90 49.94
N LEU A 268 1.51 10.10 49.45
CA LEU A 268 0.78 10.48 48.24
C LEU A 268 -0.22 11.60 48.41
N ALA A 269 -0.72 11.77 49.62
CA ALA A 269 -1.74 12.79 49.89
C ALA A 269 -1.14 14.16 50.10
N SER A 270 0.09 14.21 50.58
CA SER A 270 0.75 15.46 50.91
C SER A 270 1.64 16.06 49.85
N SER A 271 2.11 17.27 50.12
CA SER A 271 3.02 17.96 49.20
C SER A 271 4.40 17.27 49.12
N ASP A 272 4.61 16.23 49.92
CA ASP A 272 5.81 15.43 49.87
C ASP A 272 5.98 14.75 48.49
N SER A 273 4.87 14.52 47.78
CA SER A 273 4.86 13.87 46.48
C SER A 273 4.40 14.83 45.39
N SER A 274 4.73 16.11 45.53
CA SER A 274 4.32 17.16 44.58
C SER A 274 4.75 16.92 43.12
N TYR A 275 5.76 16.09 42.92
CA TYR A 275 6.22 15.78 41.58
C TYR A 275 5.83 14.36 41.16
N VAL A 276 4.81 13.80 41.81
CA VAL A 276 4.35 12.44 41.54
C VAL A 276 2.88 12.36 41.13
N THR A 277 2.64 11.82 39.96
CA THR A 277 1.27 11.59 39.53
C THR A 277 1.27 10.43 38.56
N GLY A 278 0.17 9.69 38.50
CA GLY A 278 0.02 8.54 37.62
C GLY A 278 0.71 7.27 38.08
N GLN A 279 1.15 7.26 39.34
CA GLN A 279 1.96 6.15 39.85
C GLN A 279 1.27 5.25 40.84
N ILE A 281 2.20 2.82 44.42
CA ILE A 281 3.12 2.41 45.47
C ILE A 281 2.74 0.98 45.92
N HIS A 282 3.68 0.06 45.72
CA HIS A 282 3.51 -1.36 46.01
C HIS A 282 3.97 -1.69 47.44
N VAL A 283 3.00 -1.95 48.31
CA VAL A 283 3.28 -2.25 49.73
C VAL A 283 2.78 -3.69 49.91
N ASN A 284 3.66 -4.64 49.70
CA ASN A 284 3.25 -6.03 49.57
C ASN A 284 4.11 -7.13 50.12
N GLY A 285 5.08 -6.76 50.95
CA GLY A 285 5.92 -7.76 51.61
C GLY A 285 7.05 -8.30 50.74
N GLY A 286 7.35 -7.59 49.66
CA GLY A 286 8.48 -7.95 48.82
C GLY A 286 8.22 -8.66 47.51
N VAL A 287 6.96 -8.74 47.09
CA VAL A 287 6.64 -9.39 45.82
C VAL A 287 7.05 -8.46 44.68
N ILE A 288 7.89 -8.95 43.79
CA ILE A 288 8.38 -8.16 42.68
C ILE A 288 7.31 -8.14 41.58
N VAL A 289 6.93 -6.96 41.13
CA VAL A 289 5.87 -6.86 40.15
C VAL A 289 6.32 -6.06 38.91
N ASN A 290 7.62 -6.03 38.65
CA ASN A 290 8.19 -5.23 37.55
C ASN A 290 7.78 -3.77 37.77
N GLY A 291 7.82 -3.36 39.03
CA GLY A 291 7.44 -2.00 39.41
C GLY A 291 8.58 -0.99 39.25
N ASN B 9 8.31 21.16 22.41
CA ASN B 9 9.11 21.64 23.57
C ASN B 9 9.09 23.16 23.74
N PHE B 10 9.42 23.60 24.94
CA PHE B 10 9.45 25.03 25.27
C PHE B 10 10.53 25.30 26.33
N VAL B 11 10.99 26.54 26.38
CA VAL B 11 12.01 26.97 27.34
C VAL B 11 11.49 26.93 28.78
N THR B 12 12.17 26.18 29.65
CA THR B 12 11.80 26.08 31.06
C THR B 12 12.88 26.65 32.00
N PRO B 14 17.08 28.92 32.04
CA PRO B 14 18.05 29.71 31.27
C PRO B 14 19.09 28.80 30.58
N ALA B 15 19.47 29.15 29.36
CA ALA B 15 20.46 28.38 28.62
C ALA B 15 21.80 28.43 29.36
N GLN B 16 22.40 27.27 29.59
CA GLN B 16 23.68 27.21 30.32
C GLN B 16 24.35 25.83 30.17
N HIS B 17 25.66 25.81 30.40
CA HIS B 17 26.45 24.59 30.25
C HIS B 17 27.73 24.69 31.06
N GLN B 18 28.12 23.58 31.67
CA GLN B 18 29.37 23.49 32.42
C GLN B 18 30.23 22.44 31.70
N ASN B 19 31.35 22.85 31.13
CA ASN B 19 32.18 21.88 30.40
C ASN B 19 33.07 21.04 31.33
N LYS B 20 32.47 20.54 32.39
CA LYS B 20 33.14 19.71 33.38
C LYS B 20 32.12 18.89 34.16
N GLN B 21 32.29 17.57 34.18
CA GLN B 21 31.41 16.67 34.94
C GLN B 21 32.28 15.83 35.89
N PRO B 22 31.81 15.60 37.14
CA PRO B 22 30.54 16.00 37.79
C PRO B 22 30.36 17.53 37.93
N GLY B 23 29.13 17.99 37.73
CA GLY B 23 28.79 19.42 37.78
C GLY B 23 28.92 20.07 39.16
N ILE B 24 28.97 21.40 39.16
CA ILE B 24 29.08 22.22 40.37
C ILE B 24 27.78 23.02 40.57
N GLU B 25 27.06 22.74 41.65
CA GLU B 25 25.77 23.38 41.94
C GLU B 25 25.85 24.92 42.12
N SER B 26 26.90 25.40 42.78
CA SER B 26 27.08 26.84 43.02
C SER B 26 27.16 27.68 41.72
N LEU B 27 27.44 27.03 40.59
CA LEU B 27 27.55 27.74 39.30
C LEU B 27 26.20 27.85 38.55
N ASN B 29 22.16 28.51 37.47
CA ASN B 29 21.20 29.62 37.45
C ASN B 29 19.87 29.15 36.87
N PRO B 30 18.82 29.05 37.71
CA PRO B 30 18.82 29.34 39.15
C PRO B 30 19.41 28.19 39.96
N LEU B 31 19.73 28.45 41.22
CA LEU B 31 20.25 27.39 42.07
C LEU B 31 19.12 26.38 42.25
N PRO B 32 19.43 25.09 42.14
CA PRO B 32 18.34 24.16 42.41
C PRO B 32 17.83 24.37 43.82
N GLN B 33 16.57 24.02 44.08
CA GLN B 33 16.05 24.13 45.43
C GLN B 33 16.18 22.78 46.09
N PHE B 34 17.02 22.68 47.12
CA PHE B 34 17.26 21.38 47.76
C PHE B 34 16.61 21.24 49.10
N GLU B 35 15.95 22.30 49.52
CA GLU B 35 15.30 22.32 50.79
C GLU B 35 13.89 22.86 50.63
N ASP B 36 12.93 22.20 51.24
CA ASP B 36 11.59 22.72 51.27
C ASP B 36 11.60 23.47 52.60
N PRO B 37 11.44 24.81 52.57
CA PRO B 37 11.44 25.63 53.79
C PRO B 37 10.40 25.20 54.81
N ASN B 38 9.29 24.67 54.29
CA ASN B 38 8.18 24.25 55.11
C ASN B 38 8.24 22.81 55.63
N TYR B 39 9.26 22.06 55.24
CA TYR B 39 9.37 20.67 55.63
C TYR B 39 9.69 20.55 57.11
N LYS B 40 8.93 19.70 57.79
CA LYS B 40 9.06 19.50 59.20
C LYS B 40 9.51 18.09 59.49
N GLY B 41 10.68 17.98 60.09
CA GLY B 41 11.22 16.70 60.48
C GLY B 41 10.41 16.18 61.64
N SER B 42 10.44 14.88 61.86
CA SER B 42 9.67 14.32 62.98
C SER B 42 10.39 13.12 63.54
N GLU B 43 11.73 13.18 63.50
CA GLU B 43 12.57 12.13 64.07
C GLU B 43 12.39 10.77 63.44
N LYS B 44 12.01 10.72 62.16
CA LYS B 44 11.85 9.43 61.48
C LYS B 44 13.13 8.60 61.40
N LEU B 45 14.30 9.23 61.45
CA LEU B 45 15.56 8.51 61.31
C LEU B 45 16.48 8.85 62.48
N LYS B 46 15.89 9.11 63.64
CA LYS B 46 16.65 9.54 64.78
C LYS B 46 17.74 8.56 65.18
N GLY B 47 18.97 9.05 65.20
CA GLY B 47 20.13 8.25 65.60
C GLY B 47 20.61 7.27 64.56
N LYS B 48 20.02 7.30 63.37
CA LYS B 48 20.45 6.40 62.32
C LYS B 48 21.74 6.95 61.71
N ASN B 49 22.58 6.04 61.24
CA ASN B 49 23.83 6.40 60.57
C ASN B 49 23.71 6.04 59.09
N VAL B 50 23.86 7.07 58.26
CA VAL B 50 23.65 6.92 56.84
C VAL B 50 24.93 7.14 56.01
N LEU B 51 25.08 6.34 54.95
CA LEU B 51 26.12 6.54 53.96
C LEU B 51 25.40 6.79 52.66
N ILE B 52 25.66 7.96 52.08
CA ILE B 52 25.06 8.35 50.80
C ILE B 52 26.16 8.72 49.81
N THR B 53 26.22 7.98 48.71
CA THR B 53 27.20 8.25 47.68
C THR B 53 26.59 9.30 46.72
N GLY B 54 27.35 10.32 46.40
CA GLY B 54 26.83 11.40 45.55
C GLY B 54 25.92 12.28 46.38
N GLY B 55 26.17 12.34 47.68
CA GLY B 55 25.36 13.16 48.59
C GLY B 55 25.77 14.61 48.73
N ASP B 56 26.70 15.06 47.90
CA ASP B 56 27.21 16.44 47.94
C ASP B 56 26.44 17.47 47.13
N SER B 57 25.57 17.02 46.24
CA SER B 57 24.87 17.92 45.35
C SER B 57 23.60 17.29 44.78
N GLY B 58 22.81 18.13 44.13
CA GLY B 58 21.55 17.72 43.53
C GLY B 58 20.71 16.86 44.46
N ILE B 59 20.14 15.80 43.90
CA ILE B 59 19.28 14.91 44.67
C ILE B 59 19.97 14.48 45.95
N GLY B 60 21.22 14.07 45.84
CA GLY B 60 21.96 13.62 47.02
C GLY B 60 22.05 14.64 48.13
N ARG B 61 22.24 15.90 47.79
CA ARG B 61 22.29 16.98 48.78
C ARG B 61 20.93 17.13 49.47
N ALA B 62 19.87 17.10 48.66
CA ALA B 62 18.52 17.21 49.18
C ALA B 62 18.21 16.07 50.14
N VAL B 63 18.64 14.85 49.80
CA VAL B 63 18.44 13.67 50.65
C VAL B 63 19.21 13.80 51.96
N SER B 64 20.48 14.22 51.87
CA SER B 64 21.33 14.43 53.04
C SER B 64 20.69 15.38 54.05
N ILE B 65 20.20 16.49 53.54
CA ILE B 65 19.62 17.54 54.36
C ILE B 65 18.32 17.07 55.01
N ALA B 66 17.47 16.41 54.23
CA ALA B 66 16.21 15.86 54.75
C ALA B 66 16.47 14.77 55.80
N PHE B 67 17.42 13.91 55.53
CA PHE B 67 17.79 12.87 56.50
C PHE B 67 18.32 13.49 57.80
N ALA B 68 19.09 14.57 57.68
CA ALA B 68 19.60 15.27 58.84
C ALA B 68 18.44 15.85 59.64
N LYS B 69 17.46 16.41 58.93
CA LYS B 69 16.28 16.97 59.57
C LYS B 69 15.46 15.91 60.28
N GLU B 70 15.65 14.66 59.90
CA GLU B 70 14.98 13.53 60.53
C GLU B 70 15.82 12.85 61.64
N GLY B 71 16.97 13.44 61.96
CA GLY B 71 17.81 12.97 63.09
C GLY B 71 18.95 12.04 62.72
N ALA B 72 19.18 11.84 61.42
CA ALA B 72 20.24 10.97 60.98
C ALA B 72 21.59 11.68 60.87
N ASN B 73 22.65 10.94 61.21
CA ASN B 73 24.03 11.37 61.00
C ASN B 73 24.38 10.98 59.56
N ILE B 74 25.05 11.87 58.81
CA ILE B 74 25.29 11.60 57.39
C ILE B 74 26.76 11.53 56.98
N ALA B 75 27.14 10.43 56.33
CA ALA B 75 28.47 10.28 55.75
C ALA B 75 28.21 10.47 54.27
N ILE B 76 28.90 11.44 53.69
CA ILE B 76 28.68 11.82 52.31
C ILE B 76 29.91 11.51 51.46
N ALA B 77 29.76 10.62 50.49
CA ALA B 77 30.84 10.29 49.58
C ALA B 77 30.59 11.01 48.26
N TYR B 78 31.66 11.53 47.66
CA TYR B 78 31.57 12.28 46.40
C TYR B 78 32.91 12.20 45.73
N LEU B 79 32.99 12.72 44.51
CA LEU B 79 34.24 12.69 43.78
C LEU B 79 35.22 13.80 44.18
N ASP B 80 34.97 15.05 43.79
CA ASP B 80 35.94 16.12 44.06
C ASP B 80 35.37 17.53 44.27
N GLU B 81 34.05 17.63 44.41
CA GLU B 81 33.41 18.93 44.52
C GLU B 81 33.42 19.41 45.98
N GLU B 82 34.62 19.73 46.49
CA GLU B 82 34.79 20.13 47.88
C GLU B 82 33.90 21.29 48.27
N GLY B 83 33.72 22.25 47.36
CA GLY B 83 32.88 23.41 47.63
C GLY B 83 31.46 22.98 47.91
N ASP B 84 30.95 22.08 47.06
CA ASP B 84 29.59 21.57 47.22
C ASP B 84 29.47 20.64 48.44
N ALA B 85 30.45 19.77 48.66
CA ALA B 85 30.36 18.85 49.81
C ALA B 85 30.37 19.64 51.12
N ASN B 86 31.21 20.67 51.19
CA ASN B 86 31.30 21.50 52.39
C ASN B 86 30.05 22.29 52.67
N GLU B 87 29.47 22.86 51.63
CA GLU B 87 28.24 23.62 51.79
C GLU B 87 27.14 22.65 52.26
N THR B 88 27.13 21.44 51.70
CA THR B 88 26.16 20.45 52.12
C THR B 88 26.38 20.10 53.57
N LYS B 89 27.65 19.96 53.94
CA LYS B 89 28.01 19.64 55.32
C LYS B 89 27.51 20.70 56.30
N GLN B 90 27.57 21.95 55.88
N GLN B 90 27.56 21.97 55.90
CA GLN B 90 27.11 23.07 56.71
CA GLN B 90 27.10 23.04 56.80
C GLN B 90 25.61 22.91 57.01
C GLN B 90 25.59 22.94 57.02
N TYR B 91 24.85 22.61 55.96
CA TYR B 91 23.40 22.44 56.07
C TYR B 91 23.04 21.25 56.98
N VAL B 92 23.78 20.16 56.83
CA VAL B 92 23.56 18.96 57.62
C VAL B 92 23.82 19.26 59.10
N GLU B 93 24.98 19.81 59.40
CA GLU B 93 25.36 20.11 60.78
C GLU B 93 24.45 21.15 61.43
N LYS B 94 23.85 22.01 60.63
CA LYS B 94 22.92 23.00 61.15
C LYS B 94 21.72 22.30 61.77
N GLU B 95 21.43 21.05 61.37
CA GLU B 95 20.30 20.32 61.94
C GLU B 95 20.70 19.63 63.23
N GLY B 96 21.93 19.86 63.67
CA GLY B 96 22.41 19.31 64.93
C GLY B 96 22.81 17.85 64.90
N VAL B 97 23.18 17.36 63.72
CA VAL B 97 23.60 15.99 63.61
C VAL B 97 25.04 15.97 63.10
N LYS B 98 25.63 14.77 63.08
CA LYS B 98 26.99 14.57 62.59
C LYS B 98 27.05 14.38 61.06
N CYS B 99 28.18 14.78 60.50
CA CYS B 99 28.44 14.71 59.07
C CYS B 99 29.90 14.38 58.83
N VAL B 100 30.16 13.42 57.97
CA VAL B 100 31.50 13.02 57.61
C VAL B 100 31.66 13.14 56.10
N LEU B 101 32.79 13.71 55.66
CA LEU B 101 33.04 13.87 54.25
C LEU B 101 33.98 12.78 53.78
N LEU B 102 33.62 12.16 52.64
CA LEU B 102 34.40 11.07 52.09
C LEU B 102 34.64 11.27 50.60
N PRO B 103 35.63 12.10 50.23
CA PRO B 103 35.95 12.35 48.85
C PRO B 103 36.71 11.19 48.26
N GLY B 104 36.70 11.08 46.93
CA GLY B 104 37.43 10.01 46.27
C GLY B 104 36.67 9.38 45.12
N ASP B 105 37.38 8.58 44.36
CA ASP B 105 36.86 7.97 43.16
C ASP B 105 36.22 6.61 43.43
N LEU B 106 34.91 6.57 43.31
CA LEU B 106 34.17 5.34 43.53
C LEU B 106 34.20 4.40 42.31
N SER B 107 34.94 4.74 41.26
CA SER B 107 35.07 3.84 40.11
C SER B 107 36.16 2.82 40.43
N ASP B 108 36.77 2.99 41.60
CA ASP B 108 37.81 2.11 42.12
C ASP B 108 37.20 1.24 43.23
N GLU B 109 37.31 -0.08 43.09
CA GLU B 109 36.77 -1.03 44.07
C GLU B 109 37.25 -0.80 45.51
N GLN B 110 38.56 -0.69 45.71
CA GLN B 110 39.07 -0.54 47.08
C GLN B 110 38.50 0.72 47.76
N HIS B 111 38.38 1.82 47.03
CA HIS B 111 37.84 3.04 47.61
C HIS B 111 36.39 2.83 48.03
N CYS B 112 35.66 1.99 47.30
CA CYS B 112 34.27 1.66 47.65
C CYS B 112 34.27 0.95 48.99
N LYS B 113 35.25 0.07 49.20
CA LYS B 113 35.39 -0.60 50.50
C LYS B 113 35.79 0.43 51.58
N ASP B 114 36.80 1.25 51.29
CA ASP B 114 37.27 2.24 52.25
C ASP B 114 36.18 3.21 52.76
N ILE B 115 35.31 3.74 51.89
CA ILE B 115 34.30 4.68 52.37
C ILE B 115 33.32 4.03 53.37
N VAL B 116 33.13 2.72 53.25
CA VAL B 116 32.28 2.00 54.19
C VAL B 116 32.97 1.89 55.54
N GLN B 117 34.23 1.48 55.51
CA GLN B 117 35.02 1.32 56.72
C GLN B 117 35.13 2.64 57.46
N GLU B 118 35.36 3.71 56.71
CA GLU B 118 35.50 5.05 57.27
C GLU B 118 34.21 5.50 57.94
N THR B 119 33.08 5.27 57.29
CA THR B 119 31.80 5.64 57.84
C THR B 119 31.61 4.96 59.19
N VAL B 120 31.76 3.65 59.21
CA VAL B 120 31.60 2.91 60.46
C VAL B 120 32.55 3.45 61.54
N ARG B 121 33.78 3.76 61.16
CA ARG B 121 34.77 4.32 62.10
C ARG B 121 34.35 5.66 62.71
N GLN B 122 33.93 6.61 61.89
CA GLN B 122 33.60 7.94 62.36
C GLN B 122 32.20 8.01 62.97
N LEU B 123 31.21 7.36 62.37
CA LEU B 123 29.83 7.38 62.93
C LEU B 123 29.66 6.26 63.95
N GLY B 124 30.38 5.15 63.79
CA GLY B 124 30.28 4.09 64.80
C GLY B 124 29.52 2.87 64.34
N SER B 125 28.70 3.02 63.29
CA SER B 125 27.93 1.93 62.73
C SER B 125 27.31 2.43 61.43
N LEU B 126 26.58 1.55 60.74
CA LEU B 126 25.89 1.90 59.51
C LEU B 126 24.51 1.26 59.50
N ASN B 127 23.47 2.05 59.30
CA ASN B 127 22.11 1.52 59.22
C ASN B 127 21.47 1.65 57.85
N ILE B 128 21.77 2.72 57.14
CA ILE B 128 21.14 3.03 55.88
C ILE B 128 22.18 3.37 54.81
N LEU B 129 22.06 2.70 53.67
CA LEU B 129 22.95 2.97 52.54
C LEU B 129 22.14 3.50 51.39
N VAL B 130 22.50 4.70 50.90
CA VAL B 130 21.89 5.26 49.71
C VAL B 130 22.97 5.28 48.58
N ASN B 131 22.81 4.39 47.61
CA ASN B 131 23.67 4.37 46.42
C ASN B 131 23.04 5.37 45.44
N ASN B 132 23.75 6.46 45.17
CA ASN B 132 23.20 7.54 44.35
C ASN B 132 24.18 8.17 43.34
N VAL B 133 25.46 7.80 43.36
CA VAL B 133 26.42 8.38 42.39
C VAL B 133 26.07 7.99 40.95
N ALA B 134 26.35 8.90 40.01
CA ALA B 134 26.18 8.63 38.57
C ALA B 134 26.90 9.66 37.68
N GLN B 135 27.32 9.22 36.50
CA GLN B 135 27.81 10.10 35.46
C GLN B 135 26.98 9.78 34.22
N GLN B 136 26.78 10.77 33.35
CA GLN B 136 26.06 10.53 32.11
C GLN B 136 26.72 11.31 30.99
N TYR B 137 26.81 10.68 29.83
CA TYR B 137 27.47 11.27 28.65
C TYR B 137 26.60 11.10 27.42
N PRO B 138 25.69 12.06 27.19
CA PRO B 138 24.80 12.00 26.02
C PRO B 138 25.57 11.87 24.71
N GLN B 139 25.03 11.11 23.78
CA GLN B 139 25.63 10.95 22.45
C GLN B 139 24.45 10.84 21.52
N GLN B 140 24.61 11.30 20.29
CA GLN B 140 23.49 11.29 19.36
C GLN B 140 23.14 9.89 18.86
N GLY B 141 23.98 8.90 19.19
CA GLY B 141 23.70 7.52 18.80
C GLY B 141 24.73 6.56 19.34
N LEU B 142 24.44 5.27 19.24
CA LEU B 142 25.34 4.22 19.72
C LEU B 142 26.72 4.26 19.04
N GLU B 143 26.78 4.65 17.77
CA GLU B 143 28.06 4.69 17.07
C GLU B 143 29.01 5.71 17.71
N TYR B 144 28.48 6.62 18.54
CA TYR B 144 29.32 7.63 19.15
C TYR B 144 29.65 7.30 20.59
N ILE B 145 29.31 6.09 21.04
CA ILE B 145 29.63 5.65 22.40
C ILE B 145 30.89 4.81 22.28
N THR B 146 32.00 5.30 22.82
CA THR B 146 33.23 4.51 22.80
C THR B 146 33.22 3.45 23.88
N ALA B 147 34.09 2.46 23.74
CA ALA B 147 34.26 1.40 24.76
C ALA B 147 34.69 2.07 26.05
N GLU B 148 35.53 3.09 25.92
CA GLU B 148 36.00 3.84 27.08
C GLU B 148 34.83 4.44 27.88
N GLN B 149 33.95 5.15 27.17
CA GLN B 149 32.81 5.78 27.82
C GLN B 149 31.86 4.73 28.42
N LEU B 150 31.64 3.65 27.68
CA LEU B 150 30.79 2.54 28.11
C LEU B 150 31.25 1.98 29.46
N GLU B 151 32.50 1.57 29.54
CA GLU B 151 33.04 0.99 30.77
C GLU B 151 33.06 1.98 31.93
N LYS B 152 33.46 3.21 31.64
CA LYS B 152 33.47 4.27 32.65
C LYS B 152 32.07 4.50 33.23
N THR B 153 31.08 4.58 32.36
CA THR B 153 29.69 4.79 32.79
C THR B 153 29.21 3.63 33.68
N PHE B 154 29.47 2.42 33.25
CA PHE B 154 29.12 1.26 34.05
C PHE B 154 29.88 1.17 35.37
N ARG B 155 31.18 1.48 35.33
CA ARG B 155 32.01 1.36 36.50
C ARG B 155 31.52 2.25 37.67
N ILE B 156 31.13 3.48 37.36
CA ILE B 156 30.62 4.38 38.38
C ILE B 156 29.12 4.22 38.69
N ASN B 157 28.32 4.02 37.64
CA ASN B 157 26.87 3.91 37.80
C ASN B 157 26.31 2.63 38.41
N ILE B 158 26.98 1.49 38.17
CA ILE B 158 26.49 0.22 38.69
C ILE B 158 27.57 -0.60 39.41
N PHE B 159 28.81 -0.62 38.92
CA PHE B 159 29.80 -1.40 39.66
C PHE B 159 29.98 -0.84 41.08
N SER B 160 29.92 0.47 41.24
CA SER B 160 30.12 1.07 42.56
C SER B 160 28.98 0.68 43.49
N TYR B 161 27.77 0.52 42.96
CA TYR B 161 26.61 0.10 43.76
C TYR B 161 26.85 -1.30 44.29
N PHE B 162 27.43 -2.17 43.45
CA PHE B 162 27.76 -3.53 43.87
C PHE B 162 28.82 -3.53 44.97
N HIS B 163 29.92 -2.81 44.73
CA HIS B 163 31.06 -2.83 45.65
C HIS B 163 30.77 -2.15 46.97
N VAL B 164 30.13 -1.00 46.92
CA VAL B 164 29.77 -0.32 48.17
C VAL B 164 28.77 -1.12 48.97
N THR B 165 27.75 -1.63 48.31
CA THR B 165 26.72 -2.41 49.00
C THR B 165 27.34 -3.68 49.57
N LYS B 166 28.16 -4.34 48.78
CA LYS B 166 28.86 -5.54 49.20
C LYS B 166 29.65 -5.32 50.51
N ALA B 167 30.39 -4.22 50.59
CA ALA B 167 31.18 -3.90 51.77
C ALA B 167 30.29 -3.56 52.95
N ALA B 168 29.16 -2.91 52.67
CA ALA B 168 28.19 -2.54 53.69
C ALA B 168 27.55 -3.74 54.37
N LEU B 169 27.43 -4.85 53.66
CA LEU B 169 26.73 -6.00 54.21
C LEU B 169 27.21 -6.54 55.55
N SER B 170 28.51 -6.52 55.84
CA SER B 170 28.96 -7.06 57.11
C SER B 170 28.62 -6.11 58.27
N HIS B 171 28.02 -4.97 57.96
CA HIS B 171 27.63 -3.98 58.95
C HIS B 171 26.14 -3.80 59.10
N LEU B 172 25.36 -4.31 58.16
CA LEU B 172 23.90 -4.14 58.20
C LEU B 172 23.26 -5.31 58.92
N LYS B 173 22.16 -5.01 59.62
CA LYS B 173 21.45 -5.97 60.45
C LYS B 173 19.96 -5.83 60.23
N GLN B 174 19.21 -6.71 60.88
CA GLN B 174 17.76 -6.65 60.84
C GLN B 174 17.31 -5.20 61.08
N GLY B 175 16.43 -4.68 60.24
CA GLY B 175 15.94 -3.31 60.42
C GLY B 175 16.71 -2.28 59.60
N ASP B 176 17.85 -2.69 59.03
CA ASP B 176 18.62 -1.78 58.18
C ASP B 176 18.08 -1.75 56.74
N VAL B 177 18.54 -0.76 55.98
CA VAL B 177 17.98 -0.47 54.69
C VAL B 177 18.99 0.01 53.64
N ILE B 178 18.70 -0.35 52.38
CA ILE B 178 19.46 0.07 51.23
C ILE B 178 18.48 0.76 50.27
N ILE B 179 18.88 1.91 49.74
CA ILE B 179 18.08 2.61 48.72
C ILE B 179 19.01 2.86 47.52
N ASN B 180 18.55 2.55 46.31
CA ASN B 180 19.33 2.78 45.11
C ASN B 180 18.65 3.80 44.21
N THR B 181 19.38 4.79 43.71
CA THR B 181 18.77 5.73 42.73
C THR B 181 18.91 5.14 41.33
N ALA B 182 17.77 4.92 40.68
CA ALA B 182 17.67 4.43 39.35
C ALA B 182 17.30 5.65 38.50
N SER B 183 16.36 5.49 37.58
CA SER B 183 15.93 6.58 36.71
C SER B 183 14.76 6.13 35.88
N ILE B 184 13.91 7.09 35.50
CA ILE B 184 12.84 6.87 34.56
C ILE B 184 13.35 6.23 33.26
N VAL B 185 14.61 6.51 32.88
CA VAL B 185 15.11 5.96 31.62
C VAL B 185 15.24 4.43 31.61
N ALA B 186 15.30 3.80 32.77
CA ALA B 186 15.37 2.34 32.80
C ALA B 186 14.01 1.79 32.32
N TYR B 187 12.95 2.57 32.54
CA TYR B 187 11.59 2.16 32.20
C TYR B 187 11.09 2.64 30.82
N GLU B 188 11.45 3.86 30.45
N GLU B 188 11.41 3.87 30.45
CA GLU B 188 11.01 4.49 29.21
CA GLU B 188 10.97 4.46 29.17
C GLU B 188 12.05 4.45 28.10
C GLU B 188 12.04 4.40 28.07
N GLY B 189 13.31 4.26 28.45
CA GLY B 189 14.41 4.29 27.51
C GLY B 189 14.76 5.75 27.22
N ASN B 190 15.97 6.00 26.74
CA ASN B 190 16.37 7.34 26.33
C ASN B 190 17.38 7.21 25.17
N GLU B 191 16.98 7.70 24.01
CA GLU B 191 17.73 7.53 22.77
C GLU B 191 19.09 8.23 22.73
N THR B 192 19.29 9.23 23.57
CA THR B 192 20.57 9.94 23.58
C THR B 192 21.43 9.55 24.76
N LEU B 193 20.93 8.63 25.60
CA LEU B 193 21.63 8.16 26.79
C LEU B 193 21.53 6.64 26.87
N ILE B 194 21.95 5.97 25.80
CA ILE B 194 21.76 4.50 25.70
C ILE B 194 22.57 3.72 26.75
N ASP B 195 23.85 4.03 26.93
CA ASP B 195 24.66 3.34 27.95
C ASP B 195 24.21 3.70 29.37
N TYR B 196 23.97 4.97 29.62
CA TYR B 196 23.43 5.42 30.92
C TYR B 196 22.15 4.67 31.23
N SER B 197 21.22 4.56 30.27
CA SER B 197 19.95 3.91 30.55
C SER B 197 20.17 2.42 30.88
N ALA B 198 21.14 1.79 30.22
CA ALA B 198 21.47 0.40 30.48
C ALA B 198 21.99 0.24 31.91
N THR B 199 22.77 1.19 32.42
CA THR B 199 23.25 1.10 33.81
C THR B 199 22.06 1.27 34.76
N LYS B 200 21.09 2.10 34.40
CA LYS B 200 19.93 2.32 35.27
C LYS B 200 19.00 1.08 35.26
N GLY B 201 18.86 0.41 34.12
CA GLY B 201 18.17 -0.86 34.06
C GLY B 201 18.88 -1.90 34.92
N ALA B 202 20.21 -1.90 34.88
CA ALA B 202 20.99 -2.79 35.74
C ALA B 202 20.68 -2.53 37.21
N ILE B 203 20.55 -1.27 37.57
CA ILE B 203 20.22 -0.93 38.99
C ILE B 203 18.82 -1.43 39.37
N VAL B 204 17.87 -1.34 38.46
CA VAL B 204 16.51 -1.81 38.74
C VAL B 204 16.54 -3.32 39.05
N ALA B 205 17.24 -4.08 38.23
CA ALA B 205 17.30 -5.53 38.40
C ALA B 205 18.10 -5.94 39.65
N PHE B 206 19.16 -5.19 39.94
CA PHE B 206 19.99 -5.35 41.16
C PHE B 206 19.13 -5.12 42.38
N THR B 207 18.34 -4.06 42.33
CA THR B 207 17.41 -3.76 43.43
C THR B 207 16.43 -4.91 43.68
N ARG B 208 15.81 -5.40 42.61
CA ARG B 208 14.86 -6.51 42.72
C ARG B 208 15.51 -7.79 43.27
N SER B 209 16.63 -8.16 42.68
CA SER B 209 17.34 -9.36 43.09
C SER B 209 17.90 -9.26 44.51
N LEU B 210 18.55 -8.15 44.81
CA LEU B 210 19.10 -8.01 46.16
C LEU B 210 17.99 -8.02 47.21
N SER B 211 16.85 -7.39 46.92
CA SER B 211 15.76 -7.38 47.90
C SER B 211 15.39 -8.81 48.31
N GLN B 212 15.36 -9.74 47.34
N GLN B 212 15.38 -9.71 47.33
CA GLN B 212 14.99 -11.12 47.65
CA GLN B 212 15.02 -11.12 47.57
C GLN B 212 16.14 -11.80 48.40
C GLN B 212 16.12 -11.82 48.35
N SER B 213 17.37 -11.45 48.05
CA SER B 213 18.53 -12.02 48.70
C SER B 213 18.56 -11.71 50.20
N LEU B 214 18.23 -10.47 50.56
CA LEU B 214 18.31 -10.00 51.95
C LEU B 214 17.02 -9.95 52.76
N VAL B 215 15.90 -10.35 52.20
CA VAL B 215 14.67 -10.20 52.94
C VAL B 215 14.64 -10.99 54.25
N GLN B 216 15.18 -12.20 54.26
CA GLN B 216 15.14 -12.96 55.49
C GLN B 216 16.16 -12.45 56.53
N LYS B 217 17.09 -11.62 56.09
CA LYS B 217 18.00 -10.99 57.03
C LYS B 217 17.39 -9.69 57.58
N GLY B 218 16.17 -9.37 57.18
CA GLY B 218 15.49 -8.17 57.69
C GLY B 218 16.09 -6.86 57.16
N ILE B 219 16.71 -6.91 55.98
CA ILE B 219 17.27 -5.72 55.34
C ILE B 219 16.47 -5.41 54.10
N ARG B 220 15.86 -4.23 54.03
CA ARG B 220 15.04 -3.88 52.87
C ARG B 220 15.86 -3.21 51.81
N VAL B 221 15.48 -3.45 50.55
CA VAL B 221 16.15 -2.85 49.41
C VAL B 221 15.12 -2.28 48.42
N ASN B 222 15.17 -0.97 48.17
CA ASN B 222 14.23 -0.32 47.29
C ASN B 222 14.95 0.73 46.48
N GLY B 223 14.24 1.32 45.54
CA GLY B 223 14.80 2.35 44.73
C GLY B 223 13.87 3.52 44.46
N VAL B 224 14.47 4.58 43.94
CA VAL B 224 13.76 5.74 43.50
C VAL B 224 14.16 5.96 42.05
N ALA B 225 13.16 6.21 41.21
CA ALA B 225 13.38 6.48 39.79
C ALA B 225 12.95 7.94 39.48
N PRO B 226 13.90 8.86 39.57
CA PRO B 226 13.60 10.23 39.21
C PRO B 226 13.40 10.47 37.74
N GLY B 227 12.63 11.50 37.45
CA GLY B 227 12.46 12.00 36.10
C GLY B 227 13.44 13.16 36.00
N PRO B 228 13.13 14.17 35.17
CA PRO B 228 14.07 15.27 34.99
C PRO B 228 14.09 16.18 36.22
N ILE B 229 15.22 16.17 36.91
CA ILE B 229 15.40 16.99 38.11
C ILE B 229 16.51 18.00 37.89
N TRP B 230 16.23 19.26 38.24
CA TRP B 230 17.20 20.35 38.05
C TRP B 230 18.38 20.18 39.02
N THR B 231 19.47 19.60 38.53
CA THR B 231 20.68 19.30 39.33
C THR B 231 21.94 19.53 38.47
N PRO B 232 23.14 19.54 39.08
CA PRO B 232 24.38 19.77 38.32
C PRO B 232 24.69 18.74 37.21
N LEU B 233 24.04 17.58 37.26
CA LEU B 233 24.25 16.55 36.25
C LEU B 233 23.73 17.04 34.88
N ILE B 234 22.77 17.97 34.94
CA ILE B 234 22.08 18.48 33.76
C ILE B 234 22.92 19.50 32.96
N PRO B 235 23.30 20.65 33.55
CA PRO B 235 24.12 21.56 32.75
C PRO B 235 25.52 21.01 32.43
N SER B 236 25.99 20.02 33.19
CA SER B 236 27.32 19.46 32.96
C SER B 236 27.35 18.29 31.95
N SER B 237 26.17 17.85 31.49
CA SER B 237 26.11 16.74 30.55
C SER B 237 25.46 17.16 29.22
N PHE B 238 24.40 17.97 29.29
CA PHE B 238 23.68 18.44 28.10
C PHE B 238 24.17 19.80 27.61
N ASP B 239 23.94 20.08 26.33
CA ASP B 239 24.34 21.37 25.76
C ASP B 239 23.30 22.42 26.19
N GLU B 240 23.61 23.69 25.95
CA GLU B 240 22.75 24.80 26.39
C GLU B 240 21.31 24.75 25.88
N LYS B 241 21.13 24.41 24.60
CA LYS B 241 19.81 24.30 23.99
C LYS B 241 18.97 23.30 24.81
N LYS B 242 19.52 22.10 25.00
CA LYS B 242 18.85 21.04 25.74
C LYS B 242 18.54 21.46 27.18
N VAL B 243 19.50 22.13 27.82
CA VAL B 243 19.31 22.59 29.20
C VAL B 243 18.15 23.57 29.31
N SER B 244 18.05 24.48 28.34
CA SER B 244 17.00 25.51 28.31
C SER B 244 15.57 24.94 28.27
N GLN B 245 15.42 23.75 27.69
CA GLN B 245 14.11 23.12 27.53
C GLN B 245 13.89 21.92 28.47
N PHE B 246 14.87 21.67 29.33
CA PHE B 246 14.84 20.56 30.28
C PHE B 246 13.54 20.50 31.12
N GLY B 247 12.89 19.33 31.13
CA GLY B 247 11.65 19.12 31.88
C GLY B 247 10.36 19.51 31.17
N SER B 248 10.48 20.11 29.98
CA SER B 248 9.31 20.55 29.24
C SER B 248 8.48 19.38 28.70
N ASN B 249 9.12 18.23 28.54
CA ASN B 249 8.48 17.03 27.98
C ASN B 249 7.50 16.26 28.89
N VAL B 250 7.63 16.37 30.20
CA VAL B 250 6.76 15.60 31.10
C VAL B 250 5.37 16.25 31.31
N PRO B 251 4.36 15.45 31.71
CA PRO B 251 2.99 15.97 31.89
C PRO B 251 2.90 17.21 32.77
N GLN B 253 4.90 19.47 32.87
CA GLN B 253 5.51 20.54 32.06
C GLN B 253 6.54 21.38 32.81
N ARG B 254 7.31 20.73 33.67
CA ARG B 254 8.38 21.40 34.39
C ARG B 254 9.32 20.33 34.95
N PRO B 255 10.59 20.70 35.19
CA PRO B 255 11.51 19.79 35.85
C PRO B 255 11.20 19.75 37.35
N GLY B 256 11.63 18.68 38.00
CA GLY B 256 11.44 18.59 39.43
C GLY B 256 12.61 19.31 40.10
N GLN B 257 12.41 19.76 41.34
CA GLN B 257 13.49 20.32 42.12
C GLN B 257 13.98 19.18 43.02
N PRO B 258 15.26 19.21 43.40
CA PRO B 258 15.79 18.17 44.25
C PRO B 258 15.03 17.97 45.54
N TYR B 259 14.50 19.03 46.15
CA TYR B 259 13.76 18.84 47.40
C TYR B 259 12.52 17.97 47.19
N GLU B 260 12.00 17.95 45.96
CA GLU B 260 10.82 17.15 45.68
C GLU B 260 11.11 15.66 45.64
N LEU B 261 12.39 15.29 45.68
CA LEU B 261 12.73 13.87 45.72
C LEU B 261 13.00 13.34 47.10
N ALA B 262 13.46 14.19 48.00
CA ALA B 262 13.88 13.75 49.32
C ALA B 262 12.84 12.97 50.12
N PRO B 263 11.56 13.38 50.10
CA PRO B 263 10.60 12.63 50.91
C PRO B 263 10.43 11.17 50.52
N ALA B 264 10.60 10.84 49.23
CA ALA B 264 10.55 9.45 48.81
C ALA B 264 11.66 8.64 49.49
N TYR B 265 12.85 9.23 49.57
CA TYR B 265 13.99 8.55 50.25
C TYR B 265 13.72 8.38 51.75
N VAL B 266 13.15 9.41 52.37
CA VAL B 266 12.77 9.35 53.78
C VAL B 266 11.76 8.22 53.99
N TYR B 267 10.77 8.14 53.12
CA TYR B 267 9.79 7.08 53.18
C TYR B 267 10.46 5.72 53.15
N LEU B 268 11.35 5.51 52.18
CA LEU B 268 12.02 4.21 52.01
C LEU B 268 13.05 3.93 53.07
N ALA B 269 13.65 4.96 53.65
CA ALA B 269 14.70 4.74 54.65
C ALA B 269 14.18 4.44 56.04
N SER B 270 12.97 4.90 56.34
CA SER B 270 12.40 4.76 57.68
C SER B 270 11.49 3.55 57.81
N SER B 271 11.05 3.32 59.03
CA SER B 271 10.11 2.24 59.37
C SER B 271 8.73 2.45 58.77
N ASP B 272 8.49 3.65 58.24
CA ASP B 272 7.24 3.95 57.50
C ASP B 272 6.99 2.99 56.32
N SER B 273 8.05 2.42 55.76
CA SER B 273 7.95 1.50 54.65
C SER B 273 8.36 0.08 55.08
N SER B 274 8.09 -0.27 56.33
CA SER B 274 8.44 -1.61 56.84
C SER B 274 7.90 -2.79 56.02
N TYR B 275 6.81 -2.65 55.26
CA TYR B 275 6.30 -3.79 54.48
C TYR B 275 6.65 -3.63 52.99
N VAL B 276 7.68 -2.85 52.71
CA VAL B 276 8.05 -2.56 51.34
C VAL B 276 9.48 -2.94 51.04
N THR B 277 9.66 -3.85 50.09
CA THR B 277 11.00 -4.17 49.63
C THR B 277 10.89 -4.63 48.17
N GLY B 278 11.94 -4.38 47.39
CA GLY B 278 11.99 -4.72 45.99
C GLY B 278 11.31 -3.76 45.03
N GLN B 279 10.93 -2.59 45.52
CA GLN B 279 10.11 -1.68 44.75
C GLN B 279 10.80 -0.44 44.32
N ILE B 281 10.01 3.85 43.63
CA ILE B 281 9.13 5.00 43.77
C ILE B 281 9.45 5.92 42.57
N HIS B 282 8.46 6.15 41.73
CA HIS B 282 8.62 6.97 40.52
C HIS B 282 8.24 8.42 40.74
N VAL B 283 9.23 9.30 40.66
CA VAL B 283 9.05 10.71 40.96
C VAL B 283 9.46 11.44 39.70
N ASN B 284 8.53 11.61 38.78
CA ASN B 284 8.93 12.03 37.46
C ASN B 284 8.07 12.99 36.72
N GLY B 285 7.15 13.66 37.42
CA GLY B 285 6.30 14.66 36.75
C GLY B 285 5.12 14.10 35.99
N GLY B 286 4.82 12.84 36.24
CA GLY B 286 3.64 12.27 35.66
C GLY B 286 3.79 11.34 34.48
N VAL B 287 5.00 10.89 34.17
CA VAL B 287 5.18 9.98 33.03
C VAL B 287 4.70 8.60 33.49
N ILE B 288 3.78 8.01 32.72
CA ILE B 288 3.23 6.70 33.05
C ILE B 288 4.24 5.67 32.60
N VAL B 289 4.63 4.75 33.49
CA VAL B 289 5.65 3.72 33.17
C VAL B 289 5.12 2.31 33.44
N ASN B 290 3.79 2.13 33.41
CA ASN B 290 3.17 0.84 33.73
C ASN B 290 3.57 0.43 35.14
N GLY B 291 3.72 1.43 36.01
CA GLY B 291 4.12 1.19 37.38
C GLY B 291 3.00 0.67 38.27
N VAL C 11 11.39 -32.77 41.20
CA VAL C 11 12.36 -33.27 40.19
C VAL C 11 11.77 -33.19 38.77
N THR C 12 12.47 -32.50 37.88
CA THR C 12 12.04 -32.39 36.49
C THR C 12 13.05 -33.02 35.52
N PRO C 14 17.19 -35.11 35.08
CA PRO C 14 18.16 -35.94 35.81
C PRO C 14 19.27 -35.08 36.42
N ALA C 15 19.73 -35.45 37.61
CA ALA C 15 20.80 -34.72 38.27
C ALA C 15 22.07 -34.80 37.42
N GLN C 16 22.64 -33.65 37.06
CA GLN C 16 23.85 -33.61 36.25
C GLN C 16 24.50 -32.22 36.37
N HIS C 17 25.79 -32.14 36.03
CA HIS C 17 26.54 -30.90 36.14
C HIS C 17 27.84 -30.91 35.33
N GLN C 18 28.12 -29.84 34.59
CA GLN C 18 29.34 -29.76 33.81
C GLN C 18 30.35 -28.82 34.48
N ASN C 19 31.59 -29.28 34.60
CA ASN C 19 32.67 -28.53 35.26
C ASN C 19 33.20 -27.33 34.48
N LYS C 20 32.59 -27.01 33.34
CA LYS C 20 33.02 -25.84 32.56
C LYS C 20 31.89 -25.18 31.80
N GLN C 21 31.99 -23.85 31.74
CA GLN C 21 31.03 -23.03 31.04
C GLN C 21 31.78 -22.17 30.02
N PRO C 22 31.22 -21.97 28.82
CA PRO C 22 29.94 -22.42 28.28
C PRO C 22 29.78 -23.93 28.30
N GLY C 23 28.55 -24.39 28.51
CA GLY C 23 28.27 -25.81 28.55
C GLY C 23 28.27 -26.43 27.17
N ILE C 24 28.35 -27.75 27.14
CA ILE C 24 28.35 -28.49 25.89
C ILE C 24 27.02 -29.23 25.80
N GLU C 25 26.31 -29.03 24.69
CA GLU C 25 24.99 -29.63 24.54
C GLU C 25 24.99 -31.16 24.35
N SER C 26 26.01 -31.70 23.68
CA SER C 26 26.06 -33.14 23.44
C SER C 26 26.23 -33.96 24.72
N LEU C 27 26.71 -33.32 25.79
CA LEU C 27 26.89 -34.01 27.08
C LEU C 27 25.60 -34.08 27.94
N ASN C 29 21.67 -34.85 29.32
CA ASN C 29 20.66 -35.90 29.40
C ASN C 29 19.42 -35.39 30.13
N PRO C 30 18.28 -35.30 29.42
CA PRO C 30 18.13 -35.62 28.00
C PRO C 30 18.65 -34.48 27.16
N LEU C 31 18.88 -34.75 25.89
CA LEU C 31 19.34 -33.72 25.00
C LEU C 31 18.17 -32.74 24.85
N PRO C 32 18.48 -31.43 24.90
CA PRO C 32 17.43 -30.45 24.70
C PRO C 32 16.78 -30.63 23.34
N GLN C 33 15.48 -30.39 23.25
CA GLN C 33 14.77 -30.47 21.99
C GLN C 33 14.88 -29.09 21.36
N PHE C 34 15.68 -29.00 20.30
CA PHE C 34 15.95 -27.72 19.63
C PHE C 34 15.10 -27.56 18.39
N GLU C 35 14.34 -28.58 18.07
CA GLU C 35 13.57 -28.57 16.87
C GLU C 35 12.19 -29.17 17.08
N ASP C 36 11.20 -28.55 16.47
CA ASP C 36 9.86 -29.12 16.47
C ASP C 36 9.75 -29.89 15.16
N PRO C 37 9.58 -31.22 15.24
CA PRO C 37 9.50 -31.98 13.99
C PRO C 37 8.41 -31.46 13.06
N ASN C 38 7.28 -31.05 13.62
CA ASN C 38 6.17 -30.55 12.81
C ASN C 38 6.28 -29.08 12.43
N TYR C 39 7.40 -28.44 12.72
CA TYR C 39 7.55 -27.02 12.36
C TYR C 39 7.65 -26.91 10.86
N LYS C 40 6.82 -26.05 10.30
N LYS C 40 6.81 -26.07 10.29
CA LYS C 40 6.76 -25.85 8.87
CA LYS C 40 6.79 -25.89 8.83
C LYS C 40 7.15 -24.42 8.55
C LYS C 40 7.14 -24.44 8.54
N GLY C 41 8.22 -24.26 7.78
CA GLY C 41 8.67 -22.93 7.38
C GLY C 41 7.76 -22.40 6.29
N SER C 42 7.77 -21.08 6.07
CA SER C 42 6.89 -20.48 5.08
C SER C 42 7.52 -19.24 4.46
N GLU C 43 8.84 -19.29 4.34
CA GLU C 43 9.61 -18.21 3.72
C GLU C 43 9.48 -16.88 4.42
N LYS C 44 9.28 -16.89 5.73
CA LYS C 44 9.14 -15.65 6.48
C LYS C 44 10.40 -14.79 6.46
N LEU C 45 11.56 -15.40 6.28
CA LEU C 45 12.82 -14.65 6.26
C LEU C 45 13.66 -15.01 5.03
N LYS C 46 12.99 -15.32 3.94
CA LYS C 46 13.69 -15.77 2.72
C LYS C 46 14.74 -14.77 2.22
N GLY C 47 15.98 -15.22 2.19
CA GLY C 47 17.07 -14.39 1.67
C GLY C 47 17.67 -13.40 2.65
N LYS C 48 17.14 -13.37 3.88
CA LYS C 48 17.66 -12.49 4.91
C LYS C 48 18.96 -13.04 5.46
N ASN C 49 19.85 -12.12 5.79
CA ASN C 49 21.15 -12.45 6.35
C ASN C 49 21.19 -12.10 7.85
N VAL C 50 21.42 -13.15 8.63
CA VAL C 50 21.36 -13.05 10.08
C VAL C 50 22.68 -13.36 10.75
N LEU C 51 22.98 -12.61 11.81
CA LEU C 51 24.10 -12.88 12.68
C LEU C 51 23.47 -13.19 14.04
N ILE C 52 23.76 -14.37 14.57
CA ILE C 52 23.28 -14.72 15.88
C ILE C 52 24.47 -15.04 16.77
N THR C 53 24.61 -14.29 17.86
CA THR C 53 25.66 -14.56 18.84
C THR C 53 25.14 -15.59 19.85
N GLY C 54 25.89 -16.66 20.01
CA GLY C 54 25.48 -17.76 20.88
C GLY C 54 24.50 -18.66 20.15
N GLY C 55 24.62 -18.76 18.82
CA GLY C 55 23.71 -19.56 18.01
C GLY C 55 24.09 -21.01 17.87
N ASP C 56 25.12 -21.42 18.61
CA ASP C 56 25.67 -22.76 18.47
C ASP C 56 24.91 -23.79 19.26
N SER C 57 24.26 -23.35 20.33
CA SER C 57 23.56 -24.26 21.21
C SER C 57 22.38 -23.58 21.87
N GLY C 58 21.69 -24.32 22.72
CA GLY C 58 20.53 -23.82 23.46
C GLY C 58 19.47 -23.12 22.61
N ILE C 59 18.97 -22.01 23.12
CA ILE C 59 18.01 -21.21 22.40
C ILE C 59 18.53 -20.77 21.03
N GLY C 60 19.79 -20.36 21.00
CA GLY C 60 20.44 -19.89 19.77
C GLY C 60 20.44 -20.92 18.67
N ARG C 61 20.65 -22.18 19.03
CA ARG C 61 20.59 -23.28 18.09
C ARG C 61 19.19 -23.44 17.52
N ALA C 62 18.17 -23.37 18.40
CA ALA C 62 16.79 -23.49 17.95
C ALA C 62 16.46 -22.29 17.05
N VAL C 63 16.92 -21.10 17.40
CA VAL C 63 16.67 -19.92 16.57
C VAL C 63 17.36 -20.06 15.20
N SER C 64 18.61 -20.45 15.18
CA SER C 64 19.33 -20.64 13.89
C SER C 64 18.60 -21.57 12.96
N ILE C 65 18.19 -22.71 13.50
CA ILE C 65 17.51 -23.74 12.72
C ILE C 65 16.15 -23.27 12.22
N ALA C 66 15.34 -22.64 13.09
CA ALA C 66 14.03 -22.14 12.67
C ALA C 66 14.18 -21.04 11.60
N PHE C 67 15.17 -20.17 11.76
CA PHE C 67 15.43 -19.10 10.80
C PHE C 67 15.85 -19.71 9.45
N ALA C 68 16.64 -20.79 9.50
CA ALA C 68 17.07 -21.48 8.27
C ALA C 68 15.83 -22.05 7.57
N LYS C 69 14.93 -22.64 8.34
CA LYS C 69 13.70 -23.21 7.78
C LYS C 69 12.85 -22.13 7.17
N GLU C 70 12.98 -20.90 7.66
CA GLU C 70 12.24 -19.76 7.10
C GLU C 70 12.98 -19.09 5.94
N GLY C 71 14.05 -19.74 5.48
CA GLY C 71 14.87 -19.27 4.35
C GLY C 71 16.00 -18.30 4.61
N ALA C 72 16.39 -18.09 5.87
CA ALA C 72 17.45 -17.16 6.15
C ALA C 72 18.83 -17.82 6.15
N ASN C 73 19.82 -17.01 5.80
CA ASN C 73 21.22 -17.40 5.82
C ASN C 73 21.76 -17.07 7.20
N ILE C 74 22.46 -18.00 7.83
CA ILE C 74 22.85 -17.79 9.22
C ILE C 74 24.36 -17.78 9.50
N ALA C 75 24.82 -16.69 10.13
CA ALA C 75 26.19 -16.57 10.63
C ALA C 75 26.05 -16.77 12.13
N ILE C 76 26.79 -17.75 12.64
CA ILE C 76 26.72 -18.14 14.03
C ILE C 76 28.02 -17.88 14.77
N ALA C 77 27.94 -16.99 15.77
CA ALA C 77 29.08 -16.68 16.62
C ALA C 77 28.92 -17.45 17.94
N TYR C 78 30.06 -17.84 18.49
CA TYR C 78 30.11 -18.64 19.70
C TYR C 78 31.52 -18.59 20.21
N LEU C 79 31.77 -19.11 21.41
CA LEU C 79 33.11 -19.04 22.01
C LEU C 79 34.05 -20.07 21.42
N ASP C 80 33.83 -21.35 21.70
CA ASP C 80 34.72 -22.39 21.20
C ASP C 80 34.07 -23.77 21.20
N GLU C 81 32.74 -23.84 21.29
CA GLU C 81 32.06 -25.14 21.31
C GLU C 81 31.91 -25.63 19.87
N GLU C 82 33.03 -26.03 19.29
CA GLU C 82 33.10 -26.45 17.88
C GLU C 82 32.18 -27.62 17.53
N GLY C 83 32.13 -28.65 18.36
CA GLY C 83 31.23 -29.78 18.08
C GLY C 83 29.78 -29.30 18.00
N ASP C 84 29.35 -28.51 18.98
CA ASP C 84 27.97 -28.04 18.97
C ASP C 84 27.70 -27.17 17.74
N ALA C 85 28.65 -26.30 17.42
CA ALA C 85 28.50 -25.37 16.31
C ALA C 85 28.40 -26.12 14.99
N ASN C 86 29.24 -27.13 14.83
CA ASN C 86 29.23 -27.93 13.62
C ASN C 86 27.90 -28.64 13.48
N GLU C 87 27.40 -29.17 14.60
CA GLU C 87 26.12 -29.87 14.57
C GLU C 87 24.97 -28.95 14.18
N THR C 88 24.99 -27.74 14.71
CA THR C 88 23.99 -26.74 14.36
C THR C 88 24.08 -26.40 12.87
N LYS C 89 25.32 -26.27 12.38
N LYS C 89 25.31 -26.30 12.38
CA LYS C 89 25.57 -25.96 10.97
CA LYS C 89 25.59 -25.97 10.99
C LYS C 89 24.95 -26.99 10.03
C LYS C 89 24.93 -26.98 10.05
N GLN C 90 25.04 -28.27 10.40
CA GLN C 90 24.45 -29.34 9.60
C GLN C 90 22.93 -29.17 9.49
N TYR C 91 22.27 -28.88 10.61
CA TYR C 91 20.83 -28.70 10.59
C TYR C 91 20.46 -27.50 9.71
N VAL C 92 21.21 -26.42 9.82
CA VAL C 92 20.93 -25.22 9.05
C VAL C 92 21.06 -25.45 7.53
N GLU C 93 22.15 -26.11 7.15
CA GLU C 93 22.47 -26.33 5.75
C GLU C 93 21.54 -27.34 5.10
N LYS C 94 21.02 -28.26 5.90
CA LYS C 94 20.00 -29.20 5.45
C LYS C 94 18.82 -28.40 4.83
N GLU C 95 18.58 -27.17 5.27
CA GLU C 95 17.46 -26.35 4.74
C GLU C 95 17.83 -25.60 3.46
N GLY C 96 19.04 -25.84 2.97
CA GLY C 96 19.50 -25.24 1.72
C GLY C 96 19.99 -23.81 1.80
N VAL C 97 20.14 -23.28 3.00
CA VAL C 97 20.61 -21.92 3.16
C VAL C 97 22.12 -21.91 3.51
N LYS C 98 22.75 -20.73 3.46
CA LYS C 98 24.17 -20.57 3.85
C LYS C 98 24.32 -20.50 5.37
N CYS C 99 25.41 -21.08 5.86
CA CYS C 99 25.75 -21.05 7.26
C CYS C 99 27.23 -20.74 7.39
N VAL C 100 27.53 -19.78 8.26
CA VAL C 100 28.87 -19.33 8.55
C VAL C 100 29.14 -19.47 10.05
N LEU C 101 30.27 -20.10 10.40
CA LEU C 101 30.67 -20.27 11.80
C LEU C 101 31.77 -19.25 12.18
N LEU C 102 31.58 -18.58 13.32
CA LEU C 102 32.49 -17.52 13.78
C LEU C 102 32.84 -17.65 15.25
N PRO C 103 33.81 -18.51 15.55
CA PRO C 103 34.25 -18.71 16.90
C PRO C 103 35.05 -17.52 17.42
N GLY C 104 35.12 -17.38 18.74
CA GLY C 104 35.94 -16.33 19.31
C GLY C 104 35.33 -15.70 20.54
N ASP C 105 36.18 -15.01 21.29
CA ASP C 105 35.74 -14.40 22.55
C ASP C 105 35.17 -13.00 22.35
N LEU C 106 33.86 -12.89 22.50
CA LEU C 106 33.12 -11.65 22.36
C LEU C 106 33.24 -10.72 23.57
N SER C 107 34.03 -11.11 24.56
CA SER C 107 34.33 -10.21 25.65
C SER C 107 35.41 -9.20 25.18
N ASP C 108 35.97 -9.43 23.98
CA ASP C 108 36.94 -8.54 23.33
C ASP C 108 36.24 -7.61 22.29
N GLU C 109 36.33 -6.29 22.48
CA GLU C 109 35.69 -5.33 21.57
C GLU C 109 36.02 -5.57 20.09
N GLN C 110 37.29 -5.76 19.77
CA GLN C 110 37.70 -5.94 18.36
C GLN C 110 37.08 -7.18 17.76
N HIS C 111 37.05 -8.28 18.51
CA HIS C 111 36.39 -9.46 17.99
C HIS C 111 34.91 -9.21 17.70
N CYS C 112 34.25 -8.40 18.55
CA CYS C 112 32.84 -8.05 18.33
C CYS C 112 32.70 -7.32 17.00
N LYS C 113 33.65 -6.45 16.67
CA LYS C 113 33.62 -5.75 15.39
C LYS C 113 33.91 -6.72 14.25
N ASP C 114 34.85 -7.62 14.46
CA ASP C 114 35.27 -8.56 13.43
C ASP C 114 34.15 -9.52 13.01
N ILE C 115 33.32 -9.99 13.95
CA ILE C 115 32.26 -10.93 13.58
C ILE C 115 31.23 -10.27 12.66
N VAL C 116 31.02 -8.98 12.87
CA VAL C 116 30.10 -8.21 12.03
C VAL C 116 30.71 -8.07 10.63
N GLN C 117 31.96 -7.63 10.56
CA GLN C 117 32.67 -7.47 9.28
C GLN C 117 32.68 -8.77 8.51
N GLU C 118 32.93 -9.86 9.22
N GLU C 118 32.94 -9.87 9.21
CA GLU C 118 33.01 -11.18 8.61
CA GLU C 118 33.01 -11.17 8.55
C GLU C 118 31.65 -11.66 8.10
C GLU C 118 31.64 -11.68 8.10
N THR C 119 30.59 -11.36 8.85
CA THR C 119 29.26 -11.77 8.45
C THR C 119 28.93 -11.09 7.14
N VAL C 120 29.21 -9.80 7.05
CA VAL C 120 28.90 -9.03 5.84
C VAL C 120 29.73 -9.51 4.66
N ARG C 121 30.96 -9.94 4.94
CA ARG C 121 31.81 -10.43 3.88
C ARG C 121 31.32 -11.76 3.33
N GLN C 122 30.96 -12.69 4.22
CA GLN C 122 30.51 -14.00 3.82
C GLN C 122 29.07 -14.00 3.28
N LEU C 123 28.15 -13.23 3.87
CA LEU C 123 26.76 -13.25 3.43
C LEU C 123 26.42 -12.17 2.41
N GLY C 124 27.22 -11.11 2.33
CA GLY C 124 26.96 -10.03 1.37
C GLY C 124 26.37 -8.80 2.04
N SER C 125 25.62 -9.02 3.12
CA SER C 125 24.93 -7.96 3.84
C SER C 125 24.47 -8.48 5.20
N LEU C 126 23.94 -7.59 6.03
CA LEU C 126 23.36 -7.99 7.32
C LEU C 126 21.96 -7.40 7.42
N ASN C 127 20.97 -8.24 7.74
CA ASN C 127 19.59 -7.80 7.89
C ASN C 127 19.07 -7.90 9.33
N ILE C 128 19.44 -8.98 10.01
CA ILE C 128 18.95 -9.29 11.34
C ILE C 128 20.10 -9.68 12.28
N LEU C 129 20.17 -8.98 13.40
CA LEU C 129 21.12 -9.26 14.46
C LEU C 129 20.43 -9.79 15.67
N VAL C 130 20.84 -10.96 16.13
CA VAL C 130 20.27 -11.52 17.35
C VAL C 130 21.41 -11.57 18.38
N ASN C 131 21.35 -10.71 19.39
CA ASN C 131 22.36 -10.71 20.45
C ASN C 131 21.83 -11.68 21.48
N ASN C 132 22.57 -12.75 21.73
CA ASN C 132 22.08 -13.84 22.57
C ASN C 132 23.11 -14.50 23.50
N VAL C 133 24.37 -14.11 23.39
N VAL C 133 24.37 -14.15 23.36
CA VAL C 133 25.43 -14.68 24.23
CA VAL C 133 25.41 -14.71 24.23
C VAL C 133 25.23 -14.34 25.72
C VAL C 133 25.18 -14.37 25.71
N ALA C 134 25.63 -15.26 26.62
CA ALA C 134 25.57 -15.01 28.05
C ALA C 134 26.38 -16.05 28.82
N GLN C 135 26.82 -15.64 30.01
CA GLN C 135 27.43 -16.51 30.99
C GLN C 135 26.73 -16.12 32.30
N GLN C 136 26.62 -17.08 33.22
CA GLN C 136 26.01 -16.84 34.52
C GLN C 136 26.75 -17.66 35.58
N TYR C 137 27.02 -17.02 36.72
CA TYR C 137 27.77 -17.62 37.83
C TYR C 137 27.02 -17.44 39.14
N PRO C 138 26.13 -18.39 39.45
CA PRO C 138 25.36 -18.25 40.68
C PRO C 138 26.25 -18.15 41.90
N GLN C 139 25.78 -17.42 42.90
CA GLN C 139 26.48 -17.29 44.17
C GLN C 139 25.39 -17.13 45.22
N GLN C 140 25.63 -17.61 46.43
CA GLN C 140 24.63 -17.58 47.47
C GLN C 140 24.34 -16.18 47.98
N GLY C 141 25.20 -15.22 47.65
CA GLY C 141 24.96 -13.83 48.05
C GLY C 141 25.94 -12.85 47.44
N LEU C 142 25.63 -11.57 47.61
CA LEU C 142 26.47 -10.49 47.07
C LEU C 142 27.95 -10.57 47.55
N GLU C 143 28.14 -10.95 48.81
N GLU C 143 28.16 -10.93 48.82
CA GLU C 143 29.49 -11.03 49.36
CA GLU C 143 29.53 -11.00 49.34
C GLU C 143 30.37 -12.02 48.60
C GLU C 143 30.38 -12.04 48.61
N TYR C 144 29.73 -12.97 47.91
CA TYR C 144 30.43 -14.02 47.14
C TYR C 144 30.64 -13.70 45.66
N ILE C 145 30.38 -12.45 45.26
CA ILE C 145 30.58 -12.00 43.90
C ILE C 145 31.86 -11.17 43.87
N THR C 146 32.93 -11.68 43.25
CA THR C 146 34.18 -10.94 43.16
C THR C 146 34.07 -9.90 42.05
N ALA C 147 34.92 -8.88 42.11
CA ALA C 147 34.93 -7.86 41.05
C ALA C 147 35.24 -8.52 39.72
N GLU C 148 36.08 -9.56 39.77
CA GLU C 148 36.45 -10.27 38.56
C GLU C 148 35.22 -10.90 37.93
N GLN C 149 34.44 -11.59 38.74
CA GLN C 149 33.22 -12.22 38.20
C GLN C 149 32.26 -11.13 37.69
N LEU C 150 32.10 -10.06 38.46
CA LEU C 150 31.19 -8.99 38.08
C LEU C 150 31.55 -8.42 36.73
N GLU C 151 32.82 -8.10 36.53
CA GLU C 151 33.25 -7.50 35.27
C GLU C 151 33.15 -8.48 34.11
N LYS C 152 33.50 -9.73 34.38
CA LYS C 152 33.39 -10.78 33.36
C LYS C 152 31.96 -10.94 32.90
N THR C 153 31.05 -10.99 33.88
CA THR C 153 29.63 -11.18 33.58
C THR C 153 29.11 -10.02 32.73
N PHE C 154 29.46 -8.80 33.10
CA PHE C 154 29.01 -7.64 32.32
C PHE C 154 29.66 -7.54 30.94
N ARG C 155 30.95 -7.83 30.84
CA ARG C 155 31.68 -7.73 29.56
C ARG C 155 31.04 -8.62 28.48
N ILE C 156 30.68 -9.85 28.82
CA ILE C 156 30.06 -10.71 27.83
C ILE C 156 28.55 -10.51 27.70
N ASN C 157 27.85 -10.35 28.83
CA ASN C 157 26.40 -10.28 28.77
C ASN C 157 25.83 -8.98 28.22
N ILE C 158 26.48 -7.86 28.46
CA ILE C 158 25.93 -6.60 27.98
C ILE C 158 26.92 -5.81 27.16
N PHE C 159 28.19 -5.75 27.55
CA PHE C 159 29.14 -5.00 26.72
C PHE C 159 29.19 -5.56 25.29
N SER C 160 29.15 -6.89 25.13
CA SER C 160 29.20 -7.48 23.78
C SER C 160 27.99 -7.05 22.96
N TYR C 161 26.82 -6.92 23.60
CA TYR C 161 25.62 -6.47 22.90
C TYR C 161 25.85 -5.05 22.38
N PHE C 162 26.47 -4.20 23.19
CA PHE C 162 26.80 -2.85 22.73
C PHE C 162 27.76 -2.89 21.54
N HIS C 163 28.86 -3.61 21.67
CA HIS C 163 29.89 -3.61 20.62
C HIS C 163 29.46 -4.25 19.34
N VAL C 164 28.84 -5.42 19.43
CA VAL C 164 28.34 -6.06 18.22
C VAL C 164 27.27 -5.21 17.52
N THR C 165 26.31 -4.66 18.28
CA THR C 165 25.26 -3.87 17.68
C THR C 165 25.83 -2.59 17.05
N LYS C 166 26.74 -1.95 17.77
CA LYS C 166 27.40 -0.74 17.29
C LYS C 166 28.04 -0.95 15.93
N ALA C 167 28.76 -2.07 15.80
CA ALA C 167 29.43 -2.36 14.54
C ALA C 167 28.38 -2.70 13.46
N ALA C 168 27.26 -3.28 13.85
CA ALA C 168 26.22 -3.62 12.89
C ALA C 168 25.52 -2.41 12.26
N LEU C 169 25.49 -1.30 12.98
CA LEU C 169 24.79 -0.11 12.53
C LEU C 169 25.24 0.41 11.17
N SER C 170 26.49 0.23 10.81
CA SER C 170 26.99 0.65 9.48
C SER C 170 26.30 -0.12 8.37
N HIS C 171 25.75 -1.27 8.70
CA HIS C 171 25.24 -2.20 7.73
C HIS C 171 23.74 -2.38 7.72
N LEU C 172 23.08 -1.85 8.73
CA LEU C 172 21.63 -1.95 8.87
C LEU C 172 20.94 -0.75 8.20
N LYS C 173 19.83 -1.01 7.51
CA LYS C 173 19.05 0.01 6.85
C LYS C 173 17.57 -0.23 7.13
N GLN C 174 16.73 0.56 6.49
CA GLN C 174 15.28 0.47 6.65
C GLN C 174 14.80 -0.94 6.41
N GLY C 175 13.97 -1.45 7.32
CA GLY C 175 13.48 -2.82 7.21
C GLY C 175 14.33 -3.83 7.97
N ASP C 176 15.49 -3.42 8.46
CA ASP C 176 16.33 -4.37 9.21
C ASP C 176 15.92 -4.48 10.71
N VAL C 177 16.44 -5.48 11.42
CA VAL C 177 15.97 -5.79 12.73
C VAL C 177 17.03 -6.26 13.71
N ILE C 178 16.86 -5.89 14.97
CA ILE C 178 17.70 -6.34 16.07
C ILE C 178 16.83 -7.03 17.11
N ILE C 179 17.27 -8.19 17.59
CA ILE C 179 16.56 -8.88 18.67
C ILE C 179 17.58 -9.18 19.75
N ASN C 180 17.25 -8.85 21.01
CA ASN C 180 18.14 -9.08 22.13
C ASN C 180 17.57 -10.10 23.08
N THR C 181 18.35 -11.11 23.45
CA THR C 181 17.86 -12.06 24.46
C THR C 181 18.07 -11.51 25.88
N ALA C 182 16.97 -11.23 26.57
CA ALA C 182 17.03 -10.80 27.95
C ALA C 182 16.74 -12.02 28.83
N SER C 183 15.89 -11.84 29.83
CA SER C 183 15.53 -12.93 30.75
C SER C 183 14.42 -12.48 31.70
N ILE C 184 13.64 -13.44 32.19
CA ILE C 184 12.64 -13.19 33.24
C ILE C 184 13.29 -12.57 34.48
N VAL C 185 14.56 -12.89 34.72
CA VAL C 185 15.23 -12.39 35.93
C VAL C 185 15.32 -10.86 35.94
N ALA C 186 15.32 -10.23 34.78
CA ALA C 186 15.35 -8.78 34.71
C ALA C 186 14.05 -8.22 35.28
N TYR C 187 12.97 -8.99 35.19
CA TYR C 187 11.66 -8.51 35.63
C TYR C 187 11.29 -8.94 37.02
N GLU C 188 11.67 -10.15 37.36
N GLU C 188 11.64 -10.16 37.41
CA GLU C 188 11.35 -10.78 38.63
CA GLU C 188 11.30 -10.60 38.75
C GLU C 188 12.48 -10.75 39.65
C GLU C 188 12.50 -10.75 39.69
N GLY C 189 13.70 -10.52 39.20
CA GLY C 189 14.90 -10.60 40.05
C GLY C 189 15.30 -12.06 40.31
N ASN C 190 16.56 -12.27 40.68
CA ASN C 190 17.02 -13.61 41.13
C ASN C 190 18.06 -13.51 42.25
N GLU C 191 17.70 -13.99 43.43
CA GLU C 191 18.56 -13.87 44.62
C GLU C 191 19.97 -14.50 44.52
N THR C 192 20.15 -15.51 43.68
CA THR C 192 21.46 -16.14 43.54
C THR C 192 22.16 -15.75 42.27
N LEU C 193 21.53 -14.88 41.49
CA LEU C 193 22.11 -14.43 40.23
C LEU C 193 22.00 -12.92 40.14
N ILE C 194 22.52 -12.25 41.16
CA ILE C 194 22.38 -10.81 41.30
C ILE C 194 23.09 -10.06 40.17
N ASP C 195 24.34 -10.43 39.91
CA ASP C 195 25.10 -9.78 38.82
C ASP C 195 24.51 -10.08 37.44
N TYR C 196 24.25 -11.36 37.19
CA TYR C 196 23.64 -11.77 35.93
C TYR C 196 22.31 -11.02 35.71
N SER C 197 21.48 -10.96 36.75
CA SER C 197 20.19 -10.31 36.61
C SER C 197 20.35 -8.84 36.25
N ALA C 198 21.37 -8.21 36.82
CA ALA C 198 21.64 -6.81 36.54
C ALA C 198 22.04 -6.62 35.07
N THR C 199 22.81 -7.57 34.51
CA THR C 199 23.16 -7.48 33.10
C THR C 199 21.91 -7.61 32.23
N LYS C 200 20.98 -8.45 32.65
CA LYS C 200 19.74 -8.66 31.89
C LYS C 200 18.83 -7.43 31.99
N GLY C 201 18.82 -6.79 33.15
CA GLY C 201 18.08 -5.51 33.31
C GLY C 201 18.71 -4.45 32.40
N ALA C 202 20.05 -4.48 32.28
CA ALA C 202 20.74 -3.57 31.34
C ALA C 202 20.27 -3.81 29.91
N ILE C 203 20.12 -5.08 29.54
CA ILE C 203 19.66 -5.45 28.18
C ILE C 203 18.24 -4.94 27.89
N VAL C 204 17.37 -5.01 28.89
CA VAL C 204 16.00 -4.51 28.70
C VAL C 204 16.03 -3.00 28.43
N ALA C 205 16.79 -2.24 29.23
CA ALA C 205 16.87 -0.80 29.06
C ALA C 205 17.54 -0.43 27.73
N PHE C 206 18.56 -1.21 27.38
CA PHE C 206 19.27 -1.05 26.10
C PHE C 206 18.29 -1.22 24.94
N THR C 207 17.50 -2.27 25.02
CA THR C 207 16.51 -2.55 23.99
C THR C 207 15.54 -1.41 23.81
N ARG C 208 15.00 -0.90 24.93
CA ARG C 208 14.06 0.19 24.87
C ARG C 208 14.69 1.48 24.29
N SER C 209 15.85 1.86 24.78
CA SER C 209 16.51 3.07 24.31
C SER C 209 16.93 2.98 22.84
N LEU C 210 17.48 1.84 22.46
CA LEU C 210 17.90 1.68 21.08
C LEU C 210 16.70 1.67 20.13
N SER C 211 15.58 1.07 20.54
CA SER C 211 14.42 1.08 19.67
C SER C 211 14.05 2.52 19.36
N GLN C 212 14.09 3.39 20.35
CA GLN C 212 13.70 4.78 20.12
C GLN C 212 14.75 5.51 19.30
N SER C 213 16.01 5.15 19.48
CA SER C 213 17.11 5.75 18.70
C SER C 213 17.05 5.39 17.22
N LEU C 214 16.64 4.16 16.91
CA LEU C 214 16.65 3.67 15.54
C LEU C 214 15.33 3.68 14.79
N VAL C 215 14.23 4.05 15.45
CA VAL C 215 12.93 3.93 14.82
C VAL C 215 12.78 4.73 13.52
N GLN C 216 13.31 5.94 13.47
CA GLN C 216 13.16 6.74 12.29
C GLN C 216 14.08 6.23 11.16
N LYS C 217 15.03 5.37 11.50
CA LYS C 217 15.87 4.74 10.49
C LYS C 217 15.21 3.48 9.94
N GLY C 218 14.07 3.12 10.52
CA GLY C 218 13.34 1.93 10.09
C GLY C 218 13.97 0.63 10.56
N ILE C 219 14.69 0.69 11.67
CA ILE C 219 15.30 -0.48 12.27
C ILE C 219 14.55 -0.76 13.56
N ARG C 220 13.98 -1.97 13.67
CA ARG C 220 13.19 -2.35 14.83
C ARG C 220 14.10 -3.07 15.80
N VAL C 221 13.85 -2.86 17.08
CA VAL C 221 14.63 -3.46 18.15
C VAL C 221 13.68 -3.96 19.23
N ASN C 222 13.71 -5.26 19.46
CA ASN C 222 12.85 -5.89 20.45
C ASN C 222 13.63 -6.98 21.20
N GLY C 223 13.00 -7.57 22.20
CA GLY C 223 13.64 -8.60 22.95
C GLY C 223 12.80 -9.82 23.21
N VAL C 224 13.46 -10.88 23.66
CA VAL C 224 12.80 -12.08 24.14
C VAL C 224 13.31 -12.31 25.57
N ALA C 225 12.38 -12.55 26.49
CA ALA C 225 12.71 -12.84 27.88
C ALA C 225 12.32 -14.27 28.23
N PRO C 226 13.26 -15.21 28.06
CA PRO C 226 12.89 -16.58 28.42
C PRO C 226 12.82 -16.82 29.91
N GLY C 227 12.10 -17.87 30.29
CA GLY C 227 12.05 -18.34 31.66
C GLY C 227 13.03 -19.49 31.71
N PRO C 228 12.77 -20.52 32.53
CA PRO C 228 13.74 -21.61 32.61
C PRO C 228 13.67 -22.54 31.42
N ILE C 229 14.70 -22.49 30.57
CA ILE C 229 14.80 -23.30 29.36
C ILE C 229 15.96 -24.29 29.50
N TRP C 230 15.73 -25.54 29.10
CA TRP C 230 16.73 -26.58 29.22
C TRP C 230 17.80 -26.43 28.13
N THR C 231 18.93 -25.84 28.52
CA THR C 231 20.05 -25.55 27.58
C THR C 231 21.39 -25.87 28.26
N PRO C 232 22.52 -25.79 27.51
CA PRO C 232 23.82 -26.05 28.15
C PRO C 232 24.18 -25.08 29.29
N LEU C 233 23.55 -23.91 29.33
CA LEU C 233 23.82 -22.91 30.38
C LEU C 233 23.46 -23.44 31.77
N ILE C 234 22.47 -24.32 31.82
CA ILE C 234 21.93 -24.79 33.09
C ILE C 234 22.86 -25.77 33.82
N PRO C 235 23.14 -26.95 33.24
CA PRO C 235 24.04 -27.86 33.95
C PRO C 235 25.47 -27.32 34.14
N SER C 236 25.86 -26.30 33.36
CA SER C 236 27.21 -25.76 33.47
C SER C 236 27.34 -24.66 34.53
N SER C 237 26.22 -24.17 35.04
CA SER C 237 26.26 -23.12 36.07
C SER C 237 25.67 -23.57 37.41
N PHE C 238 24.57 -24.32 37.35
CA PHE C 238 23.90 -24.79 38.57
C PHE C 238 24.42 -26.14 39.03
N ASP C 239 24.28 -26.41 40.32
CA ASP C 239 24.70 -27.70 40.88
C ASP C 239 23.68 -28.76 40.55
N GLU C 240 24.06 -30.03 40.69
CA GLU C 240 23.20 -31.16 40.35
C GLU C 240 21.83 -31.13 41.00
N LYS C 241 21.78 -30.79 42.29
CA LYS C 241 20.52 -30.69 43.01
C LYS C 241 19.61 -29.68 42.33
N LYS C 242 20.10 -28.45 42.18
CA LYS C 242 19.34 -27.40 41.51
C LYS C 242 18.96 -27.79 40.07
N VAL C 243 19.91 -28.35 39.33
CA VAL C 243 19.62 -28.75 37.96
C VAL C 243 18.42 -29.71 37.92
N SER C 244 18.38 -30.65 38.86
CA SER C 244 17.35 -31.68 38.87
C SER C 244 15.94 -31.14 39.09
N GLN C 245 15.82 -29.97 39.72
CA GLN C 245 14.52 -29.38 40.00
C GLN C 245 14.21 -28.19 39.12
N PHE C 246 15.07 -27.97 38.13
CA PHE C 246 14.97 -26.87 37.21
C PHE C 246 13.62 -26.81 36.46
N GLY C 247 12.99 -25.64 36.48
CA GLY C 247 11.71 -25.43 35.79
C GLY C 247 10.47 -25.80 36.59
N SER C 248 10.65 -26.44 37.75
CA SER C 248 9.50 -26.86 38.55
C SER C 248 8.83 -25.71 39.27
N ASN C 249 9.42 -24.52 39.22
CA ASN C 249 8.89 -23.35 39.93
C ASN C 249 7.82 -22.53 39.19
N VAL C 250 7.77 -22.64 37.86
CA VAL C 250 6.85 -21.86 37.02
C VAL C 250 5.47 -22.53 36.96
N PRO C 251 4.41 -21.76 36.62
CA PRO C 251 3.06 -22.36 36.62
C PRO C 251 2.86 -23.59 35.72
N GLN C 253 4.86 -25.89 35.46
CA GLN C 253 5.55 -26.96 36.18
C GLN C 253 6.54 -27.77 35.35
N ARG C 254 7.25 -27.08 34.46
CA ARG C 254 8.28 -27.71 33.66
C ARG C 254 9.14 -26.62 33.03
N PRO C 255 10.39 -26.96 32.73
CA PRO C 255 11.18 -26.01 32.02
C PRO C 255 10.76 -26.06 30.56
N GLY C 256 11.05 -25.01 29.80
CA GLY C 256 10.74 -24.98 28.40
C GLY C 256 11.87 -25.64 27.62
N GLN C 257 11.59 -25.97 26.37
CA GLN C 257 12.59 -26.55 25.48
C GLN C 257 13.01 -25.46 24.49
N PRO C 258 14.26 -25.51 24.01
CA PRO C 258 14.70 -24.45 23.10
C PRO C 258 13.77 -24.20 21.91
N TYR C 259 13.14 -25.25 21.40
CA TYR C 259 12.32 -25.07 20.24
C TYR C 259 11.10 -24.23 20.53
N GLU C 260 10.70 -24.12 21.81
CA GLU C 260 9.53 -23.34 22.17
C GLU C 260 9.83 -21.85 22.17
N LEU C 261 11.11 -21.52 22.06
CA LEU C 261 11.55 -20.13 22.00
C LEU C 261 11.66 -19.64 20.57
N ALA C 262 11.97 -20.53 19.65
CA ALA C 262 12.24 -20.10 18.26
C ALA C 262 11.15 -19.29 17.56
N PRO C 263 9.87 -19.70 17.67
CA PRO C 263 8.85 -18.93 16.97
C PRO C 263 8.72 -17.46 17.39
N ALA C 264 9.02 -17.13 18.65
CA ALA C 264 9.01 -15.73 19.09
C ALA C 264 10.09 -14.94 18.36
N TYR C 265 11.26 -15.55 18.20
CA TYR C 265 12.33 -14.88 17.46
C TYR C 265 11.93 -14.73 15.99
N VAL C 266 11.33 -15.76 15.40
CA VAL C 266 10.84 -15.68 14.01
C VAL C 266 9.85 -14.53 13.84
N TYR C 267 8.90 -14.40 14.78
CA TYR C 267 7.92 -13.32 14.76
C TYR C 267 8.62 -11.95 14.79
N LEU C 268 9.53 -11.77 15.75
CA LEU C 268 10.22 -10.49 15.86
C LEU C 268 11.18 -10.18 14.72
N ALA C 269 11.76 -11.21 14.11
CA ALA C 269 12.71 -11.03 13.01
C ALA C 269 12.08 -10.72 11.64
N SER C 270 10.84 -11.16 11.44
CA SER C 270 10.18 -11.02 10.14
C SER C 270 9.25 -9.84 10.04
N SER C 271 8.75 -9.59 8.83
CA SER C 271 7.81 -8.51 8.60
C SER C 271 6.46 -8.76 9.31
N ASP C 272 6.31 -9.93 9.92
CA ASP C 272 5.13 -10.25 10.70
C ASP C 272 4.95 -9.27 11.87
N SER C 273 6.07 -8.70 12.36
CA SER C 273 6.07 -7.73 13.49
C SER C 273 6.44 -6.32 13.06
N SER C 274 6.10 -5.97 11.83
CA SER C 274 6.39 -4.65 11.27
C SER C 274 5.92 -3.47 12.11
N TYR C 275 4.90 -3.65 12.97
CA TYR C 275 4.46 -2.56 13.81
C TYR C 275 4.93 -2.73 15.28
N VAL C 276 5.97 -3.53 15.48
CA VAL C 276 6.49 -3.83 16.82
C VAL C 276 7.95 -3.41 17.01
N THR C 277 8.17 -2.50 17.95
CA THR C 277 9.53 -2.10 18.36
C THR C 277 9.48 -1.68 19.81
N GLY C 278 10.58 -1.95 20.52
CA GLY C 278 10.72 -1.58 21.93
C GLY C 278 10.13 -2.57 22.92
N GLN C 279 9.69 -3.72 22.41
CA GLN C 279 8.96 -4.69 23.21
C GLN C 279 9.72 -5.93 23.60
N ILE C 281 9.02 -10.20 24.41
CA ILE C 281 8.11 -11.35 24.37
C ILE C 281 8.53 -12.27 25.49
N HIS C 282 7.60 -12.50 26.41
CA HIS C 282 7.85 -13.32 27.59
C HIS C 282 7.41 -14.77 27.35
N VAL C 283 8.39 -15.65 27.28
CA VAL C 283 8.19 -17.08 26.99
C VAL C 283 8.74 -17.79 28.22
N ASN C 284 7.90 -17.96 29.23
CA ASN C 284 8.40 -18.37 30.53
C ASN C 284 7.59 -19.37 31.32
N GLY C 285 6.64 -20.05 30.70
CA GLY C 285 5.85 -21.07 31.41
C GLY C 285 4.72 -20.54 32.27
N GLY C 286 4.33 -19.28 32.04
CA GLY C 286 3.19 -18.67 32.71
C GLY C 286 3.46 -17.70 33.85
N VAL C 287 4.71 -17.27 34.03
CA VAL C 287 5.01 -16.35 35.13
C VAL C 287 4.53 -14.97 34.72
N ILE C 288 3.68 -14.38 35.56
CA ILE C 288 3.15 -13.06 35.27
C ILE C 288 4.20 -12.04 35.69
N VAL C 289 4.52 -11.10 34.83
CA VAL C 289 5.56 -10.11 35.12
C VAL C 289 5.06 -8.69 34.82
N ASN C 290 3.76 -8.48 34.98
CA ASN C 290 3.15 -7.18 34.66
C ASN C 290 3.46 -6.78 33.23
N GLY C 291 3.55 -7.77 32.35
CA GLY C 291 3.86 -7.50 30.95
C GLY C 291 2.68 -7.05 30.11
N VAL D 11 -1.25 15.37 9.26
CA VAL D 11 -2.48 14.82 8.62
C VAL D 11 -2.19 13.47 7.96
N THR D 12 -2.13 12.42 8.77
CA THR D 12 -1.86 11.06 8.28
C THR D 12 -3.01 10.51 7.43
N PRO D 14 -7.29 11.03 5.86
CA PRO D 14 -8.26 12.05 5.46
C PRO D 14 -9.36 12.23 6.50
N ALA D 15 -9.67 13.50 6.80
CA ALA D 15 -10.70 13.81 7.78
C ALA D 15 -12.01 13.13 7.37
N GLN D 16 -12.59 12.36 8.29
CA GLN D 16 -13.84 11.64 8.04
C GLN D 16 -14.46 11.17 9.37
N HIS D 17 -15.75 10.88 9.34
CA HIS D 17 -16.45 10.43 10.53
C HIS D 17 -17.73 9.69 10.16
N GLN D 18 -18.07 8.66 10.94
CA GLN D 18 -19.31 7.92 10.75
C GLN D 18 -20.18 8.21 11.96
N ASN D 19 -21.49 8.39 11.73
CA ASN D 19 -22.39 8.74 12.83
C ASN D 19 -22.73 7.61 13.77
N LYS D 20 -22.68 6.37 13.31
CA LYS D 20 -22.98 5.27 14.24
C LYS D 20 -21.82 4.32 14.47
N GLN D 21 -21.81 3.77 15.67
CA GLN D 21 -20.79 2.84 16.07
C GLN D 21 -21.57 1.59 16.45
N PRO D 22 -21.08 0.40 16.11
CA PRO D 22 -19.86 -0.01 15.41
C PRO D 22 -19.78 0.51 13.99
N GLY D 23 -18.60 1.01 13.63
CA GLY D 23 -18.36 1.54 12.29
C GLY D 23 -18.44 0.51 11.18
N ILE D 24 -18.60 1.00 9.94
CA ILE D 24 -18.67 0.15 8.75
C ILE D 24 -17.39 0.34 7.96
N GLU D 25 -16.68 -0.74 7.70
CA GLU D 25 -15.39 -0.67 7.00
C GLU D 25 -15.53 -0.18 5.55
N SER D 26 -16.57 -0.65 4.86
CA SER D 26 -16.80 -0.27 3.46
C SER D 26 -16.98 1.24 3.22
N LEU D 27 -17.17 2.04 4.28
CA LEU D 27 -17.33 3.49 4.13
C LEU D 27 -16.01 4.25 4.31
N ASN D 29 -12.09 5.61 3.84
CA ASN D 29 -11.13 6.00 2.84
C ASN D 29 -9.88 6.48 3.57
N PRO D 30 -8.76 5.79 3.36
CA PRO D 30 -8.62 4.60 2.54
C PRO D 30 -9.19 3.40 3.29
N LEU D 31 -9.37 2.31 2.56
CA LEU D 31 -9.82 1.08 3.17
C LEU D 31 -8.65 0.43 3.93
N PRO D 32 -8.90 0.00 5.16
CA PRO D 32 -7.86 -0.65 5.92
C PRO D 32 -7.32 -1.84 5.18
N GLN D 33 -6.00 -2.05 5.28
CA GLN D 33 -5.42 -3.22 4.68
C GLN D 33 -5.49 -4.33 5.73
N PHE D 34 -6.31 -5.34 5.44
CA PHE D 34 -6.53 -6.47 6.33
C PHE D 34 -5.77 -7.70 5.92
N GLU D 35 -5.10 -7.63 4.79
CA GLU D 35 -4.38 -8.77 4.29
C GLU D 35 -2.99 -8.40 3.78
N ASP D 36 -1.99 -9.23 4.08
CA ASP D 36 -0.66 -9.05 3.52
C ASP D 36 -0.64 -10.00 2.33
N PRO D 37 -0.50 -9.47 1.11
CA PRO D 37 -0.50 -10.31 -0.09
C PRO D 37 0.58 -11.37 -0.08
N ASN D 38 1.73 -11.02 0.51
CA ASN D 38 2.86 -11.93 0.60
C ASN D 38 2.75 -12.96 1.72
N TYR D 39 1.74 -12.84 2.59
CA TYR D 39 1.60 -13.77 3.72
C TYR D 39 1.31 -15.16 3.24
N LYS D 40 2.06 -16.13 3.76
N LYS D 40 2.07 -16.13 3.76
CA LYS D 40 1.91 -17.52 3.37
CA LYS D 40 1.91 -17.52 3.36
C LYS D 40 1.56 -18.34 4.59
C LYS D 40 1.56 -18.35 4.59
N GLY D 41 0.43 -19.03 4.52
CA GLY D 41 -0.02 -19.90 5.59
C GLY D 41 0.85 -21.15 5.59
N SER D 42 0.90 -21.87 6.71
CA SER D 42 1.71 -23.08 6.82
C SER D 42 1.06 -24.11 7.75
N GLU D 43 -0.27 -24.13 7.74
CA GLU D 43 -1.04 -25.09 8.53
C GLU D 43 -0.84 -24.97 10.05
N LYS D 44 -0.51 -23.77 10.53
CA LYS D 44 -0.27 -23.57 11.96
C LYS D 44 -1.52 -23.89 12.81
N LEU D 45 -2.72 -23.76 12.24
CA LEU D 45 -3.97 -24.03 12.96
C LEU D 45 -4.87 -25.02 12.20
N LYS D 46 -4.26 -25.95 11.47
CA LYS D 46 -5.05 -26.85 10.65
C LYS D 46 -6.11 -27.66 11.41
N GLY D 47 -7.34 -27.53 10.97
CA GLY D 47 -8.44 -28.27 11.55
C GLY D 47 -8.96 -27.67 12.85
N LYS D 48 -8.39 -26.54 13.29
CA LYS D 48 -8.85 -25.89 14.52
C LYS D 48 -10.13 -25.10 14.29
N ASN D 49 -10.99 -25.09 15.30
CA ASN D 49 -12.26 -24.38 15.26
C ASN D 49 -12.21 -23.12 16.11
N VAL D 50 -12.43 -21.97 15.47
CA VAL D 50 -12.28 -20.68 16.16
C VAL D 50 -13.55 -19.86 16.27
N LEU D 51 -13.71 -19.21 17.42
CA LEU D 51 -14.76 -18.26 17.65
C LEU D 51 -14.06 -16.92 17.90
N ILE D 52 -14.30 -15.96 17.02
CA ILE D 52 -13.71 -14.64 17.14
C ILE D 52 -14.84 -13.63 17.32
N THR D 53 -14.91 -12.94 18.46
CA THR D 53 -15.95 -11.94 18.61
C THR D 53 -15.40 -10.66 18.00
N GLY D 54 -16.21 -10.02 17.16
CA GLY D 54 -15.83 -8.81 16.47
C GLY D 54 -14.94 -9.11 15.27
N GLY D 55 -15.09 -10.30 14.68
CA GLY D 55 -14.25 -10.75 13.55
C GLY D 55 -14.66 -10.34 12.15
N ASP D 56 -15.64 -9.46 12.06
CA ASP D 56 -16.22 -9.00 10.80
C ASP D 56 -15.46 -7.87 10.15
N SER D 57 -14.71 -7.13 10.95
CA SER D 57 -14.04 -5.95 10.45
C SER D 57 -12.79 -5.67 11.26
N GLY D 58 -12.08 -4.63 10.84
CA GLY D 58 -10.84 -4.22 11.52
C GLY D 58 -9.87 -5.34 11.84
N ILE D 59 -9.38 -5.33 13.07
CA ILE D 59 -8.41 -6.34 13.53
C ILE D 59 -9.00 -7.73 13.43
N GLY D 60 -10.26 -7.88 13.84
CA GLY D 60 -10.96 -9.17 13.76
C GLY D 60 -11.00 -9.78 12.36
N ARG D 61 -11.27 -8.95 11.36
CA ARG D 61 -11.28 -9.40 9.97
C ARG D 61 -9.91 -9.96 9.60
N ALA D 62 -8.86 -9.21 9.91
CA ALA D 62 -7.50 -9.61 9.56
C ALA D 62 -7.13 -10.91 10.27
N VAL D 63 -7.56 -11.06 11.52
CA VAL D 63 -7.30 -12.29 12.28
C VAL D 63 -8.06 -13.48 11.68
N SER D 64 -9.35 -13.29 11.37
CA SER D 64 -10.16 -14.35 10.75
C SER D 64 -9.51 -14.90 9.49
N ILE D 65 -9.07 -13.98 8.63
CA ILE D 65 -8.47 -14.37 7.36
C ILE D 65 -7.13 -15.03 7.54
N ALA D 66 -6.29 -14.54 8.46
CA ALA D 66 -4.99 -15.16 8.68
C ALA D 66 -5.17 -16.58 9.24
N PHE D 67 -6.13 -16.74 10.14
CA PHE D 67 -6.43 -18.02 10.77
C PHE D 67 -6.92 -19.03 9.70
N ALA D 68 -7.73 -18.56 8.77
CA ALA D 68 -8.26 -19.41 7.70
C ALA D 68 -7.11 -19.89 6.82
N LYS D 69 -6.22 -18.95 6.51
CA LYS D 69 -5.00 -19.26 5.78
C LYS D 69 -4.15 -20.30 6.51
N GLU D 70 -4.24 -20.33 7.83
CA GLU D 70 -3.52 -21.31 8.64
C GLU D 70 -4.31 -22.62 8.82
N GLY D 71 -5.47 -22.70 8.16
CA GLY D 71 -6.26 -23.91 8.12
C GLY D 71 -7.38 -24.03 9.13
N ALA D 72 -7.69 -22.93 9.82
CA ALA D 72 -8.73 -22.95 10.85
C ALA D 72 -10.11 -22.64 10.30
N ASN D 73 -11.11 -23.26 10.91
CA ASN D 73 -12.50 -22.95 10.63
C ASN D 73 -12.89 -21.79 11.59
N ILE D 74 -13.58 -20.80 11.05
CA ILE D 74 -13.86 -19.57 11.76
C ILE D 74 -15.36 -19.26 11.93
N ALA D 75 -15.75 -19.09 13.18
CA ALA D 75 -17.08 -18.60 13.54
C ALA D 75 -16.88 -17.11 13.87
N ILE D 76 -17.59 -16.25 13.16
CA ILE D 76 -17.47 -14.81 13.35
C ILE D 76 -18.70 -14.19 13.97
N ALA D 77 -18.56 -13.63 15.17
CA ALA D 77 -19.66 -12.94 15.84
C ALA D 77 -19.47 -11.45 15.61
N TYR D 78 -20.56 -10.73 15.47
CA TYR D 78 -20.54 -9.29 15.23
C TYR D 78 -21.93 -8.75 15.59
N LEU D 79 -22.07 -7.44 15.69
CA LEU D 79 -23.36 -6.88 16.07
C LEU D 79 -24.37 -7.00 14.92
N ASP D 80 -24.19 -6.16 13.90
CA ASP D 80 -25.13 -6.11 12.78
C ASP D 80 -24.48 -5.71 11.45
N GLU D 81 -23.15 -5.72 11.37
CA GLU D 81 -22.48 -5.31 10.15
C GLU D 81 -22.45 -6.48 9.16
N GLU D 82 -23.61 -6.73 8.58
CA GLU D 82 -23.81 -7.86 7.68
C GLU D 82 -22.95 -7.79 6.42
N GLY D 83 -22.83 -6.60 5.82
CA GLY D 83 -22.02 -6.41 4.61
C GLY D 83 -20.56 -6.70 4.92
N ASP D 84 -20.04 -6.05 5.94
CA ASP D 84 -18.68 -6.31 6.38
C ASP D 84 -18.50 -7.80 6.70
N ALA D 85 -19.40 -8.38 7.48
CA ALA D 85 -19.25 -9.79 7.86
C ALA D 85 -19.25 -10.72 6.65
N ASN D 86 -20.14 -10.47 5.69
CA ASN D 86 -20.21 -11.31 4.49
C ASN D 86 -18.91 -11.24 3.71
N GLU D 87 -18.38 -10.03 3.54
CA GLU D 87 -17.13 -9.85 2.81
C GLU D 87 -16.03 -10.63 3.50
N THR D 88 -15.95 -10.51 4.81
CA THR D 88 -14.95 -11.25 5.57
C THR D 88 -15.13 -12.75 5.30
N LYS D 89 -16.38 -13.20 5.31
CA LYS D 89 -16.69 -14.62 5.05
C LYS D 89 -16.20 -15.06 3.68
N GLN D 90 -16.28 -14.17 2.69
CA GLN D 90 -15.81 -14.50 1.35
C GLN D 90 -14.31 -14.75 1.37
N TYR D 91 -13.56 -13.84 1.99
CA TYR D 91 -12.12 -13.99 2.06
C TYR D 91 -11.73 -15.26 2.82
N VAL D 92 -12.46 -15.56 3.89
CA VAL D 92 -12.19 -16.74 4.72
C VAL D 92 -12.38 -18.03 3.93
N GLU D 93 -13.54 -18.15 3.27
CA GLU D 93 -13.88 -19.34 2.51
C GLU D 93 -13.00 -19.50 1.26
N LYS D 94 -12.46 -18.39 0.78
CA LYS D 94 -11.54 -18.43 -0.35
C LYS D 94 -10.39 -19.36 0.00
N GLU D 95 -10.12 -19.52 1.29
CA GLU D 95 -9.04 -20.37 1.78
C GLU D 95 -9.44 -21.84 1.93
N GLY D 96 -10.68 -22.17 1.61
CA GLY D 96 -11.15 -23.55 1.68
C GLY D 96 -11.54 -24.12 3.04
N VAL D 97 -11.84 -23.24 3.99
CA VAL D 97 -12.21 -23.68 5.32
C VAL D 97 -13.68 -23.28 5.55
N LYS D 98 -14.26 -23.71 6.66
CA LYS D 98 -15.65 -23.38 7.02
C LYS D 98 -15.76 -22.03 7.74
N CYS D 99 -16.81 -21.27 7.46
CA CYS D 99 -17.04 -19.99 8.09
C CYS D 99 -18.50 -19.84 8.46
N VAL D 100 -18.76 -19.44 9.70
CA VAL D 100 -20.11 -19.25 10.21
C VAL D 100 -20.28 -17.81 10.70
N LEU D 101 -21.38 -17.16 10.30
CA LEU D 101 -21.62 -15.79 10.73
C LEU D 101 -22.64 -15.81 11.88
N LEU D 102 -22.33 -15.14 12.99
CA LEU D 102 -23.21 -15.09 14.18
C LEU D 102 -23.50 -13.66 14.63
N PRO D 103 -24.46 -12.99 13.97
CA PRO D 103 -24.78 -11.63 14.35
C PRO D 103 -25.55 -11.57 15.66
N GLY D 104 -25.54 -10.43 16.32
CA GLY D 104 -26.28 -10.29 17.58
C GLY D 104 -25.57 -9.42 18.59
N ASP D 105 -26.29 -8.89 19.57
CA ASP D 105 -25.74 -7.99 20.57
C ASP D 105 -25.13 -8.75 21.74
N LEU D 106 -23.81 -8.72 21.86
CA LEU D 106 -23.09 -9.42 22.93
C LEU D 106 -23.13 -8.69 24.28
N SER D 107 -23.85 -7.58 24.35
CA SER D 107 -24.01 -6.88 25.61
C SER D 107 -25.10 -7.61 26.42
N ASP D 108 -25.71 -8.64 25.83
CA ASP D 108 -26.74 -9.47 26.46
C ASP D 108 -26.09 -10.80 26.81
N GLU D 109 -26.11 -11.15 28.10
CA GLU D 109 -25.47 -12.39 28.55
C GLU D 109 -25.92 -13.63 27.78
N GLN D 110 -27.22 -13.75 27.60
CA GLN D 110 -27.76 -14.94 26.97
C GLN D 110 -27.18 -15.14 25.58
N HIS D 111 -27.12 -14.06 24.81
CA HIS D 111 -26.54 -14.16 23.50
C HIS D 111 -25.08 -14.58 23.56
N CYS D 112 -24.35 -14.16 24.59
CA CYS D 112 -22.95 -14.54 24.74
C CYS D 112 -22.88 -16.05 24.84
N LYS D 113 -23.86 -16.62 25.53
CA LYS D 113 -23.94 -18.06 25.66
C LYS D 113 -24.32 -18.64 24.29
N ASP D 114 -25.32 -18.06 23.64
CA ASP D 114 -25.80 -18.57 22.34
C ASP D 114 -24.72 -18.64 21.25
N ILE D 115 -23.86 -17.63 21.13
CA ILE D 115 -22.85 -17.69 20.08
C ILE D 115 -21.87 -18.85 20.32
N VAL D 116 -21.63 -19.19 21.57
CA VAL D 116 -20.76 -20.32 21.89
C VAL D 116 -21.45 -21.63 21.56
N GLN D 117 -22.70 -21.78 21.96
CA GLN D 117 -23.46 -23.01 21.66
C GLN D 117 -23.56 -23.25 20.14
N GLU D 118 -23.78 -22.16 19.42
CA GLU D 118 -23.96 -22.17 17.98
C GLU D 118 -22.67 -22.54 17.26
N THR D 119 -21.55 -22.05 17.78
CA THR D 119 -20.26 -22.35 17.18
C THR D 119 -20.01 -23.85 17.30
N VAL D 120 -20.25 -24.40 18.48
CA VAL D 120 -20.05 -25.83 18.68
C VAL D 120 -21.04 -26.65 17.84
N ARG D 121 -22.25 -26.15 17.62
CA ARG D 121 -23.20 -26.97 16.83
C ARG D 121 -22.83 -26.97 15.34
N GLN D 122 -22.34 -25.85 14.81
CA GLN D 122 -22.06 -25.74 13.39
C GLN D 122 -20.63 -26.23 13.05
N LEU D 123 -19.64 -25.88 13.88
CA LEU D 123 -18.26 -26.29 13.62
C LEU D 123 -17.94 -27.64 14.23
N GLY D 124 -18.70 -28.04 15.23
CA GLY D 124 -18.53 -29.36 15.86
C GLY D 124 -17.79 -29.35 17.17
N SER D 125 -16.99 -28.32 17.39
N SER D 125 -16.99 -28.32 17.40
CA SER D 125 -16.19 -28.19 18.60
CA SER D 125 -16.25 -28.20 18.65
C SER D 125 -15.62 -26.80 18.67
C SER D 125 -15.61 -26.82 18.67
N LEU D 126 -14.93 -26.50 19.77
CA LEU D 126 -14.27 -25.20 19.94
C LEU D 126 -12.84 -25.36 20.47
N ASN D 127 -11.86 -24.79 19.77
CA ASN D 127 -10.45 -24.88 20.20
C ASN D 127 -9.85 -23.55 20.62
N ILE D 128 -10.22 -22.48 19.90
CA ILE D 128 -9.63 -21.17 20.11
C ILE D 128 -10.69 -20.09 20.20
N LEU D 129 -10.66 -19.34 21.29
CA LEU D 129 -11.59 -18.24 21.49
C LEU D 129 -10.83 -16.94 21.44
N VAL D 130 -11.26 -16.05 20.56
CA VAL D 130 -10.66 -14.74 20.47
C VAL D 130 -11.73 -13.72 20.88
N ASN D 131 -11.61 -13.18 22.10
CA ASN D 131 -12.48 -12.11 22.60
C ASN D 131 -11.89 -10.81 22.10
N ASN D 132 -12.65 -10.08 21.27
CA ASN D 132 -12.12 -8.92 20.58
C ASN D 132 -13.08 -7.74 20.35
N VAL D 133 -14.36 -7.88 20.71
CA VAL D 133 -15.33 -6.78 20.49
C VAL D 133 -15.05 -5.61 21.41
N ALA D 134 -15.46 -4.43 20.98
CA ALA D 134 -15.30 -3.24 21.81
C ALA D 134 -16.08 -2.08 21.23
N GLN D 135 -16.43 -1.14 22.11
CA GLN D 135 -17.01 0.15 21.75
C GLN D 135 -16.26 1.19 22.58
N GLN D 136 -16.14 2.41 22.07
CA GLN D 136 -15.42 3.46 22.79
C GLN D 136 -16.09 4.81 22.58
N TYR D 137 -16.29 5.55 23.67
CA TYR D 137 -16.96 6.85 23.59
C TYR D 137 -16.08 7.98 24.20
N PRO D 138 -15.27 8.63 23.36
CA PRO D 138 -14.40 9.69 23.86
C PRO D 138 -15.16 10.83 24.53
N GLN D 139 -14.60 11.36 25.60
CA GLN D 139 -15.20 12.47 26.29
C GLN D 139 -14.06 13.34 26.78
N GLN D 140 -14.29 14.64 26.87
CA GLN D 140 -13.24 15.58 27.27
C GLN D 140 -12.83 15.47 28.75
N GLY D 141 -13.62 14.81 29.58
CA GLY D 141 -13.26 14.60 30.97
C GLY D 141 -14.22 13.64 31.67
N LEU D 142 -13.87 13.24 32.87
CA LEU D 142 -14.70 12.35 33.67
C LEU D 142 -16.11 12.90 33.89
N GLU D 143 -16.22 14.22 34.08
N GLU D 143 -16.24 14.22 34.10
CA GLU D 143 -17.52 14.85 34.27
CA GLU D 143 -17.57 14.82 34.28
C GLU D 143 -18.48 14.69 33.07
C GLU D 143 -18.51 14.62 33.09
N TYR D 144 -17.95 14.27 31.93
CA TYR D 144 -18.79 14.06 30.75
C TYR D 144 -19.11 12.59 30.49
N ILE D 145 -18.77 11.71 31.43
CA ILE D 145 -19.07 10.28 31.29
C ILE D 145 -20.32 10.02 32.15
N THR D 146 -21.43 9.67 31.50
CA THR D 146 -22.66 9.37 32.24
C THR D 146 -22.57 7.94 32.75
N ALA D 147 -23.40 7.61 33.73
CA ALA D 147 -23.49 6.25 34.26
C ALA D 147 -23.90 5.31 33.13
N GLU D 148 -24.76 5.80 32.23
N GLU D 148 -24.76 5.81 32.24
CA GLU D 148 -25.22 5.00 31.11
CA GLU D 148 -25.23 5.04 31.11
C GLU D 148 -24.07 4.61 30.17
C GLU D 148 -24.07 4.62 30.19
N GLN D 149 -23.23 5.58 29.81
CA GLN D 149 -22.07 5.27 28.96
C GLN D 149 -21.10 4.37 29.70
N LEU D 150 -20.88 4.65 30.99
CA LEU D 150 -19.94 3.84 31.79
C LEU D 150 -20.33 2.37 31.75
N GLU D 151 -21.58 2.10 32.09
CA GLU D 151 -22.10 0.74 32.14
C GLU D 151 -22.12 0.05 30.77
N LYS D 152 -22.55 0.79 29.74
CA LYS D 152 -22.60 0.25 28.38
C LYS D 152 -21.20 -0.17 27.92
N THR D 153 -20.22 0.72 28.14
CA THR D 153 -18.84 0.48 27.77
C THR D 153 -18.28 -0.76 28.47
N PHE D 154 -18.56 -0.91 29.76
CA PHE D 154 -18.10 -2.08 30.48
C PHE D 154 -18.84 -3.34 30.06
N ARG D 155 -20.13 -3.22 29.79
CA ARG D 155 -20.96 -4.37 29.45
C ARG D 155 -20.46 -5.08 28.19
N ILE D 156 -20.12 -4.33 27.15
CA ILE D 156 -19.62 -4.97 25.94
C ILE D 156 -18.12 -5.21 25.94
N ASN D 157 -17.36 -4.30 26.57
CA ASN D 157 -15.91 -4.38 26.55
C ASN D 157 -15.28 -5.44 27.44
N ILE D 158 -15.88 -5.69 28.59
CA ILE D 158 -15.33 -6.65 29.53
C ILE D 158 -16.35 -7.69 30.00
N PHE D 159 -17.59 -7.31 30.28
CA PHE D 159 -18.55 -8.32 30.70
C PHE D 159 -18.75 -9.40 29.64
N SER D 160 -18.75 -9.03 28.35
CA SER D 160 -18.93 -9.99 27.25
C SER D 160 -17.78 -10.98 27.24
N TYR D 161 -16.56 -10.50 27.49
CA TYR D 161 -15.38 -11.36 27.59
C TYR D 161 -15.58 -12.39 28.71
N PHE D 162 -16.13 -11.98 29.84
CA PHE D 162 -16.44 -12.93 30.91
C PHE D 162 -17.52 -13.95 30.49
N HIS D 163 -18.60 -13.48 29.92
CA HIS D 163 -19.72 -14.37 29.64
C HIS D 163 -19.40 -15.34 28.50
N VAL D 164 -18.80 -14.85 27.43
CA VAL D 164 -18.43 -15.75 26.32
C VAL D 164 -17.37 -16.74 26.79
N THR D 165 -16.37 -16.26 27.54
CA THR D 165 -15.28 -17.16 27.96
C THR D 165 -15.82 -18.23 28.90
N LYS D 166 -16.70 -17.80 29.81
CA LYS D 166 -17.37 -18.70 30.75
C LYS D 166 -18.11 -19.80 30.02
N ALA D 167 -18.88 -19.44 28.99
CA ALA D 167 -19.62 -20.45 28.22
C ALA D 167 -18.65 -21.36 27.45
N ALA D 168 -17.58 -20.79 26.94
CA ALA D 168 -16.64 -21.59 26.17
C ALA D 168 -15.90 -22.63 27.02
N LEU D 169 -15.81 -22.42 28.33
CA LEU D 169 -15.01 -23.33 29.18
C LEU D 169 -15.47 -24.79 29.20
N SER D 170 -16.75 -25.07 29.04
CA SER D 170 -17.19 -26.46 29.00
C SER D 170 -16.85 -27.15 27.68
N HIS D 171 -16.31 -26.41 26.73
CA HIS D 171 -15.91 -26.97 25.44
C HIS D 171 -14.42 -26.98 25.21
N LEU D 172 -13.67 -26.35 26.11
CA LEU D 172 -12.22 -26.30 25.98
C LEU D 172 -11.54 -27.40 26.78
N LYS D 173 -10.43 -27.89 26.25
CA LYS D 173 -9.68 -28.95 26.92
C LYS D 173 -8.19 -28.71 26.65
N GLN D 174 -7.35 -29.60 27.17
N GLN D 174 -7.35 -29.61 27.17
CA GLN D 174 -5.91 -29.42 27.04
CA GLN D 174 -5.91 -29.51 27.02
C GLN D 174 -5.52 -29.15 25.60
C GLN D 174 -5.50 -29.18 25.58
N GLY D 175 -4.67 -28.13 25.43
CA GLY D 175 -4.18 -27.72 24.12
C GLY D 175 -4.99 -26.60 23.51
N ASP D 176 -6.08 -26.20 24.15
CA ASP D 176 -6.91 -25.10 23.62
C ASP D 176 -6.42 -23.73 24.13
N VAL D 177 -6.93 -22.66 23.53
CA VAL D 177 -6.40 -21.34 23.74
C VAL D 177 -7.43 -20.21 23.74
N ILE D 178 -7.17 -19.20 24.54
CA ILE D 178 -7.98 -18.00 24.59
C ILE D 178 -7.05 -16.80 24.35
N ILE D 179 -7.47 -15.88 23.50
CA ILE D 179 -6.73 -14.64 23.25
C ILE D 179 -7.72 -13.50 23.48
N ASN D 180 -7.33 -12.51 24.29
CA ASN D 180 -8.13 -11.31 24.56
C ASN D 180 -7.49 -10.07 23.95
N THR D 181 -8.27 -9.27 23.24
CA THR D 181 -7.74 -8.02 22.71
C THR D 181 -7.90 -6.94 23.77
N ALA D 182 -6.76 -6.44 24.25
CA ALA D 182 -6.73 -5.37 25.22
C ALA D 182 -6.38 -4.08 24.46
N SER D 183 -5.45 -3.28 24.97
CA SER D 183 -5.03 -2.04 24.29
C SER D 183 -3.88 -1.37 25.01
N ILE D 184 -3.11 -0.59 24.26
CA ILE D 184 -2.04 0.23 24.81
C ILE D 184 -2.56 1.12 25.98
N VAL D 185 -3.83 1.51 25.95
CA VAL D 185 -4.36 2.44 26.97
C VAL D 185 -4.44 1.82 28.36
N ALA D 186 -4.45 0.49 28.44
CA ALA D 186 -4.43 -0.18 29.73
C ALA D 186 -3.10 0.09 30.43
N TYR D 187 -2.06 0.29 29.62
CA TYR D 187 -0.69 0.50 30.10
C TYR D 187 -0.27 1.94 30.23
N GLU D 188 -0.76 2.77 29.32
CA GLU D 188 -0.34 4.17 29.26
C GLU D 188 -1.39 5.16 29.71
N GLY D 189 -2.64 4.72 29.79
CA GLY D 189 -3.78 5.59 30.08
C GLY D 189 -4.13 6.41 28.84
N ASN D 190 -5.35 6.92 28.80
CA ASN D 190 -5.80 7.84 27.75
C ASN D 190 -6.76 8.84 28.39
N GLU D 191 -6.36 10.10 28.44
CA GLU D 191 -7.15 11.13 29.12
C GLU D 191 -8.53 11.39 28.55
N THR D 192 -8.77 11.07 27.28
CA THR D 192 -10.10 11.31 26.71
C THR D 192 -10.89 10.01 26.55
N LEU D 193 -10.37 8.91 27.10
CA LEU D 193 -11.05 7.60 27.06
C LEU D 193 -10.89 6.89 28.39
N ILE D 194 -11.25 7.58 29.46
CA ILE D 194 -11.04 7.09 30.82
C ILE D 194 -11.80 5.80 31.08
N ASP D 195 -13.09 5.75 30.72
CA ASP D 195 -13.87 4.51 30.95
C ASP D 195 -13.41 3.36 30.06
N TYR D 196 -13.22 3.63 28.78
CA TYR D 196 -12.65 2.62 27.87
C TYR D 196 -11.35 2.06 28.42
N SER D 197 -10.44 2.94 28.82
N SER D 197 -10.45 2.95 28.83
CA SER D 197 -9.15 2.49 29.35
CA SER D 197 -9.15 2.51 29.35
C SER D 197 -9.35 1.57 30.53
C SER D 197 -9.35 1.58 30.53
N ALA D 198 -10.31 1.90 31.40
CA ALA D 198 -10.57 1.07 32.58
C ALA D 198 -11.03 -0.31 32.13
N THR D 199 -11.83 -0.39 31.07
CA THR D 199 -12.24 -1.71 30.60
C THR D 199 -11.03 -2.49 30.08
N LYS D 200 -10.09 -1.78 29.46
CA LYS D 200 -8.91 -2.46 28.91
C LYS D 200 -7.96 -2.95 30.02
N GLY D 201 -7.82 -2.18 31.10
CA GLY D 201 -7.06 -2.60 32.26
C GLY D 201 -7.73 -3.83 32.87
N ALA D 202 -9.06 -3.83 32.89
CA ALA D 202 -9.83 -4.99 33.38
C ALA D 202 -9.50 -6.26 32.56
N ILE D 203 -9.41 -6.11 31.26
CA ILE D 203 -9.07 -7.21 30.35
C ILE D 203 -7.66 -7.77 30.63
N VAL D 204 -6.72 -6.87 30.86
CA VAL D 204 -5.36 -7.27 31.19
C VAL D 204 -5.33 -8.08 32.49
N ALA D 205 -6.02 -7.64 33.54
CA ALA D 205 -6.00 -8.39 34.79
C ALA D 205 -6.78 -9.71 34.64
N PHE D 206 -7.86 -9.68 33.86
CA PHE D 206 -8.64 -10.89 33.53
C PHE D 206 -7.73 -11.94 32.87
N THR D 207 -6.96 -11.50 31.90
CA THR D 207 -6.04 -12.37 31.18
C THR D 207 -5.04 -13.02 32.12
N ARG D 208 -4.42 -12.22 32.97
CA ARG D 208 -3.46 -12.69 33.95
C ARG D 208 -4.06 -13.71 34.92
N SER D 209 -5.18 -13.35 35.56
CA SER D 209 -5.82 -14.24 36.51
C SER D 209 -6.33 -15.53 35.87
N LEU D 210 -7.03 -15.40 34.74
CA LEU D 210 -7.55 -16.59 34.05
C LEU D 210 -6.42 -17.51 33.57
N SER D 211 -5.28 -16.94 33.15
CA SER D 211 -4.17 -17.80 32.74
C SER D 211 -3.76 -18.70 33.90
N GLN D 212 -3.72 -18.16 35.10
CA GLN D 212 -3.25 -18.94 36.26
C GLN D 212 -4.32 -19.95 36.63
N SER D 213 -5.58 -19.58 36.46
CA SER D 213 -6.69 -20.47 36.73
C SER D 213 -6.73 -21.68 35.78
N LEU D 214 -6.38 -21.52 34.52
CA LEU D 214 -6.51 -22.62 33.56
C LEU D 214 -5.21 -23.33 33.16
N VAL D 215 -4.09 -22.86 33.70
CA VAL D 215 -2.80 -23.43 33.32
C VAL D 215 -2.75 -24.94 33.56
N GLN D 216 -3.24 -25.41 34.70
CA GLN D 216 -3.19 -26.86 34.93
C GLN D 216 -4.17 -27.64 34.05
N LYS D 217 -5.16 -26.96 33.48
CA LYS D 217 -6.08 -27.61 32.53
C LYS D 217 -5.47 -27.65 31.11
N GLY D 218 -4.28 -27.06 30.94
CA GLY D 218 -3.65 -27.06 29.63
C GLY D 218 -4.27 -26.05 28.67
N ILE D 219 -4.92 -25.02 29.20
CA ILE D 219 -5.51 -23.97 28.37
C ILE D 219 -4.73 -22.67 28.57
N ARG D 220 -4.17 -22.15 27.48
CA ARG D 220 -3.38 -20.92 27.57
C ARG D 220 -4.24 -19.70 27.33
N VAL D 221 -3.91 -18.60 28.02
CA VAL D 221 -4.66 -17.36 27.92
C VAL D 221 -3.69 -16.21 27.78
N ASN D 222 -3.76 -15.48 26.69
CA ASN D 222 -2.84 -14.40 26.43
C ASN D 222 -3.60 -13.28 25.82
N GLY D 223 -2.95 -12.14 25.68
CA GLY D 223 -3.58 -10.97 25.08
C GLY D 223 -2.73 -10.25 24.04
N VAL D 224 -3.40 -9.41 23.26
CA VAL D 224 -2.72 -8.53 22.30
C VAL D 224 -3.15 -7.11 22.65
N ALA D 225 -2.17 -6.22 22.76
CA ALA D 225 -2.41 -4.83 23.08
C ALA D 225 -2.03 -3.98 21.88
N PRO D 226 -3.01 -3.68 21.01
CA PRO D 226 -2.70 -2.81 19.89
C PRO D 226 -2.56 -1.36 20.26
N GLY D 227 -1.80 -0.65 19.45
CA GLY D 227 -1.73 0.79 19.51
C GLY D 227 -2.77 1.28 18.49
N PRO D 228 -2.51 2.44 17.86
CA PRO D 228 -3.53 2.98 16.93
C PRO D 228 -3.55 2.24 15.61
N ILE D 229 -4.62 1.47 15.39
CA ILE D 229 -4.81 0.69 14.17
C ILE D 229 -6.00 1.25 13.38
N TRP D 230 -5.83 1.35 12.07
CA TRP D 230 -6.85 1.91 11.21
C TRP D 230 -8.00 0.91 10.98
N THR D 231 -9.10 1.13 11.69
CA THR D 231 -10.28 0.24 11.68
C THR D 231 -11.55 1.07 11.80
N PRO D 232 -12.73 0.44 11.61
CA PRO D 232 -13.99 1.20 11.72
C PRO D 232 -14.22 1.82 13.10
N LEU D 233 -13.51 1.36 14.13
CA LEU D 233 -13.66 1.91 15.48
C LEU D 233 -13.24 3.38 15.51
N ILE D 234 -12.35 3.75 14.61
CA ILE D 234 -11.75 5.07 14.64
C ILE D 234 -12.64 6.17 14.09
N PRO D 235 -13.11 6.05 12.84
CA PRO D 235 -13.94 7.16 12.40
C PRO D 235 -15.34 7.18 13.03
N SER D 236 -15.77 6.08 13.66
CA SER D 236 -17.09 6.04 14.26
C SER D 236 -17.08 6.53 15.70
N SER D 237 -15.89 6.68 16.29
CA SER D 237 -15.77 7.14 17.67
C SER D 237 -15.13 8.53 17.78
N PHE D 238 -14.11 8.81 16.97
CA PHE D 238 -13.44 10.11 17.02
C PHE D 238 -14.00 11.08 16.01
N ASP D 239 -13.87 12.36 16.30
CA ASP D 239 -14.28 13.41 15.37
C ASP D 239 -13.26 13.51 14.23
N GLU D 240 -13.61 14.27 13.18
CA GLU D 240 -12.78 14.40 11.97
C GLU D 240 -11.36 14.92 12.18
N LYS D 241 -11.20 15.97 12.98
CA LYS D 241 -9.89 16.53 13.28
C LYS D 241 -8.98 15.46 13.82
N LYS D 242 -9.46 14.77 14.85
CA LYS D 242 -8.66 13.74 15.49
C LYS D 242 -8.44 12.57 14.52
N VAL D 243 -9.45 12.21 13.73
CA VAL D 243 -9.27 11.12 12.79
C VAL D 243 -8.11 11.43 11.86
N SER D 244 -8.00 12.69 11.44
CA SER D 244 -6.98 13.08 10.47
C SER D 244 -5.56 12.93 11.04
N GLN D 245 -5.41 13.09 12.34
CA GLN D 245 -4.08 12.98 12.93
C GLN D 245 -3.80 11.63 13.62
N PHE D 246 -4.68 10.67 13.38
CA PHE D 246 -4.59 9.34 14.00
C PHE D 246 -3.25 8.63 13.70
N GLY D 247 -2.62 8.12 14.75
CA GLY D 247 -1.35 7.38 14.67
C GLY D 247 -0.12 8.25 14.59
N SER D 248 -0.32 9.56 14.57
CA SER D 248 0.81 10.47 14.44
C SER D 248 1.61 10.59 15.73
N ASN D 249 1.07 10.10 16.83
CA ASN D 249 1.72 10.22 18.12
C ASN D 249 2.77 9.16 18.46
N VAL D 250 2.70 8.00 17.81
CA VAL D 250 3.60 6.93 18.17
C VAL D 250 4.96 7.07 17.45
N PRO D 251 6.01 6.40 17.97
CA PRO D 251 7.33 6.57 17.35
C PRO D 251 7.42 6.30 15.84
N GLN D 253 5.28 7.00 13.80
CA GLN D 253 4.58 8.12 13.17
C GLN D 253 3.56 7.69 12.12
N ARG D 254 2.84 6.61 12.40
CA ARG D 254 1.80 6.17 11.51
C ARG D 254 0.93 5.21 12.28
N PRO D 255 -0.35 5.11 11.91
CA PRO D 255 -1.15 4.11 12.55
C PRO D 255 -0.81 2.76 11.95
N GLY D 256 -1.12 1.68 12.66
CA GLY D 256 -0.89 0.36 12.10
C GLY D 256 -2.08 0.02 11.21
N GLN D 257 -1.92 -1.02 10.41
CA GLN D 257 -3.01 -1.55 9.58
C GLN D 257 -3.37 -2.88 10.21
N PRO D 258 -4.63 -3.29 10.06
CA PRO D 258 -5.04 -4.56 10.69
C PRO D 258 -4.16 -5.78 10.36
N TYR D 259 -3.73 -5.96 9.12
CA TYR D 259 -2.87 -7.11 8.77
C TYR D 259 -1.63 -7.20 9.68
N GLU D 260 -1.16 -6.05 10.18
CA GLU D 260 -0.01 -6.01 11.08
C GLU D 260 -0.27 -6.64 12.45
N LEU D 261 -1.55 -6.88 12.79
CA LEU D 261 -1.91 -7.52 14.05
C LEU D 261 -2.08 -9.04 13.99
N ALA D 262 -2.46 -9.55 12.84
CA ALA D 262 -2.77 -10.97 12.66
C ALA D 262 -1.70 -11.95 13.10
N PRO D 263 -0.44 -11.70 12.72
CA PRO D 263 0.58 -12.67 13.11
C PRO D 263 0.73 -12.83 14.62
N ALA D 264 0.53 -11.75 15.38
CA ALA D 264 0.53 -11.86 16.84
C ALA D 264 -0.50 -12.88 17.29
N TYR D 265 -1.70 -12.78 16.73
CA TYR D 265 -2.77 -13.71 17.10
C TYR D 265 -2.46 -15.13 16.65
N VAL D 266 -1.87 -15.31 15.46
CA VAL D 266 -1.49 -16.64 14.98
C VAL D 266 -0.45 -17.24 15.90
N TYR D 267 0.54 -16.44 16.28
CA TYR D 267 1.53 -16.89 17.25
C TYR D 267 0.89 -17.36 18.55
N LEU D 268 0.03 -16.55 19.10
CA LEU D 268 -0.62 -16.92 20.37
C LEU D 268 -1.62 -18.05 20.26
N ALA D 269 -2.23 -18.21 19.08
CA ALA D 269 -3.26 -19.22 18.90
C ALA D 269 -2.73 -20.61 18.60
N SER D 270 -1.51 -20.68 18.06
CA SER D 270 -0.93 -21.95 17.66
C SER D 270 0.06 -22.51 18.67
N SER D 271 0.55 -23.71 18.39
CA SER D 271 1.53 -24.36 19.26
C SER D 271 2.88 -23.64 19.23
N ASP D 272 3.01 -22.61 18.40
CA ASP D 272 4.24 -21.81 18.37
C ASP D 272 4.52 -21.14 19.70
N SER D 273 3.47 -20.91 20.49
CA SER D 273 3.58 -20.29 21.79
C SER D 273 3.20 -21.22 22.95
N SER D 274 3.53 -22.50 22.81
CA SER D 274 3.22 -23.54 23.80
C SER D 274 3.78 -23.25 25.19
N TYR D 275 4.84 -22.46 25.31
CA TYR D 275 5.37 -22.16 26.63
C TYR D 275 4.96 -20.73 27.05
N VAL D 276 3.89 -20.21 26.46
CA VAL D 276 3.48 -18.84 26.74
C VAL D 276 2.06 -18.75 27.25
N THR D 277 1.88 -18.21 28.45
CA THR D 277 0.54 -17.94 28.98
C THR D 277 0.62 -16.78 29.96
N GLY D 278 -0.48 -16.03 30.04
CA GLY D 278 -0.59 -14.88 30.93
C GLY D 278 0.08 -13.62 30.40
N GLN D 279 0.47 -13.63 29.12
CA GLN D 279 1.24 -12.52 28.55
C GLN D 279 0.47 -11.61 27.61
N ILE D 281 1.12 -9.22 23.98
CA ILE D 281 1.97 -8.85 22.86
C ILE D 281 1.60 -7.43 22.48
N HIS D 282 2.56 -6.53 22.60
CA HIS D 282 2.37 -5.12 22.32
C HIS D 282 2.73 -4.77 20.88
N VAL D 283 1.71 -4.42 20.10
CA VAL D 283 1.87 -4.12 18.68
C VAL D 283 1.35 -2.71 18.56
N ASN D 284 2.24 -1.73 18.79
CA ASN D 284 1.80 -0.35 18.94
C ASN D 284 2.61 0.78 18.30
N GLY D 285 3.51 0.45 17.40
CA GLY D 285 4.27 1.48 16.71
C GLY D 285 5.45 2.04 17.47
N GLY D 286 5.86 1.35 18.52
CA GLY D 286 7.09 1.72 19.22
C GLY D 286 6.93 2.36 20.58
N VAL D 287 5.70 2.41 21.13
CA VAL D 287 5.50 3.01 22.44
C VAL D 287 6.01 2.08 23.54
N ILE D 288 6.93 2.58 24.35
CA ILE D 288 7.52 1.76 25.41
C ILE D 288 6.55 1.72 26.59
N VAL D 289 6.23 0.53 27.07
CA VAL D 289 5.27 0.41 28.16
C VAL D 289 5.85 -0.41 29.35
N ASN D 290 7.17 -0.42 29.51
CA ASN D 290 7.84 -1.20 30.55
C ASN D 290 7.46 -2.67 30.38
N GLY D 291 7.30 -3.10 29.14
CA GLY D 291 6.90 -4.47 28.84
C GLY D 291 8.06 -5.45 28.85
N THR E 12 4.60 9.08 -62.58
CA THR E 12 5.58 10.03 -61.99
C THR E 12 5.47 11.41 -62.65
N PRO E 14 6.39 15.52 -63.67
CA PRO E 14 7.58 16.12 -64.26
C PRO E 14 8.32 17.01 -63.25
N ALA E 15 9.65 17.02 -63.31
CA ALA E 15 10.49 17.79 -62.39
C ALA E 15 10.17 19.28 -62.41
N GLN E 16 9.97 19.85 -61.22
CA GLN E 16 9.65 21.27 -61.10
C GLN E 16 9.74 21.69 -59.63
N HIS E 17 10.00 22.99 -59.41
CA HIS E 17 10.12 23.52 -58.07
C HIS E 17 9.82 25.02 -58.02
N GLN E 18 8.77 25.40 -57.30
CA GLN E 18 8.45 26.82 -57.17
C GLN E 18 9.40 27.39 -56.13
N ASN E 19 9.85 28.61 -56.39
CA ASN E 19 10.84 29.24 -55.56
C ASN E 19 10.34 29.67 -54.18
N LYS E 20 9.07 30.07 -54.07
CA LYS E 20 8.54 30.49 -52.76
C LYS E 20 7.34 29.63 -52.33
N GLN E 21 6.96 29.79 -51.06
CA GLN E 21 5.80 29.11 -50.49
C GLN E 21 4.99 30.16 -49.71
N PRO E 22 3.65 30.09 -49.75
CA PRO E 22 2.77 29.13 -50.45
C PRO E 22 2.91 29.14 -51.97
N GLY E 23 2.70 27.97 -52.58
CA GLY E 23 2.82 27.82 -54.02
C GLY E 23 1.73 28.50 -54.83
N ILE E 24 2.00 28.68 -56.11
CA ILE E 24 1.06 29.30 -57.03
C ILE E 24 0.58 28.17 -57.95
N GLU E 25 -0.74 27.93 -57.96
CA GLU E 25 -1.32 26.86 -58.76
C GLU E 25 -1.19 27.11 -60.27
N SER E 26 -1.25 28.38 -60.68
CA SER E 26 -1.14 28.72 -62.10
C SER E 26 0.24 28.42 -62.70
N LEU E 27 1.28 28.27 -61.85
CA LEU E 27 2.61 27.94 -62.34
C LEU E 27 2.84 26.43 -62.49
N ASN E 29 2.47 22.40 -63.59
CA ASN E 29 2.29 21.59 -64.79
C ASN E 29 2.68 20.13 -64.50
N PRO E 30 1.70 19.22 -64.59
CA PRO E 30 0.30 19.44 -64.96
C PRO E 30 -0.45 20.28 -63.93
N LEU E 31 -1.51 20.95 -64.39
CA LEU E 31 -2.36 21.74 -63.50
C LEU E 31 -3.18 20.77 -62.63
N PRO E 32 -3.25 21.01 -61.32
CA PRO E 32 -4.06 20.09 -60.53
C PRO E 32 -5.50 20.04 -61.04
N GLN E 33 -6.06 18.85 -61.16
CA GLN E 33 -7.46 18.70 -61.54
C GLN E 33 -8.25 18.95 -60.25
N PHE E 34 -8.82 20.14 -60.12
CA PHE E 34 -9.57 20.53 -58.92
C PHE E 34 -11.06 20.34 -59.09
N GLU E 35 -11.45 19.91 -60.28
CA GLU E 35 -12.84 19.75 -60.60
C GLU E 35 -13.10 18.42 -61.27
N ASP E 36 -14.19 17.80 -60.87
CA ASP E 36 -14.66 16.57 -61.49
C ASP E 36 -15.74 17.01 -62.49
N PRO E 37 -15.43 16.93 -63.80
CA PRO E 37 -16.41 17.35 -64.82
C PRO E 37 -17.77 16.66 -64.65
N ASN E 38 -17.74 15.41 -64.22
CA ASN E 38 -18.95 14.63 -64.01
C ASN E 38 -19.66 14.94 -62.69
N TYR E 39 -19.01 15.71 -61.82
CA TYR E 39 -19.62 16.01 -60.52
C TYR E 39 -21.01 16.63 -60.70
N LYS E 40 -21.98 16.09 -59.98
CA LYS E 40 -23.35 16.58 -60.03
C LYS E 40 -23.82 16.97 -58.63
N GLY E 41 -24.16 18.24 -58.48
CA GLY E 41 -24.62 18.79 -57.20
C GLY E 41 -26.03 18.35 -56.89
N SER E 42 -26.39 18.33 -55.62
CA SER E 42 -27.71 17.89 -55.18
C SER E 42 -28.23 18.69 -53.96
N GLU E 43 -27.86 19.97 -53.91
CA GLU E 43 -28.30 20.91 -52.87
C GLU E 43 -28.01 20.44 -51.44
N LYS E 44 -26.92 19.72 -51.27
CA LYS E 44 -26.53 19.20 -49.96
C LYS E 44 -26.20 20.31 -48.97
N LEU E 45 -25.71 21.44 -49.47
CA LEU E 45 -25.35 22.55 -48.60
C LEU E 45 -26.09 23.82 -49.00
N LYS E 46 -27.35 23.66 -49.41
CA LYS E 46 -28.19 24.79 -49.87
C LYS E 46 -28.29 25.90 -48.83
N GLY E 47 -27.79 27.09 -49.21
CA GLY E 47 -27.89 28.27 -48.35
C GLY E 47 -26.93 28.32 -47.16
N LYS E 48 -26.12 27.28 -46.98
CA LYS E 48 -25.16 27.29 -45.87
C LYS E 48 -24.10 28.33 -46.18
N ASN E 49 -23.51 28.90 -45.13
CA ASN E 49 -22.44 29.89 -45.27
C ASN E 49 -21.12 29.28 -44.79
N VAL E 50 -20.17 29.21 -45.69
CA VAL E 50 -18.90 28.56 -45.42
C VAL E 50 -17.67 29.48 -45.35
N LEU E 51 -16.81 29.21 -44.37
CA LEU E 51 -15.53 29.88 -44.24
C LEU E 51 -14.47 28.80 -44.40
N ILE E 52 -13.59 28.98 -45.38
CA ILE E 52 -12.53 28.01 -45.61
C ILE E 52 -11.16 28.70 -45.67
N THR E 53 -10.29 28.30 -44.74
CA THR E 53 -8.94 28.84 -44.69
C THR E 53 -8.09 28.01 -45.65
N GLY E 54 -7.42 28.69 -46.59
CA GLY E 54 -6.65 27.99 -47.61
C GLY E 54 -7.58 27.52 -48.74
N GLY E 55 -8.73 28.17 -48.87
CA GLY E 55 -9.70 27.77 -49.90
C GLY E 55 -9.42 28.30 -51.28
N ASP E 56 -8.28 28.96 -51.43
CA ASP E 56 -7.88 29.61 -52.69
C ASP E 56 -7.27 28.70 -53.75
N SER E 57 -6.68 27.59 -53.34
CA SER E 57 -6.00 26.68 -54.23
C SER E 57 -5.95 25.26 -53.67
N GLY E 58 -5.39 24.33 -54.45
CA GLY E 58 -5.26 22.94 -54.00
C GLY E 58 -6.54 22.35 -53.46
N ILE E 59 -6.43 21.54 -52.41
CA ILE E 59 -7.59 20.88 -51.81
C ILE E 59 -8.70 21.90 -51.49
N GLY E 60 -8.33 23.02 -50.89
CA GLY E 60 -9.28 24.06 -50.52
C GLY E 60 -10.09 24.61 -51.68
N ARG E 61 -9.45 24.76 -52.84
CA ARG E 61 -10.15 25.24 -54.05
C ARG E 61 -11.21 24.24 -54.48
N ALA E 62 -10.84 22.96 -54.43
CA ALA E 62 -11.75 21.89 -54.82
C ALA E 62 -12.95 21.85 -53.88
N VAL E 63 -12.70 22.07 -52.59
CA VAL E 63 -13.75 22.05 -51.58
C VAL E 63 -14.65 23.27 -51.80
N SER E 64 -14.03 24.43 -51.94
CA SER E 64 -14.77 25.67 -52.23
C SER E 64 -15.72 25.45 -53.40
N ILE E 65 -15.19 24.89 -54.49
CA ILE E 65 -15.99 24.64 -55.69
C ILE E 65 -17.08 23.60 -55.48
N ALA E 66 -16.76 22.47 -54.85
CA ALA E 66 -17.77 21.46 -54.62
C ALA E 66 -18.88 22.00 -53.72
N PHE E 67 -18.48 22.74 -52.68
CA PHE E 67 -19.42 23.34 -51.73
C PHE E 67 -20.37 24.31 -52.43
N ALA E 68 -19.83 25.04 -53.41
CA ALA E 68 -20.62 25.98 -54.20
C ALA E 68 -21.60 25.21 -55.09
N LYS E 69 -21.15 24.11 -55.69
CA LYS E 69 -22.02 23.28 -56.51
C LYS E 69 -23.14 22.70 -55.66
N GLU E 70 -22.89 22.56 -54.36
CA GLU E 70 -23.90 22.04 -53.44
C GLU E 70 -24.78 23.18 -52.88
N GLY E 71 -24.70 24.36 -53.48
CA GLY E 71 -25.51 25.49 -53.03
C GLY E 71 -25.01 26.33 -51.88
N ALA E 72 -23.73 26.21 -51.54
CA ALA E 72 -23.15 26.95 -50.41
C ALA E 72 -22.45 28.26 -50.82
N ASN E 73 -22.58 29.26 -49.95
CA ASN E 73 -21.92 30.55 -50.13
C ASN E 73 -20.56 30.41 -49.51
N ILE E 74 -19.52 30.86 -50.21
CA ILE E 74 -18.17 30.63 -49.74
C ILE E 74 -17.37 31.88 -49.40
N ALA E 75 -16.81 31.88 -48.19
CA ALA E 75 -15.87 32.91 -47.72
C ALA E 75 -14.51 32.21 -47.74
N ILE E 76 -13.58 32.74 -48.51
CA ILE E 76 -12.29 32.09 -48.73
C ILE E 76 -11.12 32.90 -48.18
N ALA E 77 -10.49 32.37 -47.14
CA ALA E 77 -9.36 33.02 -46.52
C ALA E 77 -8.05 32.41 -47.08
N TYR E 78 -7.04 33.24 -47.22
CA TYR E 78 -5.77 32.82 -47.80
C TYR E 78 -4.73 33.88 -47.48
N LEU E 79 -3.47 33.57 -47.76
CA LEU E 79 -2.40 34.49 -47.42
C LEU E 79 -2.36 35.69 -48.35
N ASP E 80 -1.98 35.46 -49.61
CA ASP E 80 -1.82 36.55 -50.56
C ASP E 80 -1.86 36.13 -52.03
N GLU E 81 -2.30 34.91 -52.33
CA GLU E 81 -2.32 34.46 -53.73
C GLU E 81 -3.56 35.00 -54.45
N GLU E 82 -3.52 36.27 -54.81
CA GLU E 82 -4.64 36.96 -55.44
C GLU E 82 -5.04 36.34 -56.77
N GLY E 83 -4.06 35.88 -57.55
CA GLY E 83 -4.32 35.21 -58.81
C GLY E 83 -5.16 33.95 -58.60
N ASP E 84 -4.70 33.11 -57.68
CA ASP E 84 -5.41 31.86 -57.40
C ASP E 84 -6.78 32.06 -56.76
N ALA E 85 -6.88 32.97 -55.78
CA ALA E 85 -8.15 33.26 -55.12
C ALA E 85 -9.22 33.81 -56.10
N ASN E 86 -8.83 34.66 -57.05
CA ASN E 86 -9.79 35.21 -58.02
C ASN E 86 -10.26 34.09 -58.96
N GLU E 87 -9.34 33.25 -59.39
CA GLU E 87 -9.68 32.12 -60.24
C GLU E 87 -10.69 31.21 -59.56
N THR E 88 -10.43 30.91 -58.29
CA THR E 88 -11.34 30.08 -57.49
C THR E 88 -12.67 30.80 -57.38
N LYS E 89 -12.58 32.11 -57.19
CA LYS E 89 -13.76 32.96 -57.07
C LYS E 89 -14.65 32.81 -58.30
N GLN E 90 -14.04 32.81 -59.48
CA GLN E 90 -14.85 32.72 -60.70
C GLN E 90 -15.59 31.39 -60.81
N TYR E 91 -14.99 30.31 -60.31
CA TYR E 91 -15.66 29.03 -60.31
C TYR E 91 -16.79 28.97 -59.30
N VAL E 92 -16.61 29.62 -58.16
CA VAL E 92 -17.64 29.63 -57.12
C VAL E 92 -18.88 30.40 -57.59
N GLU E 93 -18.69 31.68 -57.94
CA GLU E 93 -19.77 32.54 -58.37
C GLU E 93 -20.51 32.01 -59.61
N LYS E 94 -19.80 31.23 -60.42
CA LYS E 94 -20.39 30.60 -61.58
C LYS E 94 -21.56 29.71 -61.14
N GLU E 95 -21.45 29.09 -59.97
CA GLU E 95 -22.52 28.22 -59.46
C GLU E 95 -23.72 29.02 -58.95
N GLY E 96 -23.62 30.34 -58.97
CA GLY E 96 -24.72 31.21 -58.59
C GLY E 96 -24.76 31.63 -57.14
N VAL E 97 -23.70 31.32 -56.41
CA VAL E 97 -23.64 31.63 -54.98
C VAL E 97 -22.73 32.81 -54.68
N LYS E 98 -22.82 33.32 -53.46
CA LYS E 98 -21.98 34.43 -53.00
C LYS E 98 -20.56 33.95 -52.65
N CYS E 99 -19.57 34.72 -53.07
CA CYS E 99 -18.18 34.40 -52.76
C CYS E 99 -17.40 35.60 -52.23
N VAL E 100 -16.85 35.46 -51.02
CA VAL E 100 -16.09 36.53 -50.39
C VAL E 100 -14.60 36.20 -50.24
N LEU E 101 -13.73 37.11 -50.66
CA LEU E 101 -12.28 36.89 -50.52
C LEU E 101 -11.74 37.59 -49.26
N LEU E 102 -10.93 36.85 -48.49
CA LEU E 102 -10.34 37.36 -47.25
C LEU E 102 -8.83 37.10 -47.21
N PRO E 103 -8.04 37.92 -47.93
CA PRO E 103 -6.60 37.73 -47.88
C PRO E 103 -6.05 38.15 -46.52
N GLY E 104 -4.82 37.74 -46.20
CA GLY E 104 -4.22 38.09 -44.92
C GLY E 104 -3.57 36.91 -44.21
N ASP E 105 -2.55 37.23 -43.43
CA ASP E 105 -1.74 36.26 -42.74
C ASP E 105 -2.44 35.74 -41.48
N LEU E 106 -2.79 34.46 -41.49
CA LEU E 106 -3.47 33.84 -40.36
C LEU E 106 -2.55 33.40 -39.20
N SER E 107 -1.25 33.70 -39.29
CA SER E 107 -0.32 33.43 -38.18
C SER E 107 -0.55 34.50 -37.10
N ASP E 108 -1.31 35.54 -37.44
CA ASP E 108 -1.65 36.59 -36.50
C ASP E 108 -3.02 36.30 -35.87
N GLU E 109 -3.05 36.21 -34.55
CA GLU E 109 -4.28 35.95 -33.83
C GLU E 109 -5.40 36.91 -34.25
N GLN E 110 -5.15 38.21 -34.18
CA GLN E 110 -6.17 39.19 -34.52
C GLN E 110 -6.77 38.95 -35.93
N HIS E 111 -5.91 38.68 -36.91
CA HIS E 111 -6.42 38.42 -38.25
C HIS E 111 -7.34 37.20 -38.26
N CYS E 112 -6.99 36.18 -37.49
CA CYS E 112 -7.82 34.99 -37.38
C CYS E 112 -9.21 35.34 -36.88
N LYS E 113 -9.29 36.27 -35.94
CA LYS E 113 -10.57 36.72 -35.40
C LYS E 113 -11.34 37.55 -36.44
N ASP E 114 -10.61 38.33 -37.22
CA ASP E 114 -11.16 39.22 -38.25
C ASP E 114 -11.88 38.51 -39.40
N ILE E 115 -11.27 37.44 -39.92
CA ILE E 115 -11.88 36.70 -41.03
C ILE E 115 -13.24 36.12 -40.64
N VAL E 116 -13.39 35.77 -39.36
CA VAL E 116 -14.67 35.23 -38.89
C VAL E 116 -15.73 36.34 -38.83
N GLN E 117 -15.34 37.48 -38.26
CA GLN E 117 -16.23 38.64 -38.13
C GLN E 117 -16.60 39.14 -39.53
N GLU E 118 -15.62 39.12 -40.42
CA GLU E 118 -15.76 39.56 -41.79
C GLU E 118 -16.66 38.59 -42.57
N THR E 119 -16.64 37.31 -42.20
CA THR E 119 -17.48 36.30 -42.86
C THR E 119 -18.94 36.52 -42.43
N VAL E 120 -19.17 36.63 -41.13
CA VAL E 120 -20.52 36.84 -40.62
C VAL E 120 -21.04 38.16 -41.19
N ARG E 121 -20.12 39.11 -41.36
CA ARG E 121 -20.42 40.40 -41.96
C ARG E 121 -20.96 40.35 -43.39
N GLN E 122 -20.18 39.76 -44.29
CA GLN E 122 -20.54 39.74 -45.70
C GLN E 122 -21.53 38.63 -46.05
N LEU E 123 -21.35 37.43 -45.50
CA LEU E 123 -22.28 36.34 -45.78
C LEU E 123 -23.55 36.41 -44.93
N GLY E 124 -23.47 37.00 -43.75
CA GLY E 124 -24.63 37.14 -42.88
C GLY E 124 -24.59 36.21 -41.68
N SER E 125 -23.94 35.07 -41.83
CA SER E 125 -23.82 34.14 -40.72
C SER E 125 -22.72 33.17 -41.07
N LEU E 126 -22.49 32.20 -40.19
CA LEU E 126 -21.50 31.15 -40.42
C LEU E 126 -22.08 29.80 -39.96
N ASN E 127 -22.04 28.82 -40.85
CA ASN E 127 -22.58 27.49 -40.57
C ASN E 127 -21.52 26.41 -40.57
N ILE E 128 -20.53 26.56 -41.44
CA ILE E 128 -19.49 25.57 -41.63
C ILE E 128 -18.14 26.22 -41.69
N LEU E 129 -17.21 25.70 -40.88
CA LEU E 129 -15.84 26.19 -40.88
C LEU E 129 -14.91 25.09 -41.32
N VAL E 130 -14.10 25.36 -42.33
CA VAL E 130 -13.08 24.40 -42.76
C VAL E 130 -11.70 25.00 -42.48
N ASN E 131 -11.01 24.46 -41.49
CA ASN E 131 -9.63 24.86 -41.14
C ASN E 131 -8.76 24.02 -42.05
N ASN E 132 -8.03 24.65 -42.95
CA ASN E 132 -7.31 23.89 -43.95
C ASN E 132 -5.95 24.46 -44.30
N VAL E 133 -5.64 25.66 -43.80
CA VAL E 133 -4.34 26.30 -44.09
C VAL E 133 -3.14 25.50 -43.56
N ALA E 134 -2.03 25.58 -44.28
CA ALA E 134 -0.79 24.93 -43.86
C ALA E 134 0.42 25.43 -44.66
N GLN E 135 1.58 25.21 -44.05
CA GLN E 135 2.89 25.42 -44.63
C GLN E 135 3.74 24.25 -44.16
N GLN E 136 4.73 23.86 -44.98
CA GLN E 136 5.60 22.75 -44.62
C GLN E 136 7.00 23.02 -45.13
N TYR E 137 8.00 22.79 -44.27
CA TYR E 137 9.41 23.06 -44.62
C TYR E 137 10.24 21.79 -44.36
N PRO E 138 10.43 20.98 -45.40
CA PRO E 138 11.15 19.73 -45.25
C PRO E 138 12.62 19.91 -44.91
N GLN E 139 13.12 19.02 -44.06
CA GLN E 139 14.52 19.03 -43.66
C GLN E 139 14.98 17.60 -43.56
N GLN E 140 16.25 17.35 -43.84
CA GLN E 140 16.81 16.01 -43.81
C GLN E 140 16.90 15.37 -42.42
N GLY E 141 16.80 16.18 -41.36
CA GLY E 141 16.85 15.66 -39.99
C GLY E 141 16.52 16.74 -38.98
N LEU E 142 16.21 16.33 -37.75
CA LEU E 142 15.85 17.26 -36.68
C LEU E 142 16.88 18.40 -36.47
N GLU E 143 18.16 18.11 -36.66
CA GLU E 143 19.20 19.13 -36.43
C GLU E 143 19.12 20.32 -37.41
N TYR E 144 18.49 20.12 -38.56
CA TYR E 144 18.32 21.18 -39.54
C TYR E 144 17.00 21.94 -39.36
N ILE E 145 16.33 21.69 -38.25
CA ILE E 145 15.08 22.39 -37.94
C ILE E 145 15.36 23.47 -36.90
N THR E 146 15.37 24.72 -37.34
CA THR E 146 15.63 25.85 -36.46
C THR E 146 14.41 26.12 -35.58
N ALA E 147 14.61 26.88 -34.51
CA ALA E 147 13.51 27.24 -33.62
C ALA E 147 12.55 28.14 -34.38
N GLU E 148 13.11 28.94 -35.29
CA GLU E 148 12.32 29.86 -36.10
C GLU E 148 11.35 29.06 -36.97
N GLN E 149 11.86 28.10 -37.72
CA GLN E 149 11.01 27.23 -38.55
C GLN E 149 9.94 26.48 -37.73
N LEU E 150 10.35 25.93 -36.60
CA LEU E 150 9.45 25.14 -35.76
C LEU E 150 8.23 25.97 -35.34
N GLU E 151 8.51 27.17 -34.83
CA GLU E 151 7.47 28.05 -34.32
C GLU E 151 6.58 28.59 -35.43
N LYS E 152 7.16 28.93 -36.58
CA LYS E 152 6.35 29.41 -37.70
C LYS E 152 5.41 28.28 -38.13
N THR E 153 5.94 27.07 -38.24
CA THR E 153 5.14 25.93 -38.67
C THR E 153 3.95 25.70 -37.75
N PHE E 154 4.17 25.75 -36.45
CA PHE E 154 3.07 25.55 -35.50
C PHE E 154 2.08 26.71 -35.50
N ARG E 155 2.61 27.93 -35.59
CA ARG E 155 1.76 29.10 -35.56
C ARG E 155 0.74 29.09 -36.68
N ILE E 156 1.14 28.70 -37.90
CA ILE E 156 0.18 28.63 -39.01
C ILE E 156 -0.63 27.32 -39.09
N ASN E 157 0.03 26.19 -38.90
CA ASN E 157 -0.63 24.88 -39.02
C ASN E 157 -1.58 24.49 -37.90
N ILE E 158 -1.32 24.91 -36.67
CA ILE E 158 -2.19 24.55 -35.57
C ILE E 158 -2.69 25.75 -34.77
N PHE E 159 -1.87 26.78 -34.56
CA PHE E 159 -2.41 27.90 -33.79
C PHE E 159 -3.55 28.59 -34.52
N SER E 160 -3.48 28.67 -35.85
CA SER E 160 -4.56 29.31 -36.61
C SER E 160 -5.86 28.52 -36.47
N TYR E 161 -5.75 27.20 -36.40
CA TYR E 161 -6.93 26.35 -36.22
C TYR E 161 -7.59 26.70 -34.89
N PHE E 162 -6.78 26.88 -33.83
CA PHE E 162 -7.29 27.28 -32.52
C PHE E 162 -7.96 28.67 -32.58
N HIS E 163 -7.26 29.64 -33.13
CA HIS E 163 -7.78 31.01 -33.11
C HIS E 163 -9.01 31.25 -33.98
N VAL E 164 -8.99 30.72 -35.20
CA VAL E 164 -10.12 30.85 -36.10
C VAL E 164 -11.32 30.08 -35.51
N THR E 165 -11.10 28.85 -35.06
CA THR E 165 -12.22 28.09 -34.51
C THR E 165 -12.78 28.77 -33.29
N LYS E 166 -11.90 29.25 -32.42
CA LYS E 166 -12.33 29.95 -31.22
C LYS E 166 -13.19 31.18 -31.56
N ALA E 167 -12.79 31.91 -32.58
CA ALA E 167 -13.54 33.08 -33.03
C ALA E 167 -14.88 32.64 -33.61
N ALA E 168 -14.90 31.48 -34.25
CA ALA E 168 -16.13 30.96 -34.85
C ALA E 168 -17.17 30.55 -33.82
N LEU E 169 -16.73 30.08 -32.66
CA LEU E 169 -17.68 29.57 -31.67
C LEU E 169 -18.80 30.53 -31.32
N SER E 170 -18.57 31.84 -31.44
CA SER E 170 -19.60 32.82 -31.13
C SER E 170 -20.76 32.73 -32.11
N HIS E 171 -20.49 32.19 -33.28
CA HIS E 171 -21.45 32.20 -34.37
C HIS E 171 -21.97 30.84 -34.81
N LEU E 172 -21.44 29.77 -34.24
CA LEU E 172 -21.90 28.45 -34.60
C LEU E 172 -22.99 28.05 -33.63
N LYS E 173 -23.95 27.26 -34.12
CA LYS E 173 -25.06 26.80 -33.29
C LYS E 173 -25.42 25.37 -33.68
N GLN E 174 -26.48 24.85 -33.05
CA GLN E 174 -26.94 23.50 -33.31
C GLN E 174 -27.04 23.28 -34.80
N GLY E 175 -26.47 22.19 -35.29
CA GLY E 175 -26.52 21.89 -36.72
C GLY E 175 -25.33 22.39 -37.50
N ASP E 176 -24.50 23.23 -36.90
CA ASP E 176 -23.31 23.73 -37.58
C ASP E 176 -22.16 22.71 -37.52
N VAL E 177 -21.10 22.97 -38.29
CA VAL E 177 -20.05 21.98 -38.47
C VAL E 177 -18.65 22.56 -38.66
N ILE E 178 -17.66 21.84 -38.16
CA ILE E 178 -16.25 22.19 -38.29
C ILE E 178 -15.51 21.00 -38.91
N ILE E 179 -14.67 21.26 -39.91
CA ILE E 179 -13.83 20.24 -40.51
C ILE E 179 -12.38 20.74 -40.51
N ASN E 180 -11.46 19.91 -40.04
CA ASN E 180 -10.05 20.25 -40.01
C ASN E 180 -9.26 19.35 -40.94
N THR E 181 -8.45 19.93 -41.82
CA THR E 181 -7.59 19.12 -42.69
C THR E 181 -6.33 18.72 -41.91
N ALA E 182 -6.18 17.43 -41.64
CA ALA E 182 -4.97 16.95 -40.98
C ALA E 182 -4.08 16.35 -42.04
N SER E 183 -3.53 15.16 -41.80
CA SER E 183 -2.69 14.50 -42.79
C SER E 183 -2.35 13.08 -42.39
N ILE E 184 -1.97 12.28 -43.39
CA ILE E 184 -1.53 10.91 -43.18
C ILE E 184 -0.29 10.88 -42.29
N VAL E 185 0.52 11.94 -42.31
CA VAL E 185 1.77 11.93 -41.54
C VAL E 185 1.56 11.93 -40.03
N ALA E 186 0.38 12.35 -39.58
CA ALA E 186 0.05 12.31 -38.17
C ALA E 186 -0.11 10.84 -37.77
N TYR E 187 -0.44 9.98 -38.73
CA TYR E 187 -0.65 8.55 -38.46
C TYR E 187 0.55 7.68 -38.72
N GLU E 188 1.27 7.98 -39.81
N GLU E 188 1.28 7.97 -39.81
CA GLU E 188 2.40 7.15 -40.24
CA GLU E 188 2.42 7.14 -40.21
C GLU E 188 3.77 7.78 -39.98
C GLU E 188 3.78 7.77 -39.92
N GLY E 189 3.79 9.07 -39.67
CA GLY E 189 5.03 9.80 -39.45
C GLY E 189 5.68 10.15 -40.78
N ASN E 190 6.57 11.13 -40.77
CA ASN E 190 7.34 11.51 -41.97
C ASN E 190 8.70 12.04 -41.52
N GLU E 191 9.75 11.28 -41.85
CA GLU E 191 11.09 11.57 -41.40
C GLU E 191 11.71 12.90 -41.87
N THR E 192 11.23 13.45 -42.98
CA THR E 192 11.75 14.69 -43.50
C THR E 192 10.84 15.86 -43.10
N LEU E 193 9.72 15.56 -42.45
CA LEU E 193 8.77 16.60 -42.05
C LEU E 193 8.35 16.40 -40.62
N ILE E 194 9.34 16.32 -39.74
CA ILE E 194 9.10 16.05 -38.33
C ILE E 194 8.27 17.15 -37.65
N ASP E 195 8.61 18.42 -37.87
CA ASP E 195 7.82 19.47 -37.23
C ASP E 195 6.40 19.53 -37.82
N TYR E 196 6.30 19.42 -39.14
CA TYR E 196 5.02 19.41 -39.84
C TYR E 196 4.15 18.24 -39.34
N SER E 197 4.74 17.06 -39.24
N SER E 197 4.74 17.05 -39.23
CA SER E 197 4.00 15.89 -38.75
CA SER E 197 4.00 15.89 -38.74
C SER E 197 3.47 16.14 -37.34
C SER E 197 3.46 16.18 -37.35
N ALA E 198 4.28 16.82 -36.52
CA ALA E 198 3.87 17.14 -35.18
C ALA E 198 2.67 18.08 -35.19
N THR E 199 2.62 19.07 -36.11
CA THR E 199 1.46 19.95 -36.14
C THR E 199 0.17 19.19 -36.57
N LYS E 200 0.31 18.21 -37.44
CA LYS E 200 -0.83 17.45 -37.92
C LYS E 200 -1.34 16.44 -36.86
N GLY E 201 -0.45 15.95 -36.00
CA GLY E 201 -0.83 15.11 -34.86
C GLY E 201 -1.56 16.00 -33.85
N ALA E 202 -1.16 17.28 -33.78
CA ALA E 202 -1.84 18.19 -32.86
C ALA E 202 -3.27 18.44 -33.36
N ILE E 203 -3.42 18.51 -34.69
CA ILE E 203 -4.73 18.73 -35.29
C ILE E 203 -5.66 17.55 -35.02
N VAL E 204 -5.12 16.35 -35.14
CA VAL E 204 -5.88 15.11 -34.86
C VAL E 204 -6.43 15.15 -33.42
N ALA E 205 -5.56 15.35 -32.44
CA ALA E 205 -5.99 15.45 -31.04
C ALA E 205 -6.96 16.60 -30.82
N PHE E 206 -6.69 17.73 -31.44
CA PHE E 206 -7.57 18.90 -31.39
C PHE E 206 -8.97 18.52 -31.87
N THR E 207 -9.03 17.81 -32.98
CA THR E 207 -10.33 17.38 -33.55
C THR E 207 -11.09 16.47 -32.60
N ARG E 208 -10.39 15.52 -32.00
CA ARG E 208 -11.01 14.58 -31.08
C ARG E 208 -11.53 15.30 -29.85
N SER E 209 -10.67 16.10 -29.25
CA SER E 209 -11.03 16.87 -28.05
C SER E 209 -12.17 17.85 -28.28
N LEU E 210 -12.08 18.63 -29.35
CA LEU E 210 -13.12 19.62 -29.62
C LEU E 210 -14.47 18.93 -29.92
N SER E 211 -14.43 17.79 -30.61
CA SER E 211 -15.68 17.09 -30.91
C SER E 211 -16.44 16.81 -29.60
N GLN E 212 -15.74 16.31 -28.60
CA GLN E 212 -16.36 16.00 -27.33
C GLN E 212 -16.81 17.28 -26.63
N SER E 213 -16.02 18.33 -26.79
CA SER E 213 -16.34 19.63 -26.21
C SER E 213 -17.65 20.21 -26.75
N LEU E 214 -17.89 20.07 -28.05
CA LEU E 214 -19.05 20.70 -28.69
C LEU E 214 -20.24 19.79 -29.01
N VAL E 215 -20.16 18.50 -28.70
CA VAL E 215 -21.24 17.60 -29.12
C VAL E 215 -22.61 17.95 -28.53
N GLN E 216 -22.65 18.40 -27.28
CA GLN E 216 -23.92 18.78 -26.67
C GLN E 216 -24.43 20.12 -27.20
N LYS E 217 -23.61 20.83 -27.95
CA LYS E 217 -24.05 22.09 -28.57
C LYS E 217 -24.55 21.82 -29.98
N GLY E 218 -24.46 20.56 -30.41
CA GLY E 218 -24.96 20.14 -31.71
C GLY E 218 -24.06 20.55 -32.86
N ILE E 219 -22.78 20.73 -32.53
CA ILE E 219 -21.77 21.10 -33.49
C ILE E 219 -20.84 19.89 -33.65
N ARG E 220 -20.75 19.40 -34.87
CA ARG E 220 -19.92 18.27 -35.20
C ARG E 220 -18.53 18.73 -35.61
N VAL E 221 -17.52 17.93 -35.25
CA VAL E 221 -16.13 18.25 -35.54
C VAL E 221 -15.43 17.02 -36.06
N ASN E 222 -14.96 17.10 -37.30
CA ASN E 222 -14.26 15.98 -37.93
C ASN E 222 -13.09 16.44 -38.73
N GLY E 223 -12.30 15.51 -39.21
CA GLY E 223 -11.14 15.85 -40.02
C GLY E 223 -11.03 14.99 -41.25
N VAL E 224 -10.19 15.42 -42.18
CA VAL E 224 -9.90 14.66 -43.39
C VAL E 224 -8.38 14.52 -43.35
N ALA E 225 -7.84 13.33 -43.62
CA ALA E 225 -6.40 13.12 -43.62
C ALA E 225 -5.96 12.71 -45.01
N PRO E 226 -5.47 13.67 -45.80
CA PRO E 226 -5.04 13.32 -47.14
C PRO E 226 -3.65 12.70 -47.21
N GLY E 227 -3.45 11.83 -48.20
CA GLY E 227 -2.14 11.30 -48.53
C GLY E 227 -1.60 12.28 -49.57
N PRO E 228 -0.74 11.80 -50.49
CA PRO E 228 -0.12 12.67 -51.48
C PRO E 228 -1.09 13.27 -52.54
N ILE E 229 -1.48 14.51 -52.33
CA ILE E 229 -2.37 15.19 -53.26
C ILE E 229 -1.58 16.22 -54.08
N TRP E 230 -1.71 16.17 -55.40
CA TRP E 230 -1.00 17.10 -56.28
C TRP E 230 -1.58 18.50 -56.11
N THR E 231 -0.89 19.32 -55.32
CA THR E 231 -1.31 20.69 -55.03
C THR E 231 -0.08 21.60 -55.13
N PRO E 232 -0.26 22.92 -54.94
CA PRO E 232 0.91 23.81 -55.00
C PRO E 232 1.83 23.69 -53.77
N LEU E 233 1.37 23.01 -52.72
CA LEU E 233 2.17 22.78 -51.53
C LEU E 233 3.41 21.93 -51.84
N ILE E 234 3.29 21.03 -52.82
CA ILE E 234 4.37 20.09 -53.17
C ILE E 234 5.58 20.68 -53.88
N PRO E 235 5.39 21.39 -55.02
CA PRO E 235 6.56 21.94 -55.70
C PRO E 235 7.19 23.10 -54.93
N SER E 236 6.40 23.76 -54.09
CA SER E 236 6.87 24.88 -53.29
C SER E 236 7.54 24.46 -51.98
N SER E 237 7.56 23.16 -51.69
CA SER E 237 8.19 22.65 -50.46
C SER E 237 9.32 21.67 -50.77
N PHE E 238 9.06 20.72 -51.65
CA PHE E 238 10.05 19.71 -52.03
C PHE E 238 10.87 20.16 -53.25
N ASP E 239 12.01 19.50 -53.44
CA ASP E 239 12.89 19.80 -54.57
C ASP E 239 12.34 19.12 -55.84
N GLU E 240 13.01 19.33 -56.97
CA GLU E 240 12.56 18.78 -58.25
C GLU E 240 12.54 17.26 -58.35
N LYS E 241 13.64 16.62 -57.95
CA LYS E 241 13.77 15.16 -58.05
C LYS E 241 12.70 14.43 -57.24
N LYS E 242 12.29 15.02 -56.12
CA LYS E 242 11.30 14.40 -55.25
C LYS E 242 9.90 14.57 -55.83
N VAL E 243 9.60 15.76 -56.34
CA VAL E 243 8.30 16.04 -56.94
C VAL E 243 8.01 15.11 -58.12
N SER E 244 9.05 14.74 -58.87
CA SER E 244 8.89 13.90 -60.06
C SER E 244 8.30 12.52 -59.75
N GLN E 245 8.60 11.98 -58.58
CA GLN E 245 8.09 10.66 -58.20
C GLN E 245 7.06 10.78 -57.07
N PHE E 246 6.46 11.96 -56.94
CA PHE E 246 5.48 12.22 -55.89
C PHE E 246 4.25 11.31 -56.00
N GLY E 247 3.91 10.66 -54.89
CA GLY E 247 2.75 9.77 -54.82
C GLY E 247 2.90 8.40 -55.43
N SER E 248 4.13 7.97 -55.71
CA SER E 248 4.36 6.65 -56.33
C SER E 248 4.58 5.53 -55.31
N ASN E 249 4.52 5.86 -54.02
CA ASN E 249 4.75 4.88 -52.97
C ASN E 249 3.51 4.41 -52.21
N VAL E 250 2.34 4.97 -52.54
CA VAL E 250 1.10 4.53 -51.92
C VAL E 250 0.58 3.37 -52.77
N PRO E 251 -0.31 2.53 -52.21
CA PRO E 251 -0.82 1.35 -52.94
C PRO E 251 -1.37 1.62 -54.34
N GLN E 253 -0.07 3.76 -56.38
CA GLN E 253 1.07 4.26 -57.16
C GLN E 253 0.84 5.56 -57.93
N ARG E 254 0.08 6.48 -57.34
CA ARG E 254 -0.15 7.77 -57.96
C ARG E 254 -0.61 8.75 -56.90
N PRO E 255 -0.33 10.04 -57.13
CA PRO E 255 -0.82 11.05 -56.21
C PRO E 255 -2.30 11.26 -56.42
N GLY E 256 -2.99 11.75 -55.41
CA GLY E 256 -4.42 12.01 -55.55
C GLY E 256 -4.60 13.37 -56.20
N GLN E 257 -5.77 13.61 -56.77
CA GLN E 257 -6.06 14.90 -57.38
C GLN E 257 -6.98 15.64 -56.42
N PRO E 258 -6.80 16.96 -56.30
CA PRO E 258 -7.61 17.75 -55.38
C PRO E 258 -9.11 17.46 -55.43
N TYR E 259 -9.68 17.18 -56.60
CA TYR E 259 -11.12 16.92 -56.69
C TYR E 259 -11.50 15.62 -55.99
N GLU E 260 -10.56 14.70 -55.84
CA GLU E 260 -10.80 13.44 -55.15
C GLU E 260 -10.94 13.57 -53.63
N LEU E 261 -10.73 14.78 -53.11
CA LEU E 261 -10.86 15.06 -51.70
C LEU E 261 -12.19 15.75 -51.36
N ALA E 262 -12.69 16.56 -52.27
CA ALA E 262 -13.90 17.36 -52.05
C ALA E 262 -15.11 16.62 -51.49
N PRO E 263 -15.48 15.49 -52.10
CA PRO E 263 -16.65 14.71 -51.62
C PRO E 263 -16.57 14.31 -50.16
N ALA E 264 -15.36 14.12 -49.67
CA ALA E 264 -15.16 13.74 -48.28
C ALA E 264 -15.61 14.92 -47.43
N TYR E 265 -15.25 16.11 -47.90
CA TYR E 265 -15.61 17.34 -47.20
C TYR E 265 -17.11 17.60 -47.30
N VAL E 266 -17.68 17.33 -48.47
CA VAL E 266 -19.11 17.48 -48.67
C VAL E 266 -19.83 16.53 -47.70
N TYR E 267 -19.36 15.29 -47.62
CA TYR E 267 -19.94 14.31 -46.69
C TYR E 267 -19.97 14.84 -45.26
N LEU E 268 -18.80 15.28 -44.78
CA LEU E 268 -18.66 15.77 -43.41
C LEU E 268 -19.38 17.08 -43.12
N ALA E 269 -19.51 17.93 -44.14
CA ALA E 269 -20.13 19.24 -43.99
C ALA E 269 -21.65 19.24 -44.00
N SER E 270 -22.26 18.20 -44.56
CA SER E 270 -23.71 18.15 -44.73
C SER E 270 -24.41 17.25 -43.72
N SER E 271 -25.74 17.20 -43.82
CA SER E 271 -26.59 16.37 -42.97
C SER E 271 -26.30 14.89 -43.20
N ASP E 272 -25.58 14.58 -44.27
CA ASP E 272 -25.23 13.21 -44.63
C ASP E 272 -24.43 12.50 -43.51
N SER E 273 -23.65 13.28 -42.76
CA SER E 273 -22.82 12.74 -41.69
C SER E 273 -23.34 13.17 -40.31
N SER E 274 -24.65 13.34 -40.19
CA SER E 274 -25.29 13.76 -38.92
C SER E 274 -24.94 12.89 -37.69
N TYR E 275 -24.55 11.62 -37.86
CA TYR E 275 -24.19 10.77 -36.71
C TYR E 275 -22.67 10.60 -36.62
N VAL E 276 -21.92 11.54 -37.21
CA VAL E 276 -20.47 11.48 -37.24
C VAL E 276 -19.78 12.69 -36.63
N THR E 277 -18.97 12.45 -35.61
CA THR E 277 -18.20 13.49 -34.98
C THR E 277 -16.97 12.84 -34.34
N GLY E 278 -15.86 13.58 -34.36
CA GLY E 278 -14.61 13.15 -33.77
C GLY E 278 -13.83 12.23 -34.66
N GLN E 279 -14.23 12.11 -35.93
CA GLN E 279 -13.60 11.14 -36.81
C GLN E 279 -12.69 11.69 -37.87
N ILE E 281 -11.50 11.04 -42.05
CA ILE E 281 -11.65 10.35 -43.32
C ILE E 281 -10.28 10.29 -44.00
N HIS E 282 -9.76 9.09 -44.18
CA HIS E 282 -8.48 8.91 -44.81
C HIS E 282 -8.61 8.75 -46.31
N VAL E 283 -8.19 9.78 -47.05
CA VAL E 283 -8.21 9.77 -48.50
C VAL E 283 -6.74 9.77 -48.91
N ASN E 284 -6.16 8.58 -49.05
CA ASN E 284 -4.71 8.48 -49.19
C ASN E 284 -4.10 7.49 -50.19
N GLY E 285 -4.89 6.94 -51.10
CA GLY E 285 -4.34 6.05 -52.09
C GLY E 285 -4.13 4.62 -51.60
N GLY E 286 -4.75 4.30 -50.48
CA GLY E 286 -4.71 2.94 -49.93
C GLY E 286 -3.74 2.64 -48.79
N VAL E 287 -3.17 3.67 -48.15
CA VAL E 287 -2.28 3.41 -47.02
C VAL E 287 -3.14 3.01 -45.82
N ILE E 288 -2.85 1.84 -45.28
CA ILE E 288 -3.54 1.34 -44.12
C ILE E 288 -2.90 2.05 -42.93
N VAL E 289 -3.74 2.65 -42.09
CA VAL E 289 -3.23 3.40 -40.95
C VAL E 289 -3.90 2.91 -39.67
N ASN E 290 -4.29 1.64 -39.65
CA ASN E 290 -5.03 1.07 -38.54
C ASN E 290 -6.29 1.91 -38.30
N GLY E 291 -6.89 2.39 -39.39
CA GLY E 291 -8.08 3.25 -39.33
C GLY E 291 -9.40 2.56 -39.08
N ASN F 2 -16.08 -4.03 -16.81
CA ASN F 2 -16.88 -2.91 -17.37
C ASN F 2 -16.01 -1.72 -17.79
N ALA F 3 -16.09 -1.39 -19.08
CA ALA F 3 -15.28 -0.33 -19.69
C ALA F 3 -15.68 1.09 -19.32
N PRO F 5 -17.37 2.48 -16.21
CA PRO F 5 -17.89 2.36 -14.83
C PRO F 5 -18.64 3.58 -14.28
N GLN F 6 -18.43 4.76 -14.83
CA GLN F 6 -19.04 5.94 -14.29
C GLN F 6 -20.16 6.41 -15.17
N GLN F 7 -20.46 5.67 -16.21
CA GLN F 7 -21.48 6.10 -17.16
C GLN F 7 -22.86 5.98 -16.58
N LYS F 8 -23.54 7.09 -16.42
CA LYS F 8 -24.94 7.05 -16.05
C LYS F 8 -25.70 6.52 -17.25
N ASN F 9 -26.73 5.71 -17.04
CA ASN F 9 -27.54 5.30 -18.18
C ASN F 9 -28.92 5.92 -18.09
N PHE F 10 -29.65 5.88 -19.20
CA PHE F 10 -30.95 6.49 -19.27
C PHE F 10 -31.78 5.97 -20.43
N VAL F 11 -33.09 6.15 -20.34
CA VAL F 11 -34.02 5.60 -21.33
C VAL F 11 -33.99 6.37 -22.65
N THR F 12 -33.82 5.66 -23.75
CA THR F 12 -33.81 6.28 -25.08
C THR F 12 -34.88 5.68 -25.99
N PRO F 14 -38.44 2.59 -26.19
CA PRO F 14 -39.41 1.78 -25.45
C PRO F 14 -38.92 0.33 -25.21
N ALA F 15 -39.23 -0.22 -24.04
CA ALA F 15 -38.83 -1.58 -23.67
C ALA F 15 -39.53 -2.63 -24.56
N GLN F 16 -38.74 -3.35 -25.35
CA GLN F 16 -39.28 -4.38 -26.25
C GLN F 16 -38.28 -5.51 -26.48
N HIS F 17 -38.76 -6.62 -27.02
CA HIS F 17 -37.92 -7.80 -27.24
C HIS F 17 -38.58 -8.78 -28.22
N GLN F 18 -37.79 -9.32 -29.14
CA GLN F 18 -38.26 -10.33 -30.09
C GLN F 18 -37.53 -11.62 -29.75
N ASN F 19 -38.25 -12.74 -29.78
CA ASN F 19 -37.65 -14.04 -29.42
C ASN F 19 -37.07 -14.84 -30.60
N LYS F 20 -36.81 -14.16 -31.72
CA LYS F 20 -36.25 -14.83 -32.90
C LYS F 20 -35.32 -13.89 -33.67
N GLN F 21 -34.15 -14.40 -34.05
CA GLN F 21 -33.16 -13.63 -34.80
C GLN F 21 -32.85 -14.35 -36.10
N PRO F 22 -32.67 -13.62 -37.22
CA PRO F 22 -32.75 -12.16 -37.43
C PRO F 22 -34.13 -11.60 -37.08
N GLY F 23 -34.16 -10.46 -36.40
CA GLY F 23 -35.42 -9.85 -35.99
C GLY F 23 -36.22 -9.27 -37.13
N ILE F 24 -37.46 -8.93 -36.84
CA ILE F 24 -38.38 -8.38 -37.85
C ILE F 24 -38.59 -6.87 -37.63
N GLU F 25 -38.33 -6.09 -38.68
CA GLU F 25 -38.45 -4.64 -38.56
C GLU F 25 -39.89 -4.20 -38.31
N SER F 26 -40.84 -4.80 -39.02
CA SER F 26 -42.26 -4.41 -38.86
C SER F 26 -42.81 -4.55 -37.43
N LEU F 27 -42.13 -5.33 -36.57
CA LEU F 27 -42.56 -5.50 -35.18
C LEU F 27 -42.02 -4.42 -34.23
N ASN F 29 -40.92 -0.78 -32.35
CA ASN F 29 -41.55 0.46 -31.88
C ASN F 29 -40.51 1.41 -31.25
N PRO F 30 -40.20 2.55 -31.91
CA PRO F 30 -40.78 2.95 -33.18
C PRO F 30 -40.06 2.30 -34.36
N LEU F 31 -40.68 2.40 -35.54
CA LEU F 31 -40.10 1.87 -36.75
C LEU F 31 -38.80 2.62 -37.06
N PRO F 32 -37.74 1.88 -37.39
CA PRO F 32 -36.50 2.53 -37.77
C PRO F 32 -36.73 3.48 -38.94
N GLN F 33 -36.16 4.68 -38.86
CA GLN F 33 -36.24 5.61 -39.96
C GLN F 33 -35.14 5.17 -40.92
N PHE F 34 -35.52 4.60 -42.06
CA PHE F 34 -34.54 4.07 -43.02
C PHE F 34 -34.31 4.98 -44.19
N GLU F 35 -35.01 6.09 -44.19
CA GLU F 35 -34.98 6.99 -45.30
C GLU F 35 -35.06 8.42 -44.84
N ASP F 36 -34.17 9.26 -45.37
CA ASP F 36 -34.25 10.68 -45.14
C ASP F 36 -35.11 11.21 -46.30
N PRO F 37 -36.25 11.81 -45.99
CA PRO F 37 -37.15 12.32 -47.06
C PRO F 37 -36.50 13.41 -47.91
N ASN F 38 -35.56 14.16 -47.34
CA ASN F 38 -34.87 15.24 -48.05
C ASN F 38 -33.81 14.72 -49.00
N TYR F 39 -33.35 13.49 -48.76
CA TYR F 39 -32.27 12.93 -49.56
C TYR F 39 -32.59 13.05 -51.04
N LYS F 40 -31.71 13.70 -51.77
CA LYS F 40 -31.85 13.87 -53.21
C LYS F 40 -30.70 13.12 -53.87
N GLY F 41 -31.03 12.19 -54.75
CA GLY F 41 -30.02 11.41 -55.47
C GLY F 41 -29.45 12.25 -56.59
N SER F 42 -28.32 11.83 -57.15
CA SER F 42 -27.68 12.61 -58.22
C SER F 42 -26.90 11.69 -59.14
N GLU F 43 -27.47 10.51 -59.40
CA GLU F 43 -26.91 9.52 -60.32
C GLU F 43 -25.53 9.02 -59.96
N LYS F 44 -25.19 9.08 -58.67
CA LYS F 44 -23.88 8.66 -58.23
C LYS F 44 -23.54 7.20 -58.54
N LEU F 45 -24.56 6.35 -58.68
CA LEU F 45 -24.37 4.91 -58.95
C LEU F 45 -25.22 4.48 -60.15
N LYS F 46 -25.54 5.43 -61.01
CA LYS F 46 -26.38 5.20 -62.17
C LYS F 46 -25.96 3.97 -62.97
N GLY F 47 -26.84 2.97 -63.02
CA GLY F 47 -26.62 1.76 -63.84
C GLY F 47 -25.75 0.70 -63.21
N LYS F 48 -25.26 0.95 -62.00
CA LYS F 48 -24.44 -0.03 -61.32
C LYS F 48 -25.32 -1.16 -60.81
N ASN F 49 -24.72 -2.35 -60.69
CA ASN F 49 -25.41 -3.55 -60.21
C ASN F 49 -24.81 -3.95 -58.87
N VAL F 50 -25.67 -4.01 -57.86
CA VAL F 50 -25.21 -4.23 -56.51
C VAL F 50 -25.81 -5.44 -55.85
N LEU F 51 -24.94 -6.14 -55.11
CA LEU F 51 -25.34 -7.24 -54.28
C LEU F 51 -25.08 -6.81 -52.85
N ILE F 52 -26.13 -6.78 -52.03
CA ILE F 52 -26.02 -6.44 -50.64
C ILE F 52 -26.59 -7.59 -49.81
N THR F 53 -25.74 -8.16 -48.97
CA THR F 53 -26.18 -9.23 -48.10
C THR F 53 -26.75 -8.56 -46.86
N GLY F 54 -27.95 -8.97 -46.47
CA GLY F 54 -28.64 -8.37 -45.34
C GLY F 54 -29.29 -7.03 -45.69
N GLY F 55 -29.61 -6.83 -46.98
CA GLY F 55 -30.21 -5.57 -47.46
C GLY F 55 -31.71 -5.38 -47.30
N ASP F 56 -32.34 -6.32 -46.61
CA ASP F 56 -33.79 -6.32 -46.41
C ASP F 56 -34.29 -5.45 -45.27
N SER F 57 -33.43 -5.18 -44.31
CA SER F 57 -33.82 -4.42 -43.12
C SER F 57 -32.64 -3.66 -42.53
N GLY F 58 -32.93 -2.91 -41.46
CA GLY F 58 -31.94 -2.10 -40.78
C GLY F 58 -31.07 -1.26 -41.69
N ILE F 59 -29.78 -1.30 -41.42
CA ILE F 59 -28.78 -0.57 -42.20
C ILE F 59 -28.83 -0.96 -43.66
N GLY F 60 -28.92 -2.26 -43.93
CA GLY F 60 -28.95 -2.75 -45.30
C GLY F 60 -30.14 -2.24 -46.11
N ARG F 61 -31.27 -2.00 -45.45
CA ARG F 61 -32.46 -1.49 -46.13
C ARG F 61 -32.22 -0.03 -46.50
N ALA F 62 -31.57 0.70 -45.61
CA ALA F 62 -31.26 2.11 -45.85
C ALA F 62 -30.31 2.21 -47.04
N VAL F 63 -29.31 1.34 -47.07
CA VAL F 63 -28.34 1.36 -48.16
C VAL F 63 -28.97 0.95 -49.50
N SER F 64 -29.83 -0.08 -49.49
CA SER F 64 -30.49 -0.51 -50.73
C SER F 64 -31.29 0.66 -51.34
N ILE F 65 -32.08 1.31 -50.51
CA ILE F 65 -32.89 2.42 -50.95
C ILE F 65 -32.03 3.62 -51.41
N ALA F 66 -31.00 3.96 -50.64
CA ALA F 66 -30.12 5.08 -51.02
C ALA F 66 -29.42 4.79 -52.35
N PHE F 67 -29.00 3.54 -52.54
CA PHE F 67 -28.35 3.13 -53.79
C PHE F 67 -29.33 3.21 -54.97
N ALA F 68 -30.57 2.80 -54.71
CA ALA F 68 -31.60 2.85 -55.73
C ALA F 68 -31.77 4.30 -56.18
N LYS F 69 -31.84 5.19 -55.19
CA LYS F 69 -31.99 6.63 -55.44
C LYS F 69 -30.83 7.17 -56.26
N GLU F 70 -29.66 6.55 -56.16
CA GLU F 70 -28.51 6.96 -56.96
C GLU F 70 -28.42 6.23 -58.30
N GLY F 71 -29.50 5.55 -58.65
CA GLY F 71 -29.60 4.86 -59.95
C GLY F 71 -29.09 3.44 -60.07
N ALA F 72 -28.74 2.82 -58.96
CA ALA F 72 -28.20 1.46 -58.97
C ALA F 72 -29.27 0.39 -58.95
N ASN F 73 -28.96 -0.73 -59.58
CA ASN F 73 -29.82 -1.91 -59.55
C ASN F 73 -29.37 -2.76 -58.35
N ILE F 74 -30.34 -3.28 -57.60
CA ILE F 74 -30.02 -3.93 -56.36
C ILE F 74 -30.51 -5.37 -56.23
N ALA F 75 -29.57 -6.26 -55.93
CA ALA F 75 -29.86 -7.65 -55.60
C ALA F 75 -29.72 -7.73 -54.08
N ILE F 76 -30.81 -8.10 -53.41
CA ILE F 76 -30.86 -8.17 -51.96
C ILE F 76 -30.88 -9.61 -51.41
N ALA F 77 -29.85 -9.98 -50.66
CA ALA F 77 -29.79 -11.30 -50.00
C ALA F 77 -30.18 -11.12 -48.53
N TYR F 78 -30.87 -12.12 -48.00
CA TYR F 78 -31.38 -12.09 -46.63
C TYR F 78 -31.71 -13.55 -46.25
N LEU F 79 -32.05 -13.81 -44.99
CA LEU F 79 -32.29 -15.20 -44.56
C LEU F 79 -33.69 -15.65 -44.93
N ASP F 80 -34.69 -15.08 -44.27
CA ASP F 80 -36.08 -15.48 -44.49
C ASP F 80 -37.10 -14.38 -44.19
N GLU F 81 -36.66 -13.13 -44.03
CA GLU F 81 -37.59 -12.07 -43.67
C GLU F 81 -38.30 -11.52 -44.93
N GLU F 82 -39.12 -12.36 -45.54
CA GLU F 82 -39.83 -12.01 -46.78
C GLU F 82 -40.61 -10.71 -46.76
N GLY F 83 -41.29 -10.43 -45.64
CA GLY F 83 -42.09 -9.21 -45.51
C GLY F 83 -41.21 -7.98 -45.56
N ASP F 84 -40.09 -8.02 -44.84
CA ASP F 84 -39.14 -6.90 -44.85
C ASP F 84 -38.49 -6.77 -46.22
N ALA F 85 -38.09 -7.89 -46.81
CA ALA F 85 -37.42 -7.87 -48.12
C ALA F 85 -38.34 -7.38 -49.26
N ASN F 86 -39.62 -7.74 -49.21
N ASN F 86 -39.62 -7.74 -49.21
CA ASN F 86 -40.55 -7.29 -50.24
CA ASN F 86 -40.54 -7.28 -50.25
C ASN F 86 -40.83 -5.80 -50.04
C ASN F 86 -40.89 -5.81 -50.05
N GLU F 87 -40.99 -5.40 -48.78
CA GLU F 87 -41.24 -4.00 -48.46
C GLU F 87 -40.06 -3.13 -48.95
N THR F 88 -38.84 -3.61 -48.74
CA THR F 88 -37.65 -2.91 -49.20
C THR F 88 -37.66 -2.85 -50.73
N LYS F 89 -38.07 -3.96 -51.34
CA LYS F 89 -38.18 -4.06 -52.79
C LYS F 89 -39.11 -2.99 -53.37
N GLN F 90 -40.19 -2.70 -52.65
CA GLN F 90 -41.15 -1.70 -53.12
C GLN F 90 -40.49 -0.33 -53.14
N TYR F 91 -39.70 -0.03 -52.11
CA TYR F 91 -39.00 1.27 -52.05
C TYR F 91 -37.95 1.37 -53.14
N VAL F 92 -37.23 0.27 -53.39
CA VAL F 92 -36.19 0.27 -54.43
C VAL F 92 -36.76 0.53 -55.83
N GLU F 93 -37.74 -0.28 -56.22
CA GLU F 93 -38.34 -0.18 -57.55
C GLU F 93 -39.02 1.16 -57.80
N LYS F 94 -39.51 1.79 -56.74
CA LYS F 94 -40.14 3.11 -56.83
C LYS F 94 -39.19 4.13 -57.47
N GLU F 95 -37.89 3.84 -57.41
N GLU F 95 -37.88 3.87 -57.40
CA GLU F 95 -36.86 4.71 -57.95
CA GLU F 95 -36.89 4.76 -57.98
C GLU F 95 -36.52 4.39 -59.42
C GLU F 95 -36.59 4.45 -59.45
N GLY F 96 -37.23 3.44 -60.01
CA GLY F 96 -37.03 3.10 -61.42
C GLY F 96 -35.85 2.18 -61.74
N VAL F 97 -35.43 1.38 -60.78
CA VAL F 97 -34.34 0.45 -61.00
C VAL F 97 -34.86 -0.96 -60.71
N LYS F 98 -34.10 -1.97 -61.07
CA LYS F 98 -34.54 -3.33 -60.77
C LYS F 98 -34.14 -3.74 -59.36
N CYS F 99 -34.89 -4.68 -58.82
CA CYS F 99 -34.65 -5.21 -57.50
C CYS F 99 -34.80 -6.74 -57.60
N VAL F 100 -33.84 -7.46 -57.04
CA VAL F 100 -33.82 -8.93 -57.06
C VAL F 100 -33.81 -9.42 -55.63
N LEU F 101 -34.70 -10.34 -55.28
CA LEU F 101 -34.72 -10.88 -53.94
C LEU F 101 -34.10 -12.28 -53.92
N LEU F 102 -33.15 -12.48 -53.00
CA LEU F 102 -32.41 -13.73 -52.89
C LEU F 102 -32.41 -14.26 -51.47
N PRO F 103 -33.49 -14.97 -51.07
CA PRO F 103 -33.55 -15.48 -49.72
C PRO F 103 -32.63 -16.67 -49.58
N GLY F 104 -32.30 -17.03 -48.34
CA GLY F 104 -31.43 -18.17 -48.08
C GLY F 104 -30.42 -17.95 -46.96
N ASP F 105 -29.91 -19.06 -46.44
CA ASP F 105 -28.97 -19.10 -45.32
C ASP F 105 -27.54 -19.03 -45.86
N LEU F 106 -26.92 -17.87 -45.65
CA LEU F 106 -25.56 -17.61 -46.08
C LEU F 106 -24.54 -18.25 -45.12
N SER F 107 -25.01 -19.03 -44.15
CA SER F 107 -24.08 -19.72 -43.27
C SER F 107 -23.62 -20.96 -44.04
N ASP F 108 -24.27 -21.22 -45.19
CA ASP F 108 -23.89 -22.30 -46.09
C ASP F 108 -23.01 -21.77 -47.24
N GLU F 109 -21.84 -22.37 -47.42
CA GLU F 109 -20.91 -21.94 -48.46
C GLU F 109 -21.55 -21.94 -49.85
N GLN F 110 -22.19 -23.05 -50.22
CA GLN F 110 -22.79 -23.11 -51.55
C GLN F 110 -23.77 -21.97 -51.80
N HIS F 111 -24.63 -21.70 -50.81
CA HIS F 111 -25.61 -20.62 -50.97
C HIS F 111 -24.91 -19.28 -51.18
N CYS F 112 -23.75 -19.10 -50.54
CA CYS F 112 -22.93 -17.88 -50.72
C CYS F 112 -22.49 -17.78 -52.17
N LYS F 113 -22.16 -18.91 -52.77
CA LYS F 113 -21.73 -18.95 -54.18
C LYS F 113 -22.95 -18.69 -55.08
N ASP F 114 -24.07 -19.28 -54.69
CA ASP F 114 -25.32 -19.17 -55.47
C ASP F 114 -25.83 -17.72 -55.60
N ILE F 115 -25.75 -16.93 -54.53
CA ILE F 115 -26.28 -15.56 -54.59
C ILE F 115 -25.51 -14.70 -55.59
N VAL F 116 -24.21 -14.94 -55.69
CA VAL F 116 -23.38 -14.22 -56.64
C VAL F 116 -23.71 -14.65 -58.06
N GLN F 117 -23.97 -15.94 -58.25
CA GLN F 117 -24.34 -16.46 -59.57
C GLN F 117 -25.70 -15.93 -60.02
N GLU F 118 -26.63 -15.92 -59.08
CA GLU F 118 -27.98 -15.46 -59.32
C GLU F 118 -27.99 -13.97 -59.65
N THR F 119 -27.25 -13.19 -58.85
CA THR F 119 -27.17 -11.75 -59.08
C THR F 119 -26.69 -11.47 -60.49
N VAL F 120 -25.66 -12.19 -60.92
CA VAL F 120 -25.14 -11.97 -62.26
C VAL F 120 -26.15 -12.48 -63.29
N ARG F 121 -26.83 -13.60 -63.00
CA ARG F 121 -27.86 -14.13 -63.91
C ARG F 121 -29.01 -13.12 -64.11
N GLN F 122 -29.57 -12.64 -63.00
CA GLN F 122 -30.72 -11.74 -63.05
C GLN F 122 -30.37 -10.26 -63.42
N LEU F 123 -29.32 -9.67 -62.84
CA LEU F 123 -28.95 -8.26 -63.15
C LEU F 123 -27.99 -8.15 -64.33
N GLY F 124 -27.35 -9.25 -64.70
CA GLY F 124 -26.48 -9.24 -65.86
C GLY F 124 -25.01 -9.03 -65.53
N SER F 125 -24.74 -8.45 -64.37
CA SER F 125 -23.37 -8.24 -63.92
C SER F 125 -23.38 -7.84 -62.46
N LEU F 126 -22.18 -7.72 -61.91
CA LEU F 126 -22.00 -7.28 -60.53
C LEU F 126 -20.93 -6.18 -60.52
N ASN F 127 -21.24 -5.08 -59.84
CA ASN F 127 -20.32 -3.95 -59.75
C ASN F 127 -19.91 -3.63 -58.29
N ILE F 128 -20.89 -3.65 -57.41
CA ILE F 128 -20.69 -3.26 -56.03
C ILE F 128 -21.17 -4.37 -55.12
N LEU F 129 -20.28 -4.88 -54.27
CA LEU F 129 -20.62 -5.91 -53.31
C LEU F 129 -20.62 -5.30 -51.92
N VAL F 130 -21.74 -5.40 -51.22
CA VAL F 130 -21.81 -4.91 -49.85
C VAL F 130 -22.05 -6.11 -48.92
N ASN F 131 -21.02 -6.53 -48.19
CA ASN F 131 -21.10 -7.60 -47.20
C ASN F 131 -21.60 -6.99 -45.91
N ASN F 132 -22.75 -7.42 -45.43
CA ASN F 132 -23.40 -6.73 -44.32
C ASN F 132 -24.26 -7.61 -43.39
N VAL F 133 -24.40 -8.89 -43.69
CA VAL F 133 -25.13 -9.81 -42.78
C VAL F 133 -24.42 -10.00 -41.45
N ALA F 134 -25.22 -10.20 -40.40
CA ALA F 134 -24.67 -10.50 -39.09
C ALA F 134 -25.73 -10.98 -38.11
N GLN F 135 -25.30 -11.80 -37.15
CA GLN F 135 -26.11 -12.20 -36.02
C GLN F 135 -25.23 -11.97 -34.79
N GLN F 136 -25.81 -11.76 -33.62
CA GLN F 136 -25.04 -11.53 -32.40
C GLN F 136 -25.75 -12.11 -31.20
N TYR F 137 -25.01 -12.80 -30.33
CA TYR F 137 -25.63 -13.46 -29.18
C TYR F 137 -24.92 -13.09 -27.89
N PRO F 138 -25.40 -12.03 -27.22
CA PRO F 138 -24.79 -11.54 -26.00
C PRO F 138 -24.76 -12.58 -24.88
N GLN F 139 -23.69 -12.54 -24.11
CA GLN F 139 -23.51 -13.45 -22.98
C GLN F 139 -22.80 -12.68 -21.89
N GLN F 140 -23.13 -13.00 -20.64
CA GLN F 140 -22.54 -12.29 -19.52
C GLN F 140 -21.04 -12.57 -19.37
N GLY F 141 -20.54 -13.59 -20.07
CA GLY F 141 -19.12 -13.91 -20.04
C GLY F 141 -18.70 -14.97 -21.05
N LEU F 142 -17.39 -15.15 -21.18
CA LEU F 142 -16.82 -16.16 -22.08
C LEU F 142 -17.24 -17.58 -21.67
N GLU F 143 -17.35 -17.83 -20.37
CA GLU F 143 -17.77 -19.16 -19.90
C GLU F 143 -19.19 -19.50 -20.40
N TYR F 144 -19.97 -18.49 -20.79
CA TYR F 144 -21.33 -18.71 -21.30
C TYR F 144 -21.44 -18.81 -22.82
N ILE F 145 -20.30 -18.87 -23.52
CA ILE F 145 -20.32 -18.94 -24.97
C ILE F 145 -19.95 -20.34 -25.36
N THR F 146 -20.92 -21.10 -25.86
CA THR F 146 -20.67 -22.48 -26.28
C THR F 146 -19.89 -22.49 -27.59
N ALA F 147 -19.32 -23.65 -27.93
CA ALA F 147 -18.62 -23.81 -29.18
C ALA F 147 -19.62 -23.65 -30.32
N GLU F 148 -20.83 -24.14 -30.10
CA GLU F 148 -21.87 -24.04 -31.13
C GLU F 148 -22.16 -22.58 -31.49
N GLN F 149 -22.33 -21.74 -30.48
CA GLN F 149 -22.57 -20.32 -30.74
C GLN F 149 -21.37 -19.66 -31.39
N LEU F 150 -20.18 -19.98 -30.88
CA LEU F 150 -18.95 -19.42 -31.40
C LEU F 150 -18.85 -19.72 -32.89
N GLU F 151 -19.03 -20.99 -33.26
CA GLU F 151 -18.92 -21.35 -34.67
C GLU F 151 -20.02 -20.70 -35.51
N LYS F 152 -21.24 -20.72 -34.99
CA LYS F 152 -22.39 -20.13 -35.66
C LYS F 152 -22.14 -18.64 -35.94
N THR F 153 -21.72 -17.92 -34.92
CA THR F 153 -21.44 -16.49 -35.05
C THR F 153 -20.36 -16.22 -36.12
N PHE F 154 -19.26 -16.97 -36.08
CA PHE F 154 -18.22 -16.77 -37.09
C PHE F 154 -18.64 -17.16 -38.50
N ARG F 155 -19.40 -18.23 -38.60
CA ARG F 155 -19.81 -18.72 -39.91
C ARG F 155 -20.60 -17.69 -40.70
N ILE F 156 -21.52 -17.00 -40.03
CA ILE F 156 -22.36 -16.01 -40.69
C ILE F 156 -21.72 -14.61 -40.74
N ASN F 157 -21.01 -14.23 -39.68
CA ASN F 157 -20.43 -12.90 -39.61
C ASN F 157 -19.17 -12.70 -40.42
N ILE F 158 -18.33 -13.72 -40.56
CA ILE F 158 -17.08 -13.55 -41.30
C ILE F 158 -16.87 -14.56 -42.39
N PHE F 159 -17.19 -15.82 -42.15
CA PHE F 159 -17.03 -16.82 -43.21
C PHE F 159 -17.88 -16.43 -44.42
N SER F 160 -19.10 -15.95 -44.18
CA SER F 160 -19.96 -15.58 -45.31
C SER F 160 -19.34 -14.43 -46.10
N TYR F 161 -18.72 -13.46 -45.43
CA TYR F 161 -18.05 -12.36 -46.15
C TYR F 161 -16.92 -12.95 -47.01
N PHE F 162 -16.24 -13.97 -46.47
CA PHE F 162 -15.20 -14.66 -47.25
C PHE F 162 -15.78 -15.39 -48.48
N HIS F 163 -16.85 -16.14 -48.26
CA HIS F 163 -17.39 -16.97 -49.35
C HIS F 163 -18.07 -16.16 -50.45
N VAL F 164 -18.89 -15.19 -50.06
CA VAL F 164 -19.57 -14.33 -51.02
C VAL F 164 -18.56 -13.49 -51.80
N THR F 165 -17.60 -12.87 -51.10
CA THR F 165 -16.61 -12.02 -51.77
C THR F 165 -15.77 -12.86 -52.74
N LYS F 166 -15.40 -14.05 -52.31
CA LYS F 166 -14.62 -14.96 -53.15
C LYS F 166 -15.33 -15.24 -54.48
N ALA F 167 -16.60 -15.62 -54.41
CA ALA F 167 -17.35 -15.90 -55.62
C ALA F 167 -17.47 -14.63 -56.47
N ALA F 168 -17.61 -13.49 -55.81
CA ALA F 168 -17.74 -12.22 -56.52
C ALA F 168 -16.50 -11.82 -57.33
N LEU F 169 -15.32 -12.30 -56.95
CA LEU F 169 -14.08 -11.87 -57.61
C LEU F 169 -14.03 -12.07 -59.11
N SER F 170 -14.40 -13.24 -59.61
CA SER F 170 -14.37 -13.48 -61.05
C SER F 170 -15.23 -12.51 -61.86
N HIS F 171 -16.19 -11.86 -61.20
CA HIS F 171 -17.10 -10.91 -61.84
C HIS F 171 -16.72 -9.45 -61.60
N LEU F 172 -15.84 -9.21 -60.63
CA LEU F 172 -15.44 -7.83 -60.34
C LEU F 172 -14.32 -7.41 -61.30
N LYS F 173 -14.34 -6.13 -61.67
CA LYS F 173 -13.38 -5.59 -62.61
C LYS F 173 -12.87 -4.26 -62.11
N GLN F 174 -11.89 -3.74 -62.86
CA GLN F 174 -11.31 -2.45 -62.59
C GLN F 174 -12.40 -1.40 -62.54
N GLY F 175 -12.62 -0.84 -61.35
CA GLY F 175 -13.62 0.19 -61.14
C GLY F 175 -14.71 -0.26 -60.18
N ASP F 176 -14.74 -1.55 -59.89
CA ASP F 176 -15.73 -2.12 -58.98
C ASP F 176 -15.36 -1.93 -57.50
N VAL F 177 -16.27 -2.25 -56.61
CA VAL F 177 -16.09 -1.93 -55.22
C VAL F 177 -16.68 -2.91 -54.24
N ILE F 178 -15.96 -3.11 -53.13
CA ILE F 178 -16.41 -3.96 -52.05
C ILE F 178 -16.53 -3.08 -50.81
N ILE F 179 -17.61 -3.22 -50.08
CA ILE F 179 -17.80 -2.51 -48.82
C ILE F 179 -18.19 -3.59 -47.80
N ASN F 180 -17.50 -3.62 -46.68
CA ASN F 180 -17.77 -4.56 -45.59
C ASN F 180 -18.29 -3.82 -44.37
N THR F 181 -19.43 -4.24 -43.82
CA THR F 181 -19.90 -3.62 -42.58
C THR F 181 -19.26 -4.30 -41.35
N ALA F 182 -18.45 -3.54 -40.63
CA ALA F 182 -17.80 -3.97 -39.41
C ALA F 182 -18.62 -3.47 -38.23
N SER F 183 -17.93 -2.88 -37.25
CA SER F 183 -18.58 -2.37 -36.05
C SER F 183 -17.57 -1.66 -35.18
N ILE F 184 -18.10 -0.74 -34.38
CA ILE F 184 -17.32 -0.03 -33.41
C ILE F 184 -16.73 -1.03 -32.40
N VAL F 185 -17.40 -2.17 -32.18
CA VAL F 185 -16.86 -3.14 -31.19
C VAL F 185 -15.49 -3.73 -31.59
N ALA F 186 -15.14 -3.71 -32.87
CA ALA F 186 -13.83 -4.23 -33.28
C ALA F 186 -12.73 -3.31 -32.72
N TYR F 187 -13.08 -2.03 -32.57
CA TYR F 187 -12.17 -1.00 -32.06
C TYR F 187 -12.23 -0.78 -30.56
N GLU F 188 -13.42 -0.81 -29.98
N GLU F 188 -13.43 -0.75 -29.99
CA GLU F 188 -13.59 -0.54 -28.55
CA GLU F 188 -13.65 -0.55 -28.53
C GLU F 188 -13.72 -1.81 -27.70
C GLU F 188 -13.65 -1.82 -27.70
N GLY F 189 -14.06 -2.92 -28.32
CA GLY F 189 -14.27 -4.18 -27.62
C GLY F 189 -15.68 -4.05 -27.06
N ASN F 190 -16.27 -5.18 -26.65
CA ASN F 190 -17.57 -5.19 -26.00
C ASN F 190 -17.58 -6.40 -25.08
N GLU F 191 -17.64 -6.17 -23.77
CA GLU F 191 -17.56 -7.24 -22.76
C GLU F 191 -18.69 -8.29 -22.77
N THR F 192 -19.80 -8.00 -23.43
CA THR F 192 -20.92 -8.95 -23.48
C THR F 192 -21.12 -9.54 -24.87
N LEU F 193 -20.20 -9.24 -25.78
CA LEU F 193 -20.26 -9.70 -27.17
C LEU F 193 -18.86 -10.08 -27.65
N ILE F 194 -18.18 -10.89 -26.86
CA ILE F 194 -16.79 -11.24 -27.12
C ILE F 194 -16.62 -11.97 -28.45
N ASP F 195 -17.50 -12.94 -28.72
CA ASP F 195 -17.42 -13.64 -30.00
C ASP F 195 -17.78 -12.73 -31.16
N TYR F 196 -18.90 -12.02 -31.03
CA TYR F 196 -19.32 -11.05 -32.04
C TYR F 196 -18.19 -10.04 -32.32
N SER F 197 -17.63 -9.45 -31.28
CA SER F 197 -16.56 -8.46 -31.47
C SER F 197 -15.39 -9.10 -32.22
N ALA F 198 -15.06 -10.34 -31.91
CA ALA F 198 -13.96 -11.02 -32.59
C ALA F 198 -14.25 -11.18 -34.09
N THR F 199 -15.50 -11.42 -34.45
CA THR F 199 -15.86 -11.54 -35.87
C THR F 199 -15.69 -10.18 -36.55
N LYS F 200 -16.05 -9.13 -35.84
CA LYS F 200 -15.95 -7.77 -36.38
C LYS F 200 -14.49 -7.37 -36.54
N GLY F 201 -13.64 -7.79 -35.62
CA GLY F 201 -12.20 -7.53 -35.76
C GLY F 201 -11.65 -8.29 -36.95
N ALA F 202 -12.14 -9.50 -37.17
CA ALA F 202 -11.75 -10.26 -38.35
C ALA F 202 -12.17 -9.51 -39.62
N ILE F 203 -13.34 -8.88 -39.60
CA ILE F 203 -13.84 -8.15 -40.77
C ILE F 203 -12.94 -6.95 -41.07
N VAL F 204 -12.50 -6.28 -40.00
CA VAL F 204 -11.60 -5.13 -40.13
C VAL F 204 -10.27 -5.54 -40.78
N ALA F 205 -9.67 -6.63 -40.31
CA ALA F 205 -8.39 -7.12 -40.89
C ALA F 205 -8.60 -7.60 -42.32
N PHE F 206 -9.71 -8.32 -42.52
CA PHE F 206 -10.09 -8.79 -43.87
C PHE F 206 -10.12 -7.61 -44.84
N THR F 207 -10.83 -6.57 -44.44
CA THR F 207 -10.93 -5.37 -45.27
C THR F 207 -9.57 -4.80 -45.61
N ARG F 208 -8.70 -4.67 -44.60
CA ARG F 208 -7.34 -4.14 -44.80
C ARG F 208 -6.52 -5.01 -45.75
N SER F 209 -6.50 -6.31 -45.48
CA SER F 209 -5.73 -7.24 -46.30
C SER F 209 -6.27 -7.32 -47.72
N LEU F 210 -7.59 -7.41 -47.87
CA LEU F 210 -8.18 -7.55 -49.20
C LEU F 210 -7.97 -6.28 -50.03
N SER F 211 -7.92 -5.12 -49.38
CA SER F 211 -7.72 -3.85 -50.12
C SER F 211 -6.35 -3.86 -50.77
N GLN F 212 -5.38 -4.42 -50.08
CA GLN F 212 -4.02 -4.49 -50.59
C GLN F 212 -3.95 -5.54 -51.69
N SER F 213 -4.72 -6.60 -51.54
CA SER F 213 -4.74 -7.67 -52.53
C SER F 213 -5.36 -7.25 -53.88
N LEU F 214 -6.36 -6.38 -53.86
CA LEU F 214 -7.06 -6.04 -55.10
C LEU F 214 -6.80 -4.62 -55.61
N VAL F 215 -5.94 -3.85 -54.95
CA VAL F 215 -5.74 -2.48 -55.38
C VAL F 215 -5.26 -2.38 -56.82
N GLN F 216 -4.45 -3.34 -57.28
CA GLN F 216 -3.93 -3.29 -58.63
C GLN F 216 -4.95 -3.75 -59.68
N LYS F 217 -5.96 -4.49 -59.25
CA LYS F 217 -7.02 -4.89 -60.15
C LYS F 217 -7.97 -3.70 -60.34
N GLY F 218 -7.83 -2.69 -59.48
CA GLY F 218 -8.66 -1.49 -59.57
C GLY F 218 -9.94 -1.68 -58.78
N ILE F 219 -9.90 -2.61 -57.83
CA ILE F 219 -11.04 -2.88 -56.97
C ILE F 219 -10.77 -2.31 -55.57
N ARG F 220 -11.62 -1.39 -55.13
CA ARG F 220 -11.49 -0.75 -53.84
C ARG F 220 -12.22 -1.53 -52.76
N VAL F 221 -11.62 -1.65 -51.59
CA VAL F 221 -12.25 -2.34 -50.49
C VAL F 221 -12.23 -1.45 -49.26
N ASN F 222 -13.38 -1.19 -48.68
CA ASN F 222 -13.47 -0.32 -47.51
C ASN F 222 -14.53 -0.81 -46.58
N GLY F 223 -14.61 -0.21 -45.40
CA GLY F 223 -15.63 -0.61 -44.47
C GLY F 223 -16.33 0.52 -43.79
N VAL F 224 -17.44 0.20 -43.13
CA VAL F 224 -18.21 1.14 -42.33
C VAL F 224 -18.36 0.50 -40.96
N ALA F 225 -18.04 1.25 -39.92
CA ALA F 225 -18.12 0.76 -38.56
C ALA F 225 -19.18 1.55 -37.83
N PRO F 226 -20.40 1.03 -37.81
CA PRO F 226 -21.48 1.70 -37.11
C PRO F 226 -21.39 1.59 -35.59
N GLY F 227 -21.94 2.59 -34.92
CA GLY F 227 -22.07 2.56 -33.48
C GLY F 227 -23.45 1.96 -33.25
N PRO F 228 -24.12 2.36 -32.16
CA PRO F 228 -25.45 1.77 -31.94
C PRO F 228 -26.50 2.35 -32.90
N ILE F 229 -26.99 1.51 -33.81
CA ILE F 229 -28.02 1.92 -34.77
C ILE F 229 -29.32 1.16 -34.49
N TRP F 230 -30.45 1.85 -34.59
CA TRP F 230 -31.76 1.25 -34.32
C TRP F 230 -32.21 0.34 -35.48
N THR F 231 -31.99 -0.97 -35.32
CA THR F 231 -32.33 -1.97 -36.33
C THR F 231 -32.90 -3.22 -35.63
N PRO F 232 -33.44 -4.17 -36.42
CA PRO F 232 -34.01 -5.41 -35.84
C PRO F 232 -33.01 -6.26 -35.05
N LEU F 233 -31.72 -6.01 -35.26
CA LEU F 233 -30.66 -6.74 -34.56
C LEU F 233 -30.65 -6.46 -33.05
N ILE F 234 -31.14 -5.28 -32.66
CA ILE F 234 -31.13 -4.86 -31.26
C ILE F 234 -32.18 -5.57 -30.38
N PRO F 235 -33.49 -5.38 -30.68
CA PRO F 235 -34.51 -6.08 -29.88
C PRO F 235 -34.48 -7.61 -30.05
N SER F 236 -33.93 -8.12 -31.15
CA SER F 236 -33.86 -9.56 -31.36
C SER F 236 -32.66 -10.19 -30.67
N SER F 237 -31.75 -9.37 -30.11
CA SER F 237 -30.54 -9.87 -29.43
C SER F 237 -30.39 -9.44 -27.97
N PHE F 238 -30.82 -8.24 -27.61
CA PHE F 238 -30.72 -7.75 -26.23
C PHE F 238 -32.06 -7.83 -25.51
N ASP F 239 -32.02 -7.88 -24.18
N ASP F 239 -32.03 -7.87 -24.18
CA ASP F 239 -33.25 -7.93 -23.38
CA ASP F 239 -33.24 -7.91 -23.38
C ASP F 239 -33.86 -6.52 -23.27
C ASP F 239 -33.86 -6.52 -23.29
N GLU F 240 -35.09 -6.45 -22.78
CA GLU F 240 -35.82 -5.18 -22.68
C GLU F 240 -35.12 -4.02 -21.96
N LYS F 241 -34.47 -4.31 -20.85
CA LYS F 241 -33.79 -3.27 -20.07
C LYS F 241 -32.67 -2.61 -20.88
N LYS F 242 -31.92 -3.42 -21.62
CA LYS F 242 -30.81 -2.91 -22.44
C LYS F 242 -31.29 -2.25 -23.74
N VAL F 243 -32.42 -2.71 -24.27
CA VAL F 243 -32.98 -2.13 -25.49
C VAL F 243 -33.48 -0.71 -25.21
N SER F 244 -34.14 -0.53 -24.07
CA SER F 244 -34.69 0.79 -23.69
C SER F 244 -33.62 1.86 -23.43
N GLN F 245 -32.38 1.44 -23.18
CA GLN F 245 -31.27 2.36 -22.93
C GLN F 245 -30.28 2.40 -24.10
N PHE F 246 -30.58 1.66 -25.16
CA PHE F 246 -29.71 1.56 -26.33
C PHE F 246 -29.30 2.93 -26.89
N GLY F 247 -27.99 3.14 -27.04
CA GLY F 247 -27.46 4.38 -27.59
C GLY F 247 -27.25 5.52 -26.62
N SER F 248 -27.64 5.33 -25.36
CA SER F 248 -27.48 6.39 -24.37
C SER F 248 -26.00 6.59 -24.03
N ASN F 249 -25.18 5.58 -24.29
CA ASN F 249 -23.75 5.61 -23.92
C ASN F 249 -22.82 6.47 -24.79
N VAL F 250 -23.23 6.82 -26.00
CA VAL F 250 -22.36 7.56 -26.90
C VAL F 250 -22.51 9.08 -26.71
N PRO F 251 -21.50 9.85 -27.09
CA PRO F 251 -21.53 11.30 -26.87
C PRO F 251 -22.78 12.02 -27.39
N GLN F 253 -25.64 10.85 -27.21
CA GLN F 253 -26.68 10.43 -26.28
C GLN F 253 -27.97 9.94 -26.94
N ARG F 254 -27.81 9.26 -28.07
CA ARG F 254 -28.92 8.66 -28.77
C ARG F 254 -28.37 7.65 -29.75
N PRO F 255 -29.14 6.60 -30.06
CA PRO F 255 -28.74 5.67 -31.10
C PRO F 255 -28.85 6.37 -32.45
N GLY F 256 -28.21 5.83 -33.48
CA GLY F 256 -28.35 6.42 -34.82
C GLY F 256 -29.49 5.74 -35.53
N GLN F 257 -30.01 6.36 -36.58
CA GLN F 257 -31.06 5.73 -37.38
C GLN F 257 -30.39 5.18 -38.65
N PRO F 258 -30.92 4.09 -39.22
CA PRO F 258 -30.30 3.53 -40.42
C PRO F 258 -30.07 4.53 -41.56
N TYR F 259 -30.96 5.49 -41.76
CA TYR F 259 -30.74 6.44 -42.86
C TYR F 259 -29.44 7.20 -42.64
N GLU F 260 -29.04 7.35 -41.38
CA GLU F 260 -27.82 8.08 -41.08
C GLU F 260 -26.58 7.35 -41.54
N LEU F 261 -26.72 6.08 -41.96
CA LEU F 261 -25.56 5.33 -42.44
C LEU F 261 -25.40 5.25 -43.95
N ALA F 262 -26.50 5.33 -44.68
CA ALA F 262 -26.46 5.15 -46.13
C ALA F 262 -25.48 6.06 -46.85
N PRO F 263 -25.49 7.37 -46.53
CA PRO F 263 -24.58 8.23 -47.25
C PRO F 263 -23.11 7.81 -47.19
N ALA F 264 -22.70 7.16 -46.08
CA ALA F 264 -21.35 6.65 -45.93
C ALA F 264 -21.13 5.55 -46.96
N TYR F 265 -22.12 4.70 -47.11
CA TYR F 265 -22.00 3.65 -48.12
C TYR F 265 -22.00 4.21 -49.53
N VAL F 266 -22.82 5.23 -49.76
CA VAL F 266 -22.89 5.87 -51.09
C VAL F 266 -21.52 6.43 -51.38
N TYR F 267 -20.94 7.11 -50.39
CA TYR F 267 -19.61 7.66 -50.53
C TYR F 267 -18.64 6.57 -50.93
N LEU F 268 -18.61 5.47 -50.16
CA LEU F 268 -17.69 4.38 -50.45
C LEU F 268 -17.95 3.64 -51.75
N ALA F 269 -19.22 3.49 -52.12
CA ALA F 269 -19.57 2.76 -53.35
C ALA F 269 -19.34 3.56 -54.62
N SER F 270 -19.44 4.89 -54.56
CA SER F 270 -19.33 5.73 -55.77
C SER F 270 -17.90 6.18 -56.07
N SER F 271 -17.73 6.82 -57.22
N SER F 271 -17.74 6.84 -57.22
CA SER F 271 -16.41 7.32 -57.63
CA SER F 271 -16.44 7.35 -57.66
C SER F 271 -15.98 8.52 -56.80
C SER F 271 -15.98 8.52 -56.80
N ASP F 272 -16.85 8.95 -55.87
CA ASP F 272 -16.57 10.05 -54.96
C ASP F 272 -15.42 9.68 -54.02
N SER F 273 -15.16 8.38 -53.90
CA SER F 273 -14.13 7.87 -53.00
C SER F 273 -13.07 7.14 -53.82
N SER F 274 -12.80 7.67 -54.99
CA SER F 274 -11.86 7.07 -55.94
C SER F 274 -10.44 6.93 -55.40
N TYR F 275 -10.04 7.79 -54.47
CA TYR F 275 -8.69 7.68 -53.92
C TYR F 275 -8.69 7.09 -52.50
N VAL F 276 -9.71 6.28 -52.21
CA VAL F 276 -9.88 5.66 -50.91
C VAL F 276 -10.02 4.14 -50.99
N THR F 277 -9.16 3.43 -50.28
CA THR F 277 -9.27 1.98 -50.21
C THR F 277 -8.59 1.56 -48.90
N GLY F 278 -9.11 0.49 -48.29
CA GLY F 278 -8.55 -0.04 -47.04
C GLY F 278 -8.93 0.68 -45.77
N GLN F 279 -9.90 1.58 -45.85
CA GLN F 279 -10.25 2.45 -44.75
C GLN F 279 -11.59 2.11 -44.12
N ILE F 281 -15.07 4.03 -42.24
CA ILE F 281 -15.80 5.22 -41.94
C ILE F 281 -16.56 4.91 -40.65
N HIS F 282 -16.30 5.70 -39.63
CA HIS F 282 -16.91 5.50 -38.32
C HIS F 282 -18.11 6.40 -38.10
N VAL F 283 -19.28 5.78 -38.04
CA VAL F 283 -20.57 6.46 -37.87
C VAL F 283 -21.14 5.92 -36.57
N ASN F 284 -20.76 6.56 -35.47
CA ASN F 284 -21.06 6.02 -34.16
C ASN F 284 -21.49 6.97 -33.06
N GLY F 285 -21.91 8.17 -33.42
CA GLY F 285 -22.40 9.10 -32.40
C GLY F 285 -21.31 9.81 -31.62
N GLY F 286 -20.09 9.73 -32.13
CA GLY F 286 -19.01 10.50 -31.54
C GLY F 286 -17.99 9.77 -30.70
N VAL F 287 -18.06 8.44 -30.64
CA VAL F 287 -17.10 7.67 -29.86
C VAL F 287 -15.74 7.74 -30.54
N ILE F 288 -14.72 8.21 -29.84
CA ILE F 288 -13.38 8.35 -30.41
C ILE F 288 -12.69 7.01 -30.40
N VAL F 289 -12.12 6.59 -31.53
CA VAL F 289 -11.49 5.28 -31.61
C VAL F 289 -10.07 5.35 -32.19
N ASN F 290 -9.40 6.48 -31.96
CA ASN F 290 -8.06 6.66 -32.51
C ASN F 290 -8.13 6.53 -34.02
N GLY F 291 -9.27 6.92 -34.58
CA GLY F 291 -9.52 6.79 -36.01
C GLY F 291 -8.83 7.84 -36.85
N VAL G 11 17.41 -9.71 -49.40
CA VAL G 11 18.22 -10.90 -49.04
C VAL G 11 18.70 -10.77 -47.59
N THR G 12 18.04 -11.49 -46.68
CA THR G 12 18.39 -11.43 -45.26
C THR G 12 18.64 -12.82 -44.63
N PRO G 14 19.16 -17.38 -45.48
CA PRO G 14 19.43 -18.36 -46.54
C PRO G 14 18.12 -18.94 -47.06
N ALA G 15 18.11 -19.38 -48.32
CA ALA G 15 16.90 -19.93 -48.95
C ALA G 15 16.59 -21.34 -48.46
N GLN G 16 15.41 -21.50 -47.85
CA GLN G 16 14.98 -22.81 -47.31
C GLN G 16 13.45 -22.91 -47.22
N HIS G 17 12.97 -24.15 -47.07
CA HIS G 17 11.54 -24.41 -46.98
C HIS G 17 11.30 -25.78 -46.37
N GLN G 18 10.32 -25.86 -45.47
CA GLN G 18 9.98 -27.13 -44.83
C GLN G 18 8.67 -27.66 -45.39
N ASN G 19 8.73 -28.89 -45.89
CA ASN G 19 7.58 -29.56 -46.48
C ASN G 19 6.33 -29.54 -45.60
N LYS G 20 6.51 -29.60 -44.29
CA LYS G 20 5.41 -29.75 -43.35
C LYS G 20 5.28 -28.58 -42.38
N GLN G 21 4.04 -28.37 -41.92
CA GLN G 21 3.73 -27.34 -40.94
C GLN G 21 2.80 -27.98 -39.93
N PRO G 22 2.97 -27.70 -38.61
CA PRO G 22 3.95 -26.80 -37.94
C PRO G 22 5.41 -27.10 -38.25
N GLY G 23 6.20 -26.05 -38.44
CA GLY G 23 7.61 -26.19 -38.77
C GLY G 23 8.43 -26.73 -37.61
N ILE G 24 9.61 -27.26 -37.93
CA ILE G 24 10.52 -27.80 -36.93
C ILE G 24 11.76 -26.91 -36.86
N GLU G 25 12.04 -26.38 -35.68
CA GLU G 25 13.14 -25.43 -35.48
C GLU G 25 14.54 -26.01 -35.73
N SER G 26 14.75 -27.24 -35.28
CA SER G 26 16.04 -27.92 -35.44
C SER G 26 16.48 -28.06 -36.90
N LEU G 27 15.55 -27.95 -37.85
CA LEU G 27 15.87 -28.07 -39.27
C LEU G 27 16.26 -26.72 -39.88
N ASN G 29 18.16 -23.02 -40.60
CA ASN G 29 19.51 -22.50 -40.81
C ASN G 29 19.51 -21.01 -41.13
N PRO G 30 20.01 -20.17 -40.20
CA PRO G 30 20.53 -20.57 -38.89
C PRO G 30 19.41 -20.78 -37.89
N LEU G 31 19.72 -21.35 -36.74
CA LEU G 31 18.73 -21.59 -35.71
C LEU G 31 18.33 -20.24 -35.13
N PRO G 32 17.04 -20.06 -34.87
CA PRO G 32 16.63 -18.81 -34.25
C PRO G 32 17.33 -18.64 -32.90
N GLN G 33 17.62 -17.40 -32.53
CA GLN G 33 18.18 -17.10 -31.22
C GLN G 33 17.00 -16.89 -30.29
N PHE G 34 16.74 -17.89 -29.45
CA PHE G 34 15.60 -17.86 -28.54
C PHE G 34 16.02 -17.38 -27.19
N GLU G 35 17.32 -17.19 -27.04
CA GLU G 35 17.88 -16.82 -25.79
C GLU G 35 18.86 -15.69 -25.89
N ASP G 36 18.75 -14.76 -24.97
CA ASP G 36 19.71 -13.69 -24.85
C ASP G 36 20.63 -14.15 -23.72
N PRO G 37 21.88 -14.52 -24.07
CA PRO G 37 22.80 -15.02 -23.05
C PRO G 37 23.00 -14.05 -21.87
N ASN G 38 22.87 -12.75 -22.12
CA ASN G 38 23.06 -11.76 -21.07
C ASN G 38 21.81 -11.52 -20.26
N TYR G 39 20.70 -12.17 -20.62
CA TYR G 39 19.45 -11.97 -19.92
C TYR G 39 19.65 -12.34 -18.46
N LYS G 40 19.09 -11.55 -17.56
CA LYS G 40 19.24 -11.78 -16.15
C LYS G 40 17.88 -11.70 -15.50
N GLY G 41 17.46 -12.83 -14.94
CA GLY G 41 16.17 -12.94 -14.30
C GLY G 41 16.24 -12.24 -12.96
N SER G 42 15.08 -11.81 -12.46
CA SER G 42 15.03 -11.13 -11.18
C SER G 42 13.76 -11.54 -10.44
N GLU G 43 13.38 -12.79 -10.59
CA GLU G 43 12.25 -13.36 -9.89
C GLU G 43 10.93 -12.66 -10.16
N LYS G 44 10.79 -12.12 -11.37
CA LYS G 44 9.60 -11.36 -11.73
C LYS G 44 8.32 -12.19 -11.72
N LEU G 45 8.47 -13.49 -11.91
CA LEU G 45 7.35 -14.42 -11.95
C LEU G 45 7.61 -15.59 -11.03
N LYS G 46 8.26 -15.34 -9.90
CA LYS G 46 8.62 -16.46 -9.01
C LYS G 46 7.42 -17.27 -8.50
N GLY G 47 7.42 -18.55 -8.82
CA GLY G 47 6.39 -19.47 -8.32
C GLY G 47 5.09 -19.44 -9.11
N LYS G 48 5.02 -18.58 -10.12
CA LYS G 48 3.84 -18.49 -10.94
C LYS G 48 3.73 -19.73 -11.83
N ASN G 49 2.50 -20.14 -12.09
CA ASN G 49 2.23 -21.30 -12.95
C ASN G 49 1.67 -20.84 -14.29
N VAL G 50 2.40 -21.16 -15.35
CA VAL G 50 2.07 -20.70 -16.68
C VAL G 50 1.74 -21.79 -17.69
N LEU G 51 0.66 -21.57 -18.44
CA LEU G 51 0.32 -22.41 -19.56
C LEU G 51 0.60 -21.58 -20.79
N ILE G 52 1.50 -22.04 -21.64
CA ILE G 52 1.77 -21.36 -22.91
C ILE G 52 1.43 -22.31 -24.07
N THR G 53 0.53 -21.89 -24.94
CA THR G 53 0.17 -22.70 -26.10
C THR G 53 1.16 -22.36 -27.20
N GLY G 54 1.74 -23.38 -27.82
CA GLY G 54 2.76 -23.17 -28.84
C GLY G 54 4.08 -22.74 -28.24
N GLY G 55 4.37 -23.19 -27.02
CA GLY G 55 5.59 -22.79 -26.30
C GLY G 55 6.82 -23.65 -26.57
N ASP G 56 6.70 -24.56 -27.52
CA ASP G 56 7.77 -25.50 -27.83
C ASP G 56 8.84 -24.95 -28.74
N SER G 57 8.54 -23.86 -29.44
CA SER G 57 9.47 -23.33 -30.40
C SER G 57 9.17 -21.87 -30.71
N GLY G 58 10.01 -21.28 -31.54
CA GLY G 58 9.84 -19.89 -31.96
C GLY G 58 9.70 -18.93 -30.80
N ILE G 59 8.70 -18.05 -30.91
CA ILE G 59 8.45 -17.06 -29.88
C ILE G 59 8.09 -17.74 -28.57
N GLY G 60 7.26 -18.76 -28.65
CA GLY G 60 6.83 -19.50 -27.48
C GLY G 60 8.00 -20.08 -26.71
N ARG G 61 9.02 -20.54 -27.44
CA ARG G 61 10.19 -21.10 -26.80
C ARG G 61 10.94 -20.03 -26.03
N ALA G 62 11.13 -18.86 -26.65
CA ALA G 62 11.81 -17.75 -26.00
C ALA G 62 11.03 -17.31 -24.77
N VAL G 63 9.71 -17.26 -24.86
CA VAL G 63 8.89 -16.84 -23.72
C VAL G 63 8.96 -17.87 -22.57
N SER G 64 8.88 -19.16 -22.90
CA SER G 64 8.97 -20.22 -21.90
C SER G 64 10.28 -20.11 -21.13
N ILE G 65 11.39 -19.96 -21.86
CA ILE G 65 12.72 -19.86 -21.26
C ILE G 65 12.89 -18.61 -20.40
N ALA G 66 12.47 -17.43 -20.91
CA ALA G 66 12.56 -16.19 -20.13
C ALA G 66 11.69 -16.27 -18.88
N PHE G 67 10.51 -16.87 -19.00
CA PHE G 67 9.60 -17.00 -17.87
C PHE G 67 10.26 -17.93 -16.82
N ALA G 68 10.94 -18.97 -17.30
CA ALA G 68 11.60 -19.90 -16.41
C ALA G 68 12.70 -19.15 -15.65
N LYS G 69 13.45 -18.33 -16.39
CA LYS G 69 14.52 -17.51 -15.79
C LYS G 69 13.97 -16.54 -14.75
N GLU G 70 12.69 -16.19 -14.87
CA GLU G 70 12.03 -15.32 -13.93
C GLU G 70 11.35 -16.09 -12.81
N GLY G 71 11.59 -17.40 -12.75
CA GLY G 71 11.09 -18.23 -11.65
C GLY G 71 9.75 -18.92 -11.84
N ALA G 72 9.19 -18.87 -13.05
CA ALA G 72 7.90 -19.49 -13.33
C ALA G 72 8.02 -20.94 -13.77
N ASN G 73 7.01 -21.73 -13.42
CA ASN G 73 6.86 -23.13 -13.81
C ASN G 73 6.06 -23.14 -15.11
N ILE G 74 6.51 -23.89 -16.11
CA ILE G 74 5.91 -23.79 -17.43
C ILE G 74 5.27 -25.09 -17.96
N ALA G 75 3.98 -24.99 -18.29
CA ALA G 75 3.23 -26.06 -18.95
C ALA G 75 3.25 -25.63 -20.40
N ILE G 76 3.81 -26.48 -21.25
CA ILE G 76 3.98 -26.15 -22.67
C ILE G 76 3.09 -27.01 -23.54
N ALA G 77 2.08 -26.40 -24.18
CA ALA G 77 1.20 -27.13 -25.08
C ALA G 77 1.70 -26.93 -26.52
N TYR G 78 1.59 -27.96 -27.32
CA TYR G 78 2.06 -27.95 -28.70
C TYR G 78 1.43 -29.13 -29.47
N LEU G 79 1.61 -29.17 -30.79
CA LEU G 79 0.99 -30.23 -31.59
C LEU G 79 1.68 -31.58 -31.49
N ASP G 80 2.87 -31.69 -32.10
CA ASP G 80 3.60 -32.96 -32.17
C ASP G 80 5.13 -32.82 -32.36
N GLU G 81 5.68 -31.65 -32.08
CA GLU G 81 7.11 -31.43 -32.31
C GLU G 81 7.87 -31.85 -31.05
N GLU G 82 7.91 -33.16 -30.80
CA GLU G 82 8.55 -33.72 -29.60
C GLU G 82 10.01 -33.30 -29.43
N GLY G 83 10.78 -33.31 -30.52
CA GLY G 83 12.19 -32.90 -30.45
C GLY G 83 12.26 -31.48 -29.95
N ASP G 84 11.58 -30.56 -30.64
CA ASP G 84 11.57 -29.16 -30.23
C ASP G 84 11.08 -29.01 -28.78
N ALA G 85 9.96 -29.66 -28.42
CA ALA G 85 9.45 -29.51 -27.04
C ALA G 85 10.48 -30.02 -26.01
N ASN G 86 11.04 -31.20 -26.27
N ASN G 86 11.13 -31.15 -26.31
CA ASN G 86 12.02 -31.78 -25.35
CA ASN G 86 12.18 -31.69 -25.44
C ASN G 86 13.14 -30.80 -25.04
C ASN G 86 13.36 -30.73 -25.31
N GLU G 87 13.72 -30.25 -26.12
N GLU G 87 13.73 -30.07 -26.40
CA GLU G 87 14.81 -29.28 -26.01
CA GLU G 87 14.83 -29.11 -26.37
C GLU G 87 14.38 -28.08 -25.20
C GLU G 87 14.48 -27.96 -25.44
N THR G 88 13.22 -27.52 -25.51
CA THR G 88 12.72 -26.40 -24.73
C THR G 88 12.61 -26.78 -23.25
N LYS G 89 12.12 -28.00 -23.00
CA LYS G 89 11.99 -28.50 -21.64
C LYS G 89 13.35 -28.46 -20.93
N GLN G 90 14.41 -28.86 -21.64
CA GLN G 90 15.76 -28.86 -21.05
C GLN G 90 16.18 -27.45 -20.60
N TYR G 91 15.93 -26.46 -21.45
CA TYR G 91 16.29 -25.10 -21.09
C TYR G 91 15.47 -24.58 -19.92
N VAL G 92 14.19 -24.95 -19.88
CA VAL G 92 13.31 -24.53 -18.80
C VAL G 92 13.79 -25.12 -17.46
N GLU G 93 13.98 -26.44 -17.43
CA GLU G 93 14.39 -27.15 -16.21
C GLU G 93 15.79 -26.74 -15.70
N LYS G 94 16.68 -26.39 -16.61
CA LYS G 94 17.98 -25.87 -16.25
C LYS G 94 17.87 -24.67 -15.26
N GLU G 95 16.77 -23.92 -15.37
CA GLU G 95 16.55 -22.80 -14.46
C GLU G 95 15.99 -23.25 -13.09
N GLY G 96 15.86 -24.55 -12.88
CA GLY G 96 15.36 -25.06 -11.62
C GLY G 96 13.86 -24.93 -11.39
N VAL G 97 13.08 -24.81 -12.47
CA VAL G 97 11.63 -24.69 -12.35
C VAL G 97 11.01 -25.95 -12.94
N LYS G 98 9.70 -26.13 -12.75
CA LYS G 98 8.99 -27.30 -13.26
C LYS G 98 8.54 -27.03 -14.69
N CYS G 99 8.62 -28.06 -15.51
CA CYS G 99 8.18 -27.98 -16.89
C CYS G 99 7.25 -29.16 -17.11
N VAL G 100 6.19 -28.92 -17.86
CA VAL G 100 5.21 -29.94 -18.21
C VAL G 100 4.95 -29.90 -19.71
N LEU G 101 5.09 -31.04 -20.38
CA LEU G 101 4.87 -31.10 -21.82
C LEU G 101 3.47 -31.60 -22.15
N LEU G 102 2.77 -30.86 -23.01
CA LEU G 102 1.40 -31.23 -23.37
C LEU G 102 1.16 -31.26 -24.88
N PRO G 103 1.49 -32.38 -25.53
CA PRO G 103 1.27 -32.49 -26.97
C PRO G 103 -0.22 -32.67 -27.27
N GLY G 104 -0.64 -32.36 -28.49
CA GLY G 104 -2.05 -32.52 -28.84
C GLY G 104 -2.59 -31.42 -29.74
N ASP G 105 -3.62 -31.78 -30.49
CA ASP G 105 -4.24 -30.89 -31.46
C ASP G 105 -5.27 -30.01 -30.79
N LEU G 106 -4.93 -28.72 -30.71
CA LEU G 106 -5.75 -27.69 -30.08
C LEU G 106 -6.90 -27.22 -30.97
N SER G 107 -6.97 -27.75 -32.19
CA SER G 107 -8.13 -27.48 -33.05
C SER G 107 -9.34 -28.28 -32.53
N ASP G 108 -9.09 -29.20 -31.59
CA ASP G 108 -10.14 -29.99 -30.96
C ASP G 108 -10.57 -29.32 -29.64
N GLU G 109 -11.84 -28.94 -29.51
CA GLU G 109 -12.31 -28.26 -28.28
C GLU G 109 -11.95 -29.01 -26.99
N GLN G 110 -12.33 -30.28 -26.89
CA GLN G 110 -12.09 -31.03 -25.67
C GLN G 110 -10.61 -31.00 -25.29
N HIS G 111 -9.72 -31.14 -26.27
CA HIS G 111 -8.29 -31.12 -25.98
C HIS G 111 -7.88 -29.76 -25.40
N CYS G 112 -8.45 -28.68 -25.92
CA CYS G 112 -8.19 -27.36 -25.37
C CYS G 112 -8.57 -27.36 -23.90
N LYS G 113 -9.64 -28.06 -23.54
CA LYS G 113 -10.05 -28.14 -22.15
C LYS G 113 -9.06 -29.01 -21.37
N ASP G 114 -8.64 -30.11 -21.97
CA ASP G 114 -7.72 -31.07 -21.36
C ASP G 114 -6.36 -30.46 -20.92
N ILE G 115 -5.79 -29.58 -21.74
CA ILE G 115 -4.50 -28.97 -21.40
C ILE G 115 -4.57 -28.10 -20.16
N VAL G 116 -5.72 -27.47 -19.93
CA VAL G 116 -5.90 -26.64 -18.74
C VAL G 116 -6.02 -27.52 -17.48
N GLN G 117 -6.90 -28.52 -17.50
CA GLN G 117 -7.04 -29.40 -16.33
C GLN G 117 -5.71 -30.13 -16.05
N GLU G 118 -4.99 -30.49 -17.11
CA GLU G 118 -3.70 -31.15 -16.97
C GLU G 118 -2.64 -30.23 -16.38
N THR G 119 -2.62 -28.97 -16.82
CA THR G 119 -1.68 -28.01 -16.26
C THR G 119 -1.93 -27.85 -14.77
N VAL G 120 -3.18 -27.73 -14.40
CA VAL G 120 -3.53 -27.57 -12.99
C VAL G 120 -3.19 -28.86 -12.23
N ARG G 121 -3.40 -30.02 -12.85
CA ARG G 121 -3.08 -31.28 -12.15
C ARG G 121 -1.58 -31.41 -11.84
N GLN G 122 -0.73 -31.06 -12.79
CA GLN G 122 0.72 -31.20 -12.62
C GLN G 122 1.34 -30.04 -11.83
N LEU G 123 1.00 -28.80 -12.19
CA LEU G 123 1.57 -27.64 -11.51
C LEU G 123 0.88 -27.27 -10.20
N GLY G 124 -0.40 -27.60 -10.08
CA GLY G 124 -1.14 -27.30 -8.85
C GLY G 124 -2.16 -26.19 -9.03
N SER G 125 -1.88 -25.27 -9.94
CA SER G 125 -2.79 -24.17 -10.22
C SER G 125 -2.34 -23.51 -11.52
N LEU G 126 -3.05 -22.45 -11.94
CA LEU G 126 -2.75 -21.68 -13.15
C LEU G 126 -2.83 -20.18 -12.84
N ASN G 127 -1.79 -19.42 -13.18
CA ASN G 127 -1.76 -17.98 -12.90
C ASN G 127 -1.71 -17.16 -14.18
N ILE G 128 -0.97 -17.65 -15.16
CA ILE G 128 -0.77 -16.94 -16.38
C ILE G 128 -0.98 -17.84 -17.56
N LEU G 129 -1.86 -17.42 -18.47
CA LEU G 129 -2.11 -18.12 -19.71
C LEU G 129 -1.56 -17.31 -20.89
N VAL G 130 -0.74 -17.94 -21.72
CA VAL G 130 -0.26 -17.30 -22.95
C VAL G 130 -0.83 -18.10 -24.14
N ASN G 131 -1.78 -17.50 -24.87
CA ASN G 131 -2.35 -18.12 -26.09
C ASN G 131 -1.45 -17.71 -27.24
N ASN G 132 -0.80 -18.66 -27.91
CA ASN G 132 0.25 -18.30 -28.89
C ASN G 132 0.34 -19.23 -30.13
N VAL G 133 -0.49 -20.28 -30.17
CA VAL G 133 -0.49 -21.20 -31.29
C VAL G 133 -1.02 -20.54 -32.53
N ALA G 134 -0.48 -20.95 -33.67
CA ALA G 134 -0.97 -20.49 -34.96
C ALA G 134 -0.48 -21.35 -36.13
N GLN G 135 -1.25 -21.32 -37.21
CA GLN G 135 -0.87 -21.89 -38.49
C GLN G 135 -1.20 -20.80 -39.53
N GLN G 136 -0.47 -20.78 -40.64
CA GLN G 136 -0.72 -19.80 -41.71
C GLN G 136 -0.46 -20.44 -43.07
N TYR G 137 -1.37 -20.22 -44.01
CA TYR G 137 -1.25 -20.78 -45.35
C TYR G 137 -1.36 -19.69 -46.42
N PRO G 138 -0.20 -19.14 -46.82
CA PRO G 138 -0.19 -18.04 -47.78
C PRO G 138 -0.79 -18.43 -49.11
N GLN G 139 -1.54 -17.50 -49.71
CA GLN G 139 -2.14 -17.73 -51.02
C GLN G 139 -2.02 -16.44 -51.83
N GLN G 140 -2.06 -16.60 -53.14
CA GLN G 140 -1.90 -15.51 -54.09
C GLN G 140 -3.11 -14.58 -54.11
N GLY G 141 -4.25 -15.07 -53.64
CA GLY G 141 -5.47 -14.29 -53.60
C GLY G 141 -6.57 -15.08 -52.90
N LEU G 142 -7.66 -14.38 -52.60
CA LEU G 142 -8.82 -14.97 -51.89
C LEU G 142 -9.40 -16.18 -52.64
N GLU G 143 -9.36 -16.13 -53.97
CA GLU G 143 -9.86 -17.20 -54.83
C GLU G 143 -9.10 -18.52 -54.61
N TYR G 144 -7.97 -18.47 -53.91
CA TYR G 144 -7.16 -19.67 -53.63
C TYR G 144 -7.39 -20.23 -52.21
N ILE G 145 -8.23 -19.55 -51.44
CA ILE G 145 -8.52 -19.97 -50.08
C ILE G 145 -9.75 -20.85 -50.10
N THR G 146 -9.53 -22.13 -49.77
CA THR G 146 -10.62 -23.10 -49.72
C THR G 146 -11.40 -22.90 -48.41
N ALA G 147 -12.64 -23.40 -48.38
CA ALA G 147 -13.46 -23.38 -47.18
C ALA G 147 -12.72 -24.18 -46.14
N GLU G 148 -12.06 -25.23 -46.60
CA GLU G 148 -11.31 -26.11 -45.74
C GLU G 148 -10.16 -25.36 -45.05
N GLN G 149 -9.35 -24.63 -45.81
CA GLN G 149 -8.26 -23.86 -45.24
C GLN G 149 -8.78 -22.74 -44.32
N LEU G 150 -9.84 -22.09 -44.73
CA LEU G 150 -10.42 -21.00 -43.95
C LEU G 150 -10.77 -21.48 -42.54
N GLU G 151 -11.54 -22.56 -42.47
CA GLU G 151 -12.01 -23.08 -41.19
C GLU G 151 -10.88 -23.62 -40.31
N LYS G 152 -9.89 -24.27 -40.92
CA LYS G 152 -8.76 -24.81 -40.20
C LYS G 152 -7.95 -23.68 -39.57
N THR G 153 -7.67 -22.66 -40.38
CA THR G 153 -6.91 -21.49 -39.94
C THR G 153 -7.63 -20.85 -38.76
N PHE G 154 -8.94 -20.65 -38.87
CA PHE G 154 -9.71 -20.09 -37.77
C PHE G 154 -9.83 -21.01 -36.54
N ARG G 155 -9.99 -22.30 -36.78
CA ARG G 155 -10.16 -23.25 -35.70
C ARG G 155 -8.92 -23.25 -34.77
N ILE G 156 -7.72 -23.26 -35.34
CA ILE G 156 -6.50 -23.23 -34.53
C ILE G 156 -6.09 -21.82 -34.08
N ASN G 157 -6.17 -20.82 -34.97
CA ASN G 157 -5.71 -19.46 -34.61
C ASN G 157 -6.56 -18.63 -33.68
N ILE G 158 -7.88 -18.85 -33.67
CA ILE G 158 -8.74 -18.07 -32.78
C ILE G 158 -9.72 -18.91 -31.97
N PHE G 159 -10.30 -19.95 -32.55
CA PHE G 159 -11.21 -20.76 -31.74
C PHE G 159 -10.44 -21.36 -30.56
N SER G 160 -9.19 -21.80 -30.79
CA SER G 160 -8.41 -22.38 -29.70
C SER G 160 -8.15 -21.35 -28.61
N TYR G 161 -7.98 -20.08 -28.98
CA TYR G 161 -7.80 -19.03 -27.95
C TYR G 161 -9.09 -18.94 -27.12
N PHE G 162 -10.26 -19.03 -27.77
CA PHE G 162 -11.53 -19.03 -27.05
C PHE G 162 -11.69 -20.23 -26.09
N HIS G 163 -11.39 -21.42 -26.55
CA HIS G 163 -11.61 -22.62 -25.75
C HIS G 163 -10.64 -22.82 -24.60
N VAL G 164 -9.36 -22.64 -24.87
CA VAL G 164 -8.36 -22.73 -23.83
C VAL G 164 -8.64 -21.64 -22.77
N THR G 165 -8.85 -20.40 -23.19
CA THR G 165 -9.08 -19.31 -22.22
C THR G 165 -10.32 -19.55 -21.40
N LYS G 166 -11.39 -19.99 -22.06
N LYS G 166 -11.39 -19.98 -22.07
CA LYS G 166 -12.64 -20.27 -21.38
CA LYS G 166 -12.65 -20.29 -21.42
C LYS G 166 -12.45 -21.33 -20.30
C LYS G 166 -12.47 -21.35 -20.33
N ALA G 167 -11.68 -22.37 -20.62
CA ALA G 167 -11.40 -23.44 -19.66
C ALA G 167 -10.52 -22.89 -18.53
N ALA G 168 -9.59 -22.00 -18.86
CA ALA G 168 -8.70 -21.41 -17.86
C ALA G 168 -9.45 -20.57 -16.82
N LEU G 169 -10.54 -19.93 -17.23
CA LEU G 169 -11.30 -19.06 -16.32
C LEU G 169 -11.76 -19.68 -15.00
N SER G 170 -11.87 -21.01 -14.93
CA SER G 170 -12.24 -21.68 -13.67
C SER G 170 -11.11 -21.59 -12.65
N HIS G 171 -9.92 -21.38 -13.17
CA HIS G 171 -8.73 -21.41 -12.33
C HIS G 171 -8.05 -20.04 -12.14
N LEU G 172 -8.42 -19.06 -12.95
CA LEU G 172 -7.83 -17.73 -12.84
C LEU G 172 -8.50 -16.89 -11.76
N LYS G 173 -7.69 -16.17 -10.98
CA LYS G 173 -8.20 -15.34 -9.90
C LYS G 173 -7.60 -13.95 -9.98
N GLN G 174 -8.00 -13.12 -9.03
CA GLN G 174 -7.49 -11.77 -8.94
C GLN G 174 -5.96 -11.80 -8.92
N GLY G 175 -5.34 -11.01 -9.78
CA GLY G 175 -3.90 -10.98 -9.91
C GLY G 175 -3.36 -11.85 -11.02
N ASP G 176 -4.23 -12.62 -11.67
CA ASP G 176 -3.83 -13.52 -12.75
C ASP G 176 -3.83 -12.79 -14.10
N VAL G 177 -3.26 -13.41 -15.13
CA VAL G 177 -3.01 -12.72 -16.37
C VAL G 177 -3.15 -13.61 -17.60
N ILE G 178 -3.61 -13.01 -18.68
CA ILE G 178 -3.73 -13.65 -19.97
C ILE G 178 -3.00 -12.77 -20.99
N ILE G 179 -2.19 -13.40 -21.84
CA ILE G 179 -1.50 -12.70 -22.95
C ILE G 179 -1.84 -13.48 -24.22
N ASN G 180 -2.23 -12.76 -25.26
CA ASN G 180 -2.54 -13.35 -26.55
C ASN G 180 -1.54 -12.89 -27.58
N THR G 181 -0.98 -13.80 -28.36
CA THR G 181 -0.12 -13.36 -29.47
C THR G 181 -0.96 -13.04 -30.72
N ALA G 182 -0.98 -11.78 -31.11
CA ALA G 182 -1.68 -11.33 -32.29
C ALA G 182 -0.63 -11.26 -33.40
N SER G 183 -0.61 -10.18 -34.17
CA SER G 183 0.37 -9.99 -35.25
C SER G 183 0.22 -8.59 -35.81
N ILE G 184 1.29 -8.12 -36.46
CA ILE G 184 1.31 -6.84 -37.16
C ILE G 184 0.26 -6.81 -38.29
N VAL G 185 -0.02 -7.99 -38.85
CA VAL G 185 -0.98 -8.11 -39.96
C VAL G 185 -2.40 -7.75 -39.55
N ALA G 186 -2.72 -7.81 -38.26
CA ALA G 186 -4.04 -7.35 -37.83
C ALA G 186 -4.19 -5.83 -38.09
N TYR G 187 -3.09 -5.07 -37.95
CA TYR G 187 -3.09 -3.61 -38.07
C TYR G 187 -2.76 -3.13 -39.47
N GLU G 188 -1.84 -3.83 -40.13
N GLU G 188 -1.81 -3.80 -40.11
CA GLU G 188 -1.36 -3.45 -41.45
CA GLU G 188 -1.35 -3.47 -41.47
C GLU G 188 -1.99 -4.24 -42.60
C GLU G 188 -2.12 -4.20 -42.57
N GLY G 189 -2.49 -5.44 -42.31
CA GLY G 189 -3.08 -6.28 -43.33
C GLY G 189 -1.94 -6.96 -44.10
N ASN G 190 -2.24 -8.07 -44.78
CA ASN G 190 -1.25 -8.79 -45.57
C ASN G 190 -1.98 -9.45 -46.73
N GLU G 191 -1.75 -8.92 -47.92
CA GLU G 191 -2.43 -9.37 -49.13
C GLU G 191 -2.41 -10.87 -49.39
N THR G 192 -1.35 -11.56 -48.97
CA THR G 192 -1.25 -13.00 -49.22
C THR G 192 -1.62 -13.88 -48.03
N LEU G 193 -2.02 -13.26 -46.93
CA LEU G 193 -2.44 -13.99 -45.73
C LEU G 193 -3.76 -13.41 -45.25
N ILE G 194 -4.74 -13.39 -46.15
CA ILE G 194 -6.03 -12.77 -45.88
C ILE G 194 -6.79 -13.47 -44.76
N ASP G 195 -6.85 -14.79 -44.81
CA ASP G 195 -7.53 -15.54 -43.74
C ASP G 195 -6.74 -15.44 -42.45
N TYR G 196 -5.43 -15.70 -42.52
CA TYR G 196 -4.58 -15.56 -41.32
C TYR G 196 -4.75 -14.17 -40.69
N SER G 197 -4.68 -13.12 -41.52
N SER G 197 -4.69 -13.11 -41.50
CA SER G 197 -4.81 -11.75 -41.03
CA SER G 197 -4.79 -11.75 -40.95
C SER G 197 -6.11 -11.55 -40.27
C SER G 197 -6.13 -11.54 -40.26
N ALA G 198 -7.19 -12.14 -40.79
CA ALA G 198 -8.52 -12.02 -40.19
C ALA G 198 -8.59 -12.75 -38.83
N THR G 199 -7.89 -13.88 -38.70
CA THR G 199 -7.87 -14.55 -37.40
C THR G 199 -7.12 -13.65 -36.39
N LYS G 200 -6.10 -12.94 -36.87
CA LYS G 200 -5.35 -12.04 -35.99
C LYS G 200 -6.16 -10.80 -35.58
N GLY G 201 -6.99 -10.29 -36.49
CA GLY G 201 -7.85 -9.17 -36.14
C GLY G 201 -8.86 -9.64 -35.10
N ALA G 202 -9.33 -10.88 -35.27
CA ALA G 202 -10.24 -11.48 -34.30
C ALA G 202 -9.56 -11.52 -32.93
N ILE G 203 -8.29 -11.91 -32.89
CA ILE G 203 -7.53 -11.95 -31.64
C ILE G 203 -7.40 -10.58 -30.97
N VAL G 204 -7.18 -9.54 -31.78
CA VAL G 204 -7.05 -8.21 -31.25
C VAL G 204 -8.37 -7.78 -30.60
N ALA G 205 -9.50 -7.98 -31.31
CA ALA G 205 -10.81 -7.63 -30.77
C ALA G 205 -11.13 -8.51 -29.54
N PHE G 206 -10.79 -9.79 -29.61
CA PHE G 206 -10.95 -10.73 -28.46
C PHE G 206 -10.22 -10.19 -27.24
N THR G 207 -8.98 -9.77 -27.45
CA THR G 207 -8.17 -9.22 -26.36
C THR G 207 -8.82 -7.98 -25.72
N ARG G 208 -9.30 -7.05 -26.55
CA ARG G 208 -9.96 -5.83 -26.08
C ARG G 208 -11.22 -6.13 -25.27
N SER G 209 -12.10 -6.93 -25.84
CA SER G 209 -13.35 -7.27 -25.19
C SER G 209 -13.13 -8.10 -23.92
N LEU G 210 -12.23 -9.07 -23.97
CA LEU G 210 -11.99 -9.89 -22.78
C LEU G 210 -11.41 -9.06 -21.64
N SER G 211 -10.52 -8.10 -21.95
CA SER G 211 -9.91 -7.27 -20.92
C SER G 211 -11.02 -6.55 -20.17
N GLN G 212 -11.98 -6.03 -20.90
CA GLN G 212 -13.06 -5.32 -20.27
C GLN G 212 -13.94 -6.27 -19.48
N SER G 213 -14.17 -7.46 -20.02
CA SER G 213 -14.97 -8.48 -19.32
C SER G 213 -14.40 -8.88 -17.96
N LEU G 214 -13.09 -9.06 -17.89
CA LEU G 214 -12.43 -9.56 -16.68
C LEU G 214 -11.77 -8.52 -15.75
N VAL G 215 -11.87 -7.25 -16.07
CA VAL G 215 -11.16 -6.26 -15.28
C VAL G 215 -11.59 -6.19 -13.81
N GLN G 216 -12.89 -6.33 -13.55
CA GLN G 216 -13.34 -6.26 -12.18
C GLN G 216 -13.03 -7.53 -11.39
N LYS G 217 -12.65 -8.60 -12.09
CA LYS G 217 -12.23 -9.85 -11.45
C LYS G 217 -10.73 -9.82 -11.17
N GLY G 218 -10.06 -8.76 -11.62
CA GLY G 218 -8.62 -8.59 -11.40
C GLY G 218 -7.70 -9.43 -12.27
N ILE G 219 -8.17 -9.78 -13.46
CA ILE G 219 -7.40 -10.54 -14.44
C ILE G 219 -7.11 -9.62 -15.63
N ARG G 220 -5.84 -9.38 -15.93
CA ARG G 220 -5.46 -8.49 -17.04
C ARG G 220 -5.33 -9.32 -18.30
N VAL G 221 -5.66 -8.71 -19.43
CA VAL G 221 -5.60 -9.39 -20.72
C VAL G 221 -4.99 -8.38 -21.66
N ASN G 222 -3.87 -8.76 -22.27
CA ASN G 222 -3.16 -7.89 -23.17
C ASN G 222 -2.62 -8.74 -24.29
N GLY G 223 -2.00 -8.09 -25.25
CA GLY G 223 -1.43 -8.79 -26.38
C GLY G 223 -0.09 -8.28 -26.82
N VAL G 224 0.56 -9.08 -27.66
CA VAL G 224 1.82 -8.75 -28.29
C VAL G 224 1.60 -8.95 -29.78
N ALA G 225 1.98 -7.95 -30.58
CA ALA G 225 1.83 -8.03 -32.02
C ALA G 225 3.22 -8.04 -32.67
N PRO G 226 3.77 -9.25 -32.87
CA PRO G 226 5.08 -9.31 -33.48
C PRO G 226 5.09 -8.90 -34.95
N GLY G 227 6.21 -8.34 -35.41
CA GLY G 227 6.43 -8.11 -36.82
C GLY G 227 7.03 -9.42 -37.31
N PRO G 228 7.92 -9.38 -38.31
CA PRO G 228 8.51 -10.62 -38.85
C PRO G 228 9.60 -11.22 -37.97
N ILE G 229 9.27 -12.35 -37.33
CA ILE G 229 10.18 -13.04 -36.44
C ILE G 229 10.60 -14.38 -37.01
N TRP G 230 11.90 -14.63 -36.98
CA TRP G 230 12.49 -15.85 -37.51
C TRP G 230 12.15 -17.03 -36.60
N THR G 231 11.11 -17.77 -37.01
CA THR G 231 10.60 -18.93 -36.28
C THR G 231 10.31 -20.07 -37.30
N PRO G 232 9.96 -21.28 -36.81
CA PRO G 232 9.63 -22.38 -37.74
C PRO G 232 8.36 -22.13 -38.55
N LEU G 233 7.57 -21.14 -38.13
CA LEU G 233 6.35 -20.77 -38.85
C LEU G 233 6.72 -20.24 -40.24
N ILE G 234 7.90 -19.62 -40.33
CA ILE G 234 8.35 -18.94 -41.56
C ILE G 234 8.75 -19.87 -42.72
N PRO G 235 9.78 -20.73 -42.52
CA PRO G 235 10.14 -21.61 -43.63
C PRO G 235 9.10 -22.71 -43.91
N SER G 236 8.12 -22.89 -43.04
CA SER G 236 7.10 -23.92 -43.22
C SER G 236 5.83 -23.39 -43.90
N SER G 237 5.75 -22.07 -44.10
CA SER G 237 4.59 -21.46 -44.76
C SER G 237 5.00 -20.75 -46.06
N PHE G 238 6.10 -20.01 -46.04
CA PHE G 238 6.57 -19.29 -47.24
C PHE G 238 7.56 -20.12 -48.07
N ASP G 239 7.64 -19.83 -49.38
CA ASP G 239 8.58 -20.54 -50.25
C ASP G 239 9.99 -19.95 -50.06
N GLU G 240 11.01 -20.67 -50.52
CA GLU G 240 12.41 -20.22 -50.31
C GLU G 240 12.65 -18.75 -50.70
N LYS G 241 12.14 -18.34 -51.87
CA LYS G 241 12.29 -16.97 -52.32
C LYS G 241 11.88 -15.95 -51.25
N LYS G 242 10.65 -16.11 -50.75
CA LYS G 242 10.11 -15.18 -49.77
C LYS G 242 10.72 -15.35 -48.37
N VAL G 243 11.22 -16.55 -48.08
CA VAL G 243 11.88 -16.82 -46.81
C VAL G 243 13.24 -16.11 -46.79
N SER G 244 13.90 -16.09 -47.94
CA SER G 244 15.23 -15.48 -48.07
C SER G 244 15.22 -13.95 -48.05
N GLN G 245 14.03 -13.35 -48.13
CA GLN G 245 13.93 -11.88 -48.06
C GLN G 245 13.10 -11.46 -46.85
N PHE G 246 12.78 -12.44 -46.00
CA PHE G 246 11.97 -12.23 -44.80
C PHE G 246 12.55 -11.13 -43.92
N GLY G 247 11.70 -10.16 -43.57
CA GLY G 247 12.10 -9.06 -42.70
C GLY G 247 12.89 -7.94 -43.33
N SER G 248 13.06 -7.96 -44.66
CA SER G 248 13.83 -6.92 -45.33
C SER G 248 13.03 -5.63 -45.54
N ASN G 249 11.72 -5.73 -45.37
CA ASN G 249 10.84 -4.57 -45.57
C ASN G 249 10.54 -3.70 -44.33
N VAL G 250 10.97 -4.11 -43.15
CA VAL G 250 10.72 -3.28 -41.96
C VAL G 250 11.80 -2.21 -41.85
N PRO G 251 11.54 -1.15 -41.08
CA PRO G 251 12.52 -0.06 -41.00
C PRO G 251 13.91 -0.48 -40.50
N GLN G 253 15.26 -3.11 -41.19
CA GLN G 253 15.81 -3.92 -42.27
C GLN G 253 16.39 -5.27 -41.85
N ARG G 254 15.65 -5.96 -41.00
CA ARG G 254 16.01 -7.30 -40.56
C ARG G 254 14.83 -7.88 -39.81
N PRO G 255 14.68 -9.21 -39.85
CA PRO G 255 13.62 -9.77 -39.03
C PRO G 255 14.08 -9.75 -37.58
N GLY G 256 13.16 -9.98 -36.67
CA GLY G 256 13.52 -10.06 -35.27
C GLY G 256 13.87 -11.48 -34.90
N GLN G 257 14.54 -11.64 -33.76
CA GLN G 257 14.85 -12.98 -33.25
C GLN G 257 13.89 -13.25 -32.11
N PRO G 258 13.56 -14.52 -31.88
CA PRO G 258 12.60 -14.81 -30.81
C PRO G 258 12.92 -14.22 -29.44
N TYR G 259 14.20 -14.10 -29.09
CA TYR G 259 14.53 -13.60 -27.74
C TYR G 259 14.12 -12.16 -27.57
N GLU G 260 14.00 -11.44 -28.69
CA GLU G 260 13.64 -10.01 -28.66
C GLU G 260 12.16 -9.81 -28.37
N LEU G 261 11.41 -10.90 -28.35
CA LEU G 261 9.99 -10.84 -28.02
C LEU G 261 9.71 -11.13 -26.54
N ALA G 262 10.58 -11.95 -25.92
CA ALA G 262 10.31 -12.44 -24.57
C ALA G 262 10.10 -11.36 -23.52
N PRO G 263 10.95 -10.31 -23.52
CA PRO G 263 10.76 -9.31 -22.47
C PRO G 263 9.40 -8.63 -22.50
N ALA G 264 8.77 -8.52 -23.67
CA ALA G 264 7.43 -7.92 -23.74
C ALA G 264 6.44 -8.82 -23.02
N TYR G 265 6.60 -10.14 -23.16
CA TYR G 265 5.72 -11.07 -22.44
C TYR G 265 5.98 -11.03 -20.93
N VAL G 266 7.25 -10.92 -20.56
CA VAL G 266 7.59 -10.82 -19.16
C VAL G 266 6.97 -9.59 -18.57
N TYR G 267 7.05 -8.46 -19.29
CA TYR G 267 6.42 -7.24 -18.86
C TYR G 267 4.92 -7.44 -18.63
N LEU G 268 4.23 -7.95 -19.66
CA LEU G 268 2.79 -8.17 -19.57
C LEU G 268 2.36 -9.24 -18.55
N ALA G 269 3.20 -10.25 -18.32
CA ALA G 269 2.82 -11.32 -17.39
C ALA G 269 3.01 -10.98 -15.92
N SER G 270 3.88 -10.01 -15.63
CA SER G 270 4.22 -9.69 -14.25
C SER G 270 3.55 -8.45 -13.75
N SER G 271 3.68 -8.24 -12.44
CA SER G 271 3.10 -7.08 -11.78
C SER G 271 3.72 -5.75 -12.28
N ASP G 272 4.74 -5.84 -13.13
CA ASP G 272 5.36 -4.66 -13.74
C ASP G 272 4.33 -3.89 -14.58
N SER G 273 3.31 -4.62 -15.06
CA SER G 273 2.26 -4.05 -15.88
C SER G 273 0.92 -4.05 -15.17
N SER G 274 0.95 -3.88 -13.85
CA SER G 274 -0.28 -3.87 -13.06
C SER G 274 -1.33 -2.86 -13.51
N TYR G 275 -0.96 -1.77 -14.18
CA TYR G 275 -1.97 -0.78 -14.60
C TYR G 275 -2.21 -0.84 -16.11
N VAL G 276 -1.92 -2.00 -16.69
CA VAL G 276 -2.06 -2.21 -18.11
C VAL G 276 -3.00 -3.36 -18.44
N THR G 277 -4.08 -3.05 -19.16
CA THR G 277 -4.98 -4.07 -19.65
C THR G 277 -5.68 -3.59 -20.91
N GLY G 278 -5.95 -4.53 -21.80
CA GLY G 278 -6.60 -4.23 -23.08
C GLY G 278 -5.64 -3.72 -24.13
N GLN G 279 -4.35 -3.79 -23.84
CA GLN G 279 -3.37 -3.19 -24.72
C GLN G 279 -2.60 -4.18 -25.59
N ILE G 281 1.38 -4.69 -27.32
CA ILE G 281 2.78 -4.27 -27.40
C ILE G 281 3.27 -4.66 -28.79
N HIS G 282 3.70 -3.67 -29.57
CA HIS G 282 4.18 -3.86 -30.95
C HIS G 282 5.69 -4.01 -31.08
N VAL G 283 6.13 -5.21 -31.41
CA VAL G 283 7.55 -5.55 -31.53
C VAL G 283 7.77 -5.96 -32.96
N ASN G 284 8.01 -4.98 -33.82
CA ASN G 284 7.98 -5.22 -35.26
C ASN G 284 9.06 -4.62 -36.13
N GLY G 285 10.15 -4.16 -35.52
CA GLY G 285 11.26 -3.57 -36.29
C GLY G 285 10.99 -2.15 -36.77
N GLY G 286 10.02 -1.49 -36.17
CA GLY G 286 9.76 -0.07 -36.46
C GLY G 286 8.63 0.26 -37.40
N VAL G 287 7.70 -0.67 -37.61
CA VAL G 287 6.55 -0.38 -38.48
C VAL G 287 5.52 0.42 -37.67
N ILE G 288 5.15 1.61 -38.18
CA ILE G 288 4.21 2.48 -37.50
C ILE G 288 2.81 1.97 -37.80
N VAL G 289 2.00 1.76 -36.78
CA VAL G 289 0.68 1.22 -36.97
C VAL G 289 -0.34 2.09 -36.25
N ASN G 290 -0.05 3.37 -36.13
CA ASN G 290 -0.91 4.31 -35.42
C ASN G 290 -1.18 3.80 -34.01
N GLY G 291 -0.16 3.17 -33.42
CA GLY G 291 -0.27 2.63 -32.07
C GLY G 291 -0.14 3.63 -30.94
N ALA H 3 7.60 -0.15 3.51
CA ALA H 3 7.53 -1.64 3.39
C ALA H 3 6.23 -2.07 2.71
N PRO H 5 3.44 0.17 1.07
CA PRO H 5 2.83 1.43 0.64
C PRO H 5 1.29 1.36 0.63
N GLN H 6 0.63 2.36 1.23
CA GLN H 6 -0.83 2.35 1.35
C GLN H 6 -1.58 3.11 0.26
N GLN H 7 -0.86 3.61 -0.75
CA GLN H 7 -1.45 4.43 -1.83
C GLN H 7 -2.66 3.82 -2.56
N LYS H 8 -2.52 2.57 -3.02
CA LYS H 8 -3.59 1.89 -3.75
C LYS H 8 -4.81 1.50 -2.90
N ASN H 9 -4.73 1.66 -1.58
CA ASN H 9 -5.88 1.38 -0.70
C ASN H 9 -6.89 2.53 -0.69
N PHE H 10 -6.45 3.72 -1.11
CA PHE H 10 -7.33 4.89 -1.17
C PHE H 10 -8.42 4.70 -2.24
N VAL H 11 -9.68 4.63 -1.81
CA VAL H 11 -10.85 4.46 -2.71
C VAL H 11 -10.94 5.63 -3.68
N THR H 12 -10.67 6.84 -3.18
CA THR H 12 -10.66 8.06 -3.97
C THR H 12 -9.56 8.92 -3.37
N PRO H 14 -8.10 12.23 -1.63
CA PRO H 14 -8.66 13.33 -0.82
C PRO H 14 -8.76 14.62 -1.62
N ALA H 15 -9.78 15.44 -1.33
CA ALA H 15 -9.97 16.71 -2.02
C ALA H 15 -8.83 17.67 -1.69
N GLN H 16 -8.15 18.16 -2.73
CA GLN H 16 -7.00 19.03 -2.54
C GLN H 16 -6.62 19.77 -3.83
N HIS H 17 -5.90 20.86 -3.66
CA HIS H 17 -5.47 21.69 -4.79
C HIS H 17 -4.28 22.56 -4.41
N GLN H 18 -3.30 22.66 -5.29
CA GLN H 18 -2.14 23.51 -5.07
C GLN H 18 -2.28 24.69 -6.02
N ASN H 19 -2.03 25.89 -5.52
CA ASN H 19 -2.21 27.09 -6.32
C ASN H 19 -1.12 27.39 -7.35
N LYS H 20 0.05 26.77 -7.25
CA LYS H 20 1.07 27.06 -8.25
C LYS H 20 1.47 25.75 -8.94
N GLN H 21 1.70 25.85 -10.24
CA GLN H 21 2.12 24.75 -11.07
C GLN H 21 3.46 25.21 -11.66
N PRO H 22 4.43 24.30 -11.81
CA PRO H 22 4.39 22.85 -11.52
C PRO H 22 4.22 22.47 -10.04
N GLY H 23 3.43 21.43 -9.79
CA GLY H 23 3.12 20.99 -8.44
C GLY H 23 4.29 20.51 -7.62
N ILE H 24 4.09 20.47 -6.31
CA ILE H 24 5.11 20.00 -5.35
C ILE H 24 4.62 18.70 -4.71
N GLU H 25 5.42 17.65 -4.82
CA GLU H 25 5.03 16.32 -4.35
C GLU H 25 4.92 16.20 -2.84
N SER H 26 5.79 16.88 -2.09
CA SER H 26 5.77 16.79 -0.63
C SER H 26 4.47 17.34 -0.03
N LEU H 27 3.74 18.14 -0.79
CA LEU H 27 2.48 18.75 -0.32
C LEU H 27 1.22 17.88 -0.50
N ASN H 29 -1.44 14.48 -0.41
CA ASN H 29 -1.97 13.49 0.54
C ASN H 29 -2.95 12.55 -0.17
N PRO H 30 -2.58 11.27 -0.34
CA PRO H 30 -1.33 10.65 0.06
C PRO H 30 -0.19 10.98 -0.90
N LEU H 31 1.04 10.77 -0.43
CA LEU H 31 2.20 10.97 -1.25
C LEU H 31 2.16 9.92 -2.36
N PRO H 32 2.44 10.31 -3.61
CA PRO H 32 2.44 9.31 -4.65
C PRO H 32 3.41 8.18 -4.33
N GLN H 33 3.06 6.95 -4.73
CA GLN H 33 3.98 5.84 -4.54
C GLN H 33 4.89 5.78 -5.76
N PHE H 34 6.14 6.22 -5.60
CA PHE H 34 7.08 6.27 -6.73
C PHE H 34 7.98 5.07 -6.75
N GLU H 35 7.86 4.24 -5.73
CA GLU H 35 8.68 3.06 -5.63
C GLU H 35 7.85 1.82 -5.33
N ASP H 36 8.21 0.72 -5.98
CA ASP H 36 7.64 -0.58 -5.68
C ASP H 36 8.67 -1.21 -4.75
N PRO H 37 8.35 -1.38 -3.45
CA PRO H 37 9.35 -1.91 -2.51
C PRO H 37 9.89 -3.30 -2.87
N ASN H 38 9.17 -4.05 -3.68
CA ASN H 38 9.63 -5.37 -4.06
C ASN H 38 10.40 -5.40 -5.39
N TYR H 39 10.49 -4.26 -6.07
CA TYR H 39 11.16 -4.20 -7.36
C TYR H 39 12.62 -4.59 -7.21
N LYS H 40 13.08 -5.48 -8.07
CA LYS H 40 14.43 -5.97 -8.04
C LYS H 40 15.14 -5.61 -9.33
N GLY H 41 16.22 -4.85 -9.20
CA GLY H 41 16.98 -4.44 -10.36
C GLY H 41 17.75 -5.63 -10.87
N SER H 42 18.22 -5.56 -12.11
CA SER H 42 18.94 -6.67 -12.72
C SER H 42 19.96 -6.16 -13.73
N GLU H 43 20.46 -4.96 -13.45
CA GLU H 43 21.49 -4.33 -14.25
C GLU H 43 21.09 -4.09 -15.69
N LYS H 44 19.80 -3.90 -15.92
CA LYS H 44 19.30 -3.66 -17.27
C LYS H 44 19.87 -2.39 -17.92
N LEU H 45 20.24 -1.41 -17.11
CA LEU H 45 20.79 -0.15 -17.64
C LEU H 45 22.17 0.20 -17.05
N LYS H 46 22.91 -0.83 -16.65
CA LYS H 46 24.21 -0.64 -16.02
C LYS H 46 25.18 0.26 -16.78
N GLY H 47 25.58 1.34 -16.13
CA GLY H 47 26.55 2.27 -16.71
C GLY H 47 25.96 3.26 -17.70
N LYS H 48 24.69 3.12 -18.03
CA LYS H 48 24.08 4.01 -18.99
C LYS H 48 23.92 5.39 -18.38
N ASN H 49 24.06 6.41 -19.20
CA ASN H 49 23.90 7.77 -18.75
C ASN H 49 22.60 8.33 -19.29
N VAL H 50 21.74 8.75 -18.38
CA VAL H 50 20.39 9.18 -18.72
C VAL H 50 20.09 10.64 -18.37
N LEU H 51 19.33 11.30 -19.23
CA LEU H 51 18.84 12.64 -18.96
C LEU H 51 17.33 12.54 -19.00
N ILE H 52 16.67 12.94 -17.91
CA ILE H 52 15.24 12.90 -17.83
C ILE H 52 14.70 14.28 -17.47
N THR H 53 13.96 14.87 -18.40
CA THR H 53 13.35 16.16 -18.17
C THR H 53 12.07 15.93 -17.37
N GLY H 54 11.94 16.66 -16.27
CA GLY H 54 10.82 16.46 -15.36
C GLY H 54 11.05 15.23 -14.49
N GLY H 55 12.31 14.90 -14.22
CA GLY H 55 12.61 13.71 -13.41
C GLY H 55 12.58 13.91 -11.90
N ASP H 56 12.27 15.13 -11.48
CA ASP H 56 12.24 15.50 -10.06
C ASP H 56 11.05 14.97 -9.30
N SER H 57 9.94 14.73 -9.98
CA SER H 57 8.73 14.28 -9.31
C SER H 57 7.85 13.48 -10.25
N GLY H 58 6.73 13.01 -9.70
CA GLY H 58 5.75 12.25 -10.43
C GLY H 58 6.30 11.03 -11.12
N ILE H 59 5.89 10.86 -12.37
CA ILE H 59 6.34 9.74 -13.17
C ILE H 59 7.85 9.79 -13.34
N GLY H 60 8.38 10.99 -13.61
CA GLY H 60 9.83 11.16 -13.80
C GLY H 60 10.65 10.70 -12.60
N ARG H 61 10.13 10.95 -11.40
CA ARG H 61 10.78 10.49 -10.17
C ARG H 61 10.80 8.98 -10.11
N ALA H 62 9.68 8.35 -10.46
CA ALA H 62 9.58 6.91 -10.44
C ALA H 62 10.57 6.33 -11.45
N VAL H 63 10.68 6.98 -12.62
CA VAL H 63 11.59 6.50 -13.65
C VAL H 63 13.06 6.69 -13.28
N SER H 64 13.39 7.83 -12.68
CA SER H 64 14.76 8.13 -12.26
C SER H 64 15.23 7.06 -11.27
N ILE H 65 14.38 6.77 -10.31
CA ILE H 65 14.69 5.78 -9.29
C ILE H 65 14.82 4.37 -9.87
N ALA H 66 13.84 3.94 -10.67
CA ALA H 66 13.90 2.60 -11.28
C ALA H 66 15.13 2.47 -12.18
N PHE H 67 15.46 3.54 -12.91
CA PHE H 67 16.65 3.50 -13.77
C PHE H 67 17.89 3.34 -12.89
N ALA H 68 17.88 4.01 -11.73
CA ALA H 68 19.00 3.93 -10.81
C ALA H 68 19.15 2.51 -10.30
N LYS H 69 18.03 1.89 -9.96
CA LYS H 69 18.04 0.50 -9.51
C LYS H 69 18.57 -0.44 -10.59
N GLU H 70 18.43 -0.04 -11.86
CA GLU H 70 18.98 -0.83 -12.97
C GLU H 70 20.42 -0.46 -13.29
N GLY H 71 21.02 0.40 -12.46
CA GLY H 71 22.44 0.76 -12.59
C GLY H 71 22.78 1.96 -13.45
N ALA H 72 21.78 2.77 -13.80
CA ALA H 72 22.00 3.94 -14.64
C ALA H 72 22.30 5.17 -13.81
N ASN H 73 23.10 6.06 -14.40
CA ASN H 73 23.42 7.36 -13.83
C ASN H 73 22.38 8.33 -14.34
N ILE H 74 21.82 9.14 -13.45
CA ILE H 74 20.70 10.01 -13.82
C ILE H 74 20.94 11.52 -13.70
N ALA H 75 20.79 12.23 -14.82
CA ALA H 75 20.81 13.68 -14.84
C ALA H 75 19.35 14.08 -14.85
N ILE H 76 18.91 14.84 -13.85
CA ILE H 76 17.51 15.22 -13.74
C ILE H 76 17.29 16.73 -13.98
N ALA H 77 16.55 17.07 -15.05
CA ALA H 77 16.20 18.44 -15.32
C ALA H 77 14.79 18.67 -14.76
N TYR H 78 14.56 19.90 -14.30
CA TYR H 78 13.30 20.29 -13.70
C TYR H 78 13.28 21.83 -13.65
N LEU H 79 12.14 22.42 -13.36
CA LEU H 79 12.02 23.89 -13.34
C LEU H 79 12.64 24.49 -12.08
N ASP H 80 11.97 24.35 -10.95
CA ASP H 80 12.44 24.99 -9.72
C ASP H 80 12.08 24.26 -8.42
N GLU H 81 11.55 23.05 -8.53
CA GLU H 81 11.12 22.30 -7.36
C GLU H 81 12.33 21.66 -6.66
N GLU H 82 13.13 22.50 -5.98
CA GLU H 82 14.37 22.06 -5.35
C GLU H 82 14.20 20.97 -4.32
N GLY H 83 13.19 21.09 -3.48
CA GLY H 83 12.95 20.09 -2.44
C GLY H 83 12.70 18.74 -3.08
N ASP H 84 11.80 18.72 -4.05
CA ASP H 84 11.51 17.48 -4.74
C ASP H 84 12.76 16.93 -5.42
N ALA H 85 13.43 17.74 -6.22
CA ALA H 85 14.62 17.29 -6.92
C ALA H 85 15.64 16.69 -5.93
N ASN H 86 15.89 17.36 -4.82
CA ASN H 86 16.84 16.83 -3.84
C ASN H 86 16.49 15.49 -3.26
N GLU H 87 15.26 15.36 -2.84
CA GLU H 87 14.69 14.13 -2.34
C GLU H 87 14.91 13.02 -3.38
N THR H 88 14.61 13.32 -4.65
CA THR H 88 14.82 12.34 -5.75
C THR H 88 16.31 12.01 -5.90
N LYS H 89 17.17 13.01 -5.78
CA LYS H 89 18.61 12.82 -5.83
C LYS H 89 19.03 11.84 -4.73
N GLN H 90 18.45 11.97 -3.54
N GLN H 90 18.44 11.97 -3.54
CA GLN H 90 18.79 11.08 -2.42
CA GLN H 90 18.78 11.09 -2.42
C GLN H 90 18.44 9.62 -2.74
C GLN H 90 18.45 9.63 -2.77
N TYR H 91 17.24 9.40 -3.29
CA TYR H 91 16.81 8.06 -3.64
C TYR H 91 17.66 7.46 -4.75
N VAL H 92 18.03 8.27 -5.71
CA VAL H 92 18.86 7.81 -6.81
C VAL H 92 20.26 7.41 -6.36
N GLU H 93 20.91 8.27 -5.59
CA GLU H 93 22.28 8.03 -5.12
C GLU H 93 22.35 6.89 -4.10
N LYS H 94 21.24 6.65 -3.42
CA LYS H 94 21.08 5.56 -2.48
C LYS H 94 21.21 4.20 -3.19
N GLU H 95 20.98 4.19 -4.50
CA GLU H 95 21.08 3.01 -5.34
C GLU H 95 22.53 2.80 -5.82
N GLY H 96 23.41 3.71 -5.42
CA GLY H 96 24.82 3.58 -5.75
C GLY H 96 25.24 4.09 -7.10
N VAL H 97 24.42 4.94 -7.71
CA VAL H 97 24.74 5.52 -9.00
C VAL H 97 24.87 7.05 -8.88
N LYS H 98 25.37 7.71 -9.92
CA LYS H 98 25.53 9.17 -9.91
C LYS H 98 24.24 9.89 -10.28
N CYS H 99 24.09 11.09 -9.73
CA CYS H 99 22.93 11.92 -9.98
C CYS H 99 23.38 13.38 -10.09
N VAL H 100 22.92 14.03 -11.16
CA VAL H 100 23.18 15.42 -11.46
C VAL H 100 21.88 16.22 -11.52
N LEU H 101 21.82 17.35 -10.83
CA LEU H 101 20.61 18.18 -10.86
C LEU H 101 20.71 19.36 -11.82
N LEU H 102 19.72 19.48 -12.71
CA LEU H 102 19.72 20.54 -13.71
C LEU H 102 18.44 21.36 -13.67
N PRO H 103 18.39 22.36 -12.78
CA PRO H 103 17.23 23.22 -12.69
C PRO H 103 17.23 24.24 -13.83
N GLY H 104 16.06 24.77 -14.17
CA GLY H 104 15.97 25.78 -15.23
C GLY H 104 14.74 25.65 -16.10
N ASP H 105 14.38 26.73 -16.77
CA ASP H 105 13.18 26.81 -17.59
C ASP H 105 13.43 26.27 -19.00
N LEU H 106 12.85 25.10 -19.29
CA LEU H 106 13.01 24.46 -20.59
C LEU H 106 12.16 25.08 -21.71
N SER H 107 11.41 26.13 -21.40
CA SER H 107 10.68 26.86 -22.44
C SER H 107 11.63 27.77 -23.18
N ASP H 108 12.87 27.87 -22.67
CA ASP H 108 13.94 28.65 -23.30
C ASP H 108 14.82 27.69 -24.12
N GLU H 109 14.88 27.91 -25.43
CA GLU H 109 15.69 27.05 -26.29
C GLU H 109 17.11 26.83 -25.78
N GLN H 110 17.77 27.91 -25.36
CA GLN H 110 19.18 27.81 -24.92
C GLN H 110 19.35 26.88 -23.74
N HIS H 111 18.50 27.02 -22.74
CA HIS H 111 18.55 26.15 -21.59
C HIS H 111 18.39 24.66 -21.98
N CYS H 112 17.57 24.37 -22.98
CA CYS H 112 17.37 22.99 -23.45
C CYS H 112 18.69 22.46 -23.99
N LYS H 113 19.44 23.34 -24.65
CA LYS H 113 20.75 23.01 -25.20
C LYS H 113 21.77 22.80 -24.08
N ASP H 114 21.70 23.67 -23.06
CA ASP H 114 22.59 23.65 -21.90
C ASP H 114 22.51 22.33 -21.11
N ILE H 115 21.30 21.84 -20.84
CA ILE H 115 21.16 20.61 -20.04
C ILE H 115 21.84 19.39 -20.68
N VAL H 116 21.81 19.31 -21.99
CA VAL H 116 22.46 18.21 -22.70
C VAL H 116 23.97 18.33 -22.57
N GLN H 117 24.48 19.53 -22.87
N GLN H 117 24.50 19.52 -22.85
CA GLN H 117 25.90 19.83 -22.76
CA GLN H 117 25.93 19.74 -22.77
C GLN H 117 26.40 19.51 -21.36
C GLN H 117 26.42 19.48 -21.34
N GLU H 118 25.61 19.91 -20.37
CA GLU H 118 25.95 19.71 -18.97
C GLU H 118 25.94 18.23 -18.59
N THR H 119 24.90 17.52 -19.01
CA THR H 119 24.81 16.10 -18.71
C THR H 119 26.04 15.39 -19.22
N VAL H 120 26.43 15.69 -20.45
CA VAL H 120 27.59 15.05 -21.03
C VAL H 120 28.86 15.38 -20.25
N ARG H 121 28.98 16.61 -19.77
CA ARG H 121 30.18 16.99 -19.04
C ARG H 121 30.22 16.38 -17.63
N GLN H 122 29.10 16.35 -16.90
CA GLN H 122 29.12 15.78 -15.55
C GLN H 122 29.14 14.22 -15.59
N LEU H 123 28.33 13.60 -16.46
CA LEU H 123 28.28 12.11 -16.57
C LEU H 123 29.30 11.55 -17.58
N GLY H 124 29.68 12.34 -18.57
CA GLY H 124 30.69 11.89 -19.53
C GLY H 124 30.15 11.52 -20.90
N SER H 125 28.85 11.26 -20.97
CA SER H 125 28.21 10.86 -22.20
C SER H 125 26.71 10.78 -21.93
N LEU H 126 25.96 10.52 -22.99
CA LEU H 126 24.51 10.42 -22.92
C LEU H 126 24.07 9.22 -23.74
N ASN H 127 23.33 8.31 -23.12
CA ASN H 127 22.82 7.11 -23.79
C ASN H 127 21.30 7.11 -23.99
N ILE H 128 20.58 7.63 -23.00
CA ILE H 128 19.13 7.59 -22.99
C ILE H 128 18.55 8.97 -22.64
N LEU H 129 17.62 9.44 -23.45
CA LEU H 129 16.95 10.72 -23.20
C LEU H 129 15.48 10.46 -22.92
N VAL H 130 14.97 10.95 -21.79
CA VAL H 130 13.54 10.86 -21.50
C VAL H 130 12.92 12.26 -21.45
N ASN H 131 12.20 12.62 -22.51
CA ASN H 131 11.47 13.88 -22.57
C ASN H 131 10.15 13.65 -21.84
N ASN H 132 9.96 14.35 -20.73
CA ASN H 132 8.80 14.07 -19.89
C ASN H 132 8.18 15.29 -19.22
N VAL H 133 8.74 16.48 -19.42
CA VAL H 133 8.17 17.67 -18.81
C VAL H 133 6.81 18.02 -19.43
N ALA H 134 5.99 18.69 -18.65
CA ALA H 134 4.70 19.17 -19.12
C ALA H 134 3.98 20.06 -18.09
N GLN H 135 3.08 20.90 -18.60
CA GLN H 135 2.19 21.71 -17.79
C GLN H 135 0.82 21.57 -18.47
N GLN H 136 -0.25 21.73 -17.70
CA GLN H 136 -1.59 21.61 -18.25
C GLN H 136 -2.51 22.60 -17.54
N TYR H 137 -3.34 23.29 -18.31
CA TYR H 137 -4.26 24.28 -17.77
C TYR H 137 -5.68 24.03 -18.28
N PRO H 138 -6.47 23.27 -17.51
CA PRO H 138 -7.85 22.95 -17.89
C PRO H 138 -8.70 24.19 -18.08
N GLN H 139 -9.60 24.14 -19.06
CA GLN H 139 -10.56 25.22 -19.30
C GLN H 139 -11.87 24.56 -19.73
N GLN H 140 -12.98 25.17 -19.34
CA GLN H 140 -14.31 24.63 -19.63
C GLN H 140 -14.68 24.63 -21.12
N GLY H 141 -13.86 25.30 -21.94
CA GLY H 141 -14.10 25.38 -23.38
C GLY H 141 -12.97 26.08 -24.11
N LEU H 142 -12.96 25.95 -25.43
CA LEU H 142 -11.93 26.57 -26.26
C LEU H 142 -11.92 28.11 -26.17
N GLU H 143 -13.09 28.73 -25.99
CA GLU H 143 -13.15 30.19 -25.88
C GLU H 143 -12.45 30.72 -24.62
N TYR H 144 -12.07 29.81 -23.71
CA TYR H 144 -11.36 30.20 -22.48
C TYR H 144 -9.86 29.95 -22.56
N ILE H 145 -9.37 29.61 -23.74
CA ILE H 145 -7.94 29.38 -23.98
C ILE H 145 -7.34 30.61 -24.64
N THR H 146 -6.54 31.37 -23.90
CA THR H 146 -5.91 32.55 -24.46
C THR H 146 -4.71 32.18 -25.33
N ALA H 147 -4.32 33.09 -26.22
CA ALA H 147 -3.14 32.90 -27.05
C ALA H 147 -1.94 32.64 -26.14
N GLU H 148 -1.86 33.34 -25.02
N GLU H 148 -1.88 33.37 -25.03
CA GLU H 148 -0.73 33.17 -24.10
CA GLU H 148 -0.84 33.22 -24.02
C GLU H 148 -0.71 31.75 -23.50
C GLU H 148 -0.73 31.78 -23.51
N GLN H 149 -1.86 31.26 -23.03
CA GLN H 149 -1.90 29.91 -22.50
C GLN H 149 -1.55 28.90 -23.59
N LEU H 150 -2.08 29.11 -24.79
CA LEU H 150 -1.82 28.22 -25.92
C LEU H 150 -0.33 28.05 -26.17
N GLU H 151 0.34 29.17 -26.41
CA GLU H 151 1.76 29.17 -26.71
C GLU H 151 2.63 28.64 -25.58
N LYS H 152 2.31 29.01 -24.34
CA LYS H 152 3.04 28.50 -23.19
C LYS H 152 2.94 26.98 -23.10
N THR H 153 1.73 26.45 -23.26
CA THR H 153 1.51 25.00 -23.21
C THR H 153 2.34 24.33 -24.30
N PHE H 154 2.29 24.83 -25.52
CA PHE H 154 3.10 24.22 -26.59
C PHE H 154 4.59 24.36 -26.38
N ARG H 155 5.04 25.54 -25.93
CA ARG H 155 6.47 25.81 -25.75
C ARG H 155 7.14 24.82 -24.80
N ILE H 156 6.48 24.51 -23.69
CA ILE H 156 7.04 23.55 -22.73
C ILE H 156 6.69 22.08 -23.05
N ASN H 157 5.49 21.80 -23.53
CA ASN H 157 5.09 20.40 -23.76
C ASN H 157 5.68 19.74 -25.00
N ILE H 158 5.85 20.52 -26.06
CA ILE H 158 6.37 19.96 -27.30
C ILE H 158 7.62 20.67 -27.81
N PHE H 159 7.68 22.00 -27.79
CA PHE H 159 8.89 22.63 -28.28
C PHE H 159 10.13 22.16 -27.48
N SER H 160 10.00 22.00 -26.16
CA SER H 160 11.15 21.54 -25.35
C SER H 160 11.63 20.16 -25.80
N TYR H 161 10.69 19.26 -26.14
CA TYR H 161 11.04 17.93 -26.62
C TYR H 161 11.86 18.08 -27.90
N PHE H 162 11.43 18.98 -28.78
CA PHE H 162 12.20 19.26 -30.00
C PHE H 162 13.62 19.73 -29.71
N HIS H 163 13.76 20.75 -28.87
CA HIS H 163 15.06 21.37 -28.61
C HIS H 163 16.05 20.50 -27.84
N VAL H 164 15.57 19.85 -26.79
CA VAL H 164 16.42 18.95 -26.00
C VAL H 164 16.90 17.75 -26.83
N THR H 165 15.96 17.12 -27.54
CA THR H 165 16.26 15.98 -28.41
C THR H 165 17.22 16.43 -29.50
N LYS H 166 16.94 17.58 -30.09
CA LYS H 166 17.83 18.13 -31.12
C LYS H 166 19.27 18.22 -30.61
N ALA H 167 19.46 18.83 -29.43
CA ALA H 167 20.82 19.00 -28.87
C ALA H 167 21.44 17.66 -28.50
N ALA H 168 20.60 16.70 -28.08
CA ALA H 168 21.09 15.40 -27.67
C ALA H 168 21.68 14.58 -28.84
N LEU H 169 21.15 14.79 -30.04
CA LEU H 169 21.56 14.03 -31.22
C LEU H 169 23.06 13.98 -31.50
N SER H 170 23.81 15.03 -31.21
CA SER H 170 25.25 14.99 -31.48
C SER H 170 26.01 14.14 -30.45
N HIS H 171 25.28 13.57 -29.49
CA HIS H 171 25.89 12.74 -28.46
C HIS H 171 25.36 11.30 -28.48
N LEU H 172 24.19 11.10 -29.09
CA LEU H 172 23.57 9.77 -29.14
C LEU H 172 24.20 8.94 -30.26
N LYS H 173 24.31 7.63 -30.03
CA LYS H 173 24.98 6.75 -30.98
C LYS H 173 24.25 5.42 -31.14
N GLN H 174 24.79 4.58 -32.01
CA GLN H 174 24.24 3.26 -32.24
C GLN H 174 23.94 2.61 -30.89
N GLY H 175 22.71 2.16 -30.71
CA GLY H 175 22.32 1.53 -29.47
C GLY H 175 21.71 2.48 -28.46
N ASP H 176 21.69 3.77 -28.76
CA ASP H 176 21.12 4.75 -27.82
C ASP H 176 19.59 4.85 -27.98
N VAL H 177 18.94 5.55 -27.05
CA VAL H 177 17.49 5.56 -26.97
C VAL H 177 16.87 6.86 -26.53
N ILE H 178 15.69 7.16 -27.09
CA ILE H 178 14.88 8.31 -26.72
C ILE H 178 13.49 7.78 -26.32
N ILE H 179 12.95 8.28 -25.21
CA ILE H 179 11.59 7.97 -24.77
C ILE H 179 10.84 9.30 -24.52
N ASN H 180 9.63 9.41 -25.06
CA ASN H 180 8.80 10.58 -24.92
C ASN H 180 7.53 10.29 -24.17
N THR H 181 7.22 11.08 -23.15
CA THR H 181 5.96 10.88 -22.47
C THR H 181 4.85 11.62 -23.22
N ALA H 182 3.88 10.86 -23.72
CA ALA H 182 2.71 11.41 -24.38
C ALA H 182 1.58 11.37 -23.36
N SER H 183 0.39 10.97 -23.79
CA SER H 183 -0.76 10.85 -22.89
C SER H 183 -1.92 10.19 -23.59
N ILE H 184 -2.77 9.52 -22.82
CA ILE H 184 -3.97 8.91 -23.35
C ILE H 184 -4.81 9.94 -24.12
N VAL H 185 -4.78 11.19 -23.68
CA VAL H 185 -5.60 12.24 -24.32
C VAL H 185 -5.28 12.48 -25.81
N ALA H 186 -4.09 12.10 -26.26
CA ALA H 186 -3.74 12.21 -27.69
C ALA H 186 -4.58 11.22 -28.50
N TYR H 187 -4.94 10.12 -27.86
CA TYR H 187 -5.70 9.04 -28.49
C TYR H 187 -7.21 9.17 -28.29
N GLU H 188 -7.62 9.61 -27.11
CA GLU H 188 -9.04 9.70 -26.75
C GLU H 188 -9.61 11.11 -26.76
N GLY H 189 -8.74 12.11 -26.79
CA GLY H 189 -9.18 13.51 -26.70
C GLY H 189 -9.54 13.83 -25.26
N ASN H 190 -9.67 15.12 -24.94
CA ASN H 190 -10.11 15.56 -23.59
C ASN H 190 -10.70 16.95 -23.73
N GLU H 191 -12.02 17.03 -23.57
CA GLU H 191 -12.78 18.27 -23.78
C GLU H 191 -12.42 19.47 -22.88
N THR H 192 -11.70 19.23 -21.78
CA THR H 192 -11.31 20.33 -20.88
C THR H 192 -9.82 20.62 -20.93
N LEU H 193 -9.11 19.93 -21.82
CA LEU H 193 -7.67 20.11 -21.99
C LEU H 193 -7.37 20.05 -23.48
N ILE H 194 -8.03 20.94 -24.23
CA ILE H 194 -7.95 20.91 -25.68
C ILE H 194 -6.53 21.23 -26.19
N ASP H 195 -5.92 22.28 -25.65
CA ASP H 195 -4.56 22.66 -26.04
C ASP H 195 -3.52 21.63 -25.55
N TYR H 196 -3.65 21.18 -24.31
CA TYR H 196 -2.76 20.13 -23.79
C TYR H 196 -2.85 18.87 -24.66
N SER H 197 -4.07 18.43 -24.97
N SER H 197 -4.07 18.43 -24.98
CA SER H 197 -4.28 17.25 -25.81
CA SER H 197 -4.27 17.24 -25.82
C SER H 197 -3.56 17.40 -27.15
C SER H 197 -3.55 17.41 -27.15
N ALA H 198 -3.66 18.60 -27.73
CA ALA H 198 -3.03 18.91 -28.99
C ALA H 198 -1.51 18.77 -28.85
N THR H 199 -0.92 19.20 -27.73
CA THR H 199 0.52 19.04 -27.58
C THR H 199 0.88 17.55 -27.48
N LYS H 200 0.00 16.77 -26.87
CA LYS H 200 0.28 15.35 -26.71
C LYS H 200 0.14 14.62 -28.04
N GLY H 201 -0.80 15.04 -28.88
CA GLY H 201 -0.92 14.50 -30.24
C GLY H 201 0.34 14.84 -31.02
N ALA H 202 0.86 16.06 -30.82
CA ALA H 202 2.11 16.47 -31.48
C ALA H 202 3.26 15.55 -31.05
N ILE H 203 3.31 15.20 -29.77
CA ILE H 203 4.36 14.28 -29.26
C ILE H 203 4.26 12.90 -29.88
N VAL H 204 3.05 12.39 -30.06
CA VAL H 204 2.86 11.10 -30.69
C VAL H 204 3.39 11.12 -32.13
N ALA H 205 3.09 12.19 -32.88
CA ALA H 205 3.55 12.27 -34.26
C ALA H 205 5.05 12.50 -34.32
N PHE H 206 5.56 13.31 -33.39
CA PHE H 206 7.00 13.57 -33.26
C PHE H 206 7.74 12.26 -33.04
N THR H 207 7.21 11.43 -32.15
CA THR H 207 7.81 10.12 -31.86
C THR H 207 7.88 9.22 -33.10
N ARG H 208 6.76 9.10 -33.79
CA ARG H 208 6.68 8.27 -34.99
C ARG H 208 7.64 8.74 -36.08
N SER H 209 7.65 10.03 -36.35
CA SER H 209 8.49 10.58 -37.41
C SER H 209 9.96 10.44 -37.04
N LEU H 210 10.28 10.78 -35.79
CA LEU H 210 11.67 10.73 -35.35
C LEU H 210 12.21 9.29 -35.36
N SER H 211 11.36 8.33 -35.01
CA SER H 211 11.83 6.94 -35.02
C SER H 211 12.26 6.54 -36.45
N GLN H 212 11.53 7.00 -37.46
N GLN H 212 11.50 7.00 -37.46
CA GLN H 212 11.85 6.65 -38.85
CA GLN H 212 11.81 6.72 -38.86
C GLN H 212 13.10 7.41 -39.31
C GLN H 212 13.12 7.38 -39.25
N SER H 213 13.29 8.61 -38.78
CA SER H 213 14.47 9.42 -39.07
C SER H 213 15.75 8.83 -38.46
N LEU H 214 15.66 8.23 -37.28
CA LEU H 214 16.87 7.75 -36.62
C LEU H 214 17.13 6.25 -36.66
N VAL H 215 16.17 5.47 -37.14
CA VAL H 215 16.30 4.00 -37.12
C VAL H 215 17.59 3.52 -37.77
N GLN H 216 17.99 4.14 -38.86
CA GLN H 216 19.22 3.71 -39.53
C GLN H 216 20.48 4.09 -38.75
N LYS H 217 20.37 5.07 -37.86
CA LYS H 217 21.49 5.48 -37.01
C LYS H 217 21.58 4.61 -35.75
N GLY H 218 20.72 3.59 -35.66
CA GLY H 218 20.72 2.69 -34.50
C GLY H 218 20.15 3.32 -33.25
N ILE H 219 19.32 4.35 -33.41
CA ILE H 219 18.72 5.02 -32.27
C ILE H 219 17.22 4.78 -32.28
N ARG H 220 16.71 4.20 -31.19
CA ARG H 220 15.30 3.88 -31.06
C ARG H 220 14.57 5.01 -30.38
N VAL H 221 13.32 5.22 -30.79
CA VAL H 221 12.49 6.30 -30.26
C VAL H 221 11.10 5.74 -30.01
N ASN H 222 10.66 5.78 -28.77
CA ASN H 222 9.33 5.28 -28.42
C ASN H 222 8.69 6.18 -27.40
N GLY H 223 7.44 5.90 -27.09
CA GLY H 223 6.73 6.69 -26.10
C GLY H 223 5.95 5.87 -25.10
N VAL H 224 5.47 6.55 -24.07
CA VAL H 224 4.60 5.96 -23.05
C VAL H 224 3.40 6.91 -22.98
N ALA H 225 2.20 6.34 -23.01
CA ALA H 225 0.97 7.12 -22.95
C ALA H 225 0.25 6.81 -21.66
N PRO H 226 0.51 7.60 -20.64
CA PRO H 226 -0.16 7.33 -19.38
C PRO H 226 -1.61 7.72 -19.33
N GLY H 227 -2.36 7.01 -18.51
CA GLY H 227 -3.72 7.33 -18.20
C GLY H 227 -3.63 8.19 -16.94
N PRO H 228 -4.67 8.18 -16.10
CA PRO H 228 -4.66 9.04 -14.91
C PRO H 228 -3.70 8.55 -13.83
N ILE H 229 -2.64 9.32 -13.60
CA ILE H 229 -1.60 8.94 -12.62
C ILE H 229 -1.51 9.98 -11.50
N TRP H 230 -1.41 9.50 -10.26
CA TRP H 230 -1.32 10.39 -9.10
C TRP H 230 0.07 11.05 -9.00
N THR H 231 0.13 12.29 -9.48
CA THR H 231 1.35 13.09 -9.52
C THR H 231 1.00 14.55 -9.17
N PRO H 232 2.02 15.40 -8.91
CA PRO H 232 1.80 16.83 -8.57
C PRO H 232 1.08 17.62 -9.66
N LEU H 233 1.09 17.10 -10.89
CA LEU H 233 0.41 17.73 -12.01
C LEU H 233 -1.10 17.81 -11.79
N ILE H 234 -1.63 16.83 -11.07
CA ILE H 234 -3.08 16.70 -10.85
C ILE H 234 -3.66 17.71 -9.86
N PRO H 235 -3.12 17.81 -8.63
CA PRO H 235 -3.70 18.80 -7.72
C PRO H 235 -3.36 20.25 -8.09
N SER H 236 -2.28 20.47 -8.84
CA SER H 236 -1.91 21.82 -9.23
C SER H 236 -2.63 22.30 -10.51
N SER H 237 -3.30 21.40 -11.21
CA SER H 237 -4.03 21.79 -12.42
C SER H 237 -5.54 21.68 -12.26
N PHE H 238 -6.00 20.66 -11.52
CA PHE H 238 -7.42 20.43 -11.32
C PHE H 238 -7.92 20.99 -10.00
N ASP H 239 -9.23 21.30 -9.96
CA ASP H 239 -9.86 21.80 -8.73
C ASP H 239 -10.09 20.63 -7.77
N GLU H 240 -10.49 20.93 -6.54
CA GLU H 240 -10.71 19.90 -5.52
C GLU H 240 -11.68 18.78 -5.93
N LYS H 241 -12.87 19.16 -6.37
CA LYS H 241 -13.88 18.18 -6.76
C LYS H 241 -13.34 17.17 -7.77
N LYS H 242 -12.69 17.68 -8.80
CA LYS H 242 -12.14 16.85 -9.88
C LYS H 242 -11.03 15.96 -9.34
N VAL H 243 -10.21 16.50 -8.45
CA VAL H 243 -9.14 15.71 -7.85
C VAL H 243 -9.73 14.51 -7.12
N SER H 244 -10.79 14.71 -6.34
CA SER H 244 -11.41 13.64 -5.56
C SER H 244 -12.02 12.53 -6.41
N GLN H 245 -12.31 12.81 -7.68
CA GLN H 245 -12.90 11.84 -8.60
C GLN H 245 -11.83 11.22 -9.49
N PHE H 246 -10.61 11.77 -9.42
CA PHE H 246 -9.50 11.36 -10.27
C PHE H 246 -9.26 9.84 -10.29
N GLY H 247 -9.26 9.27 -11.50
CA GLY H 247 -9.01 7.84 -11.70
C GLY H 247 -10.25 6.93 -11.65
N SER H 248 -11.37 7.47 -11.18
CA SER H 248 -12.59 6.70 -11.02
C SER H 248 -13.21 6.27 -12.35
N ASN H 249 -12.90 6.98 -13.43
CA ASN H 249 -13.49 6.70 -14.74
C ASN H 249 -12.86 5.61 -15.62
N VAL H 250 -11.65 5.15 -15.31
CA VAL H 250 -11.03 4.11 -16.11
C VAL H 250 -11.52 2.73 -15.65
N PRO H 251 -11.40 1.70 -16.49
CA PRO H 251 -11.89 0.37 -16.11
C PRO H 251 -11.40 -0.18 -14.75
N GLN H 253 -10.92 1.45 -12.26
CA GLN H 253 -11.57 2.31 -11.27
C GLN H 253 -10.65 2.85 -10.20
N ARG H 254 -9.47 3.26 -10.63
CA ARG H 254 -8.50 3.83 -9.72
C ARG H 254 -7.43 4.50 -10.56
N PRO H 255 -6.77 5.51 -9.99
CA PRO H 255 -5.68 6.13 -10.71
C PRO H 255 -4.44 5.26 -10.53
N GLY H 256 -3.48 5.39 -11.44
CA GLY H 256 -2.25 4.64 -11.33
C GLY H 256 -1.31 5.39 -10.44
N GLN H 257 -0.36 4.68 -9.85
CA GLN H 257 0.68 5.28 -9.03
C GLN H 257 1.92 5.37 -9.93
N PRO H 258 2.78 6.36 -9.67
CA PRO H 258 3.94 6.54 -10.52
C PRO H 258 4.83 5.31 -10.70
N TYR H 259 4.99 4.51 -9.65
CA TYR H 259 5.81 3.33 -9.75
C TYR H 259 5.25 2.36 -10.80
N GLU H 260 3.96 2.43 -11.11
CA GLU H 260 3.36 1.52 -12.10
C GLU H 260 3.73 1.89 -13.56
N LEU H 261 4.32 3.08 -13.74
CA LEU H 261 4.79 3.48 -15.07
C LEU H 261 6.24 3.16 -15.32
N ALA H 262 7.02 3.06 -14.26
CA ALA H 262 8.46 2.90 -14.39
C ALA H 262 8.90 1.73 -15.26
N PRO H 263 8.33 0.52 -15.05
CA PRO H 263 8.79 -0.64 -15.82
C PRO H 263 8.62 -0.50 -17.35
N ALA H 264 7.59 0.22 -17.78
CA ALA H 264 7.44 0.52 -19.20
C ALA H 264 8.65 1.29 -19.71
N TYR H 265 9.10 2.29 -18.93
CA TYR H 265 10.26 3.07 -19.32
C TYR H 265 11.52 2.19 -19.31
N VAL H 266 11.67 1.35 -18.29
CA VAL H 266 12.83 0.44 -18.24
C VAL H 266 12.84 -0.47 -19.46
N TYR H 267 11.68 -1.00 -19.83
CA TYR H 267 11.56 -1.86 -21.00
C TYR H 267 12.03 -1.11 -22.26
N LEU H 268 11.51 0.09 -22.48
CA LEU H 268 11.86 0.87 -23.68
C LEU H 268 13.28 1.40 -23.66
N ALA H 269 13.86 1.59 -22.47
CA ALA H 269 15.20 2.16 -22.35
C ALA H 269 16.32 1.14 -22.54
N SER H 270 16.01 -0.12 -22.26
CA SER H 270 17.00 -1.18 -22.30
C SER H 270 16.99 -1.96 -23.61
N SER H 271 17.97 -2.87 -23.73
CA SER H 271 18.05 -3.74 -24.91
C SER H 271 16.93 -4.78 -24.90
N ASP H 272 16.12 -4.81 -23.84
CA ASP H 272 14.94 -5.66 -23.81
C ASP H 272 13.97 -5.35 -24.97
N SER H 273 13.98 -4.09 -25.42
CA SER H 273 13.14 -3.63 -26.54
C SER H 273 13.94 -3.34 -27.81
N SER H 274 15.02 -4.09 -28.04
CA SER H 274 15.88 -3.93 -29.22
C SER H 274 15.13 -3.91 -30.57
N TYR H 275 14.02 -4.64 -30.67
CA TYR H 275 13.25 -4.68 -31.92
C TYR H 275 12.02 -3.74 -31.89
N VAL H 276 12.00 -2.77 -30.98
CA VAL H 276 10.87 -1.85 -30.85
C VAL H 276 11.25 -0.38 -31.12
N THR H 277 10.60 0.24 -32.09
CA THR H 277 10.80 1.68 -32.33
C THR H 277 9.53 2.22 -32.96
N GLY H 278 9.21 3.47 -32.65
CA GLY H 278 8.03 4.13 -33.19
C GLY H 278 6.74 3.80 -32.47
N GLN H 279 6.83 3.11 -31.33
CA GLN H 279 5.65 2.65 -30.61
C GLN H 279 5.28 3.40 -29.35
N ILE H 281 3.51 2.67 -25.45
CA ILE H 281 3.07 1.74 -24.41
C ILE H 281 1.97 2.45 -23.64
N HIS H 282 0.77 1.87 -23.65
CA HIS H 282 -0.40 2.47 -23.01
C HIS H 282 -0.57 1.89 -21.63
N VAL H 283 -0.40 2.73 -20.61
CA VAL H 283 -0.44 2.37 -19.20
C VAL H 283 -1.53 3.25 -18.61
N ASN H 284 -2.78 2.79 -18.72
CA ASN H 284 -3.91 3.66 -18.40
C ASN H 284 -5.10 3.08 -17.67
N GLY H 285 -4.96 1.92 -17.03
CA GLY H 285 -6.07 1.35 -16.28
C GLY H 285 -7.12 0.60 -17.09
N GLY H 286 -6.80 0.30 -18.36
CA GLY H 286 -7.67 -0.50 -19.21
C GLY H 286 -8.49 0.21 -20.26
N VAL H 287 -8.19 1.48 -20.55
CA VAL H 287 -8.93 2.19 -21.57
C VAL H 287 -8.45 1.71 -22.94
N ILE H 288 -9.38 1.23 -23.76
CA ILE H 288 -9.04 0.72 -25.08
C ILE H 288 -8.89 1.93 -26.00
N VAL H 289 -7.80 1.98 -26.75
CA VAL H 289 -7.51 3.10 -27.63
C VAL H 289 -7.22 2.64 -29.06
N ASN H 290 -7.68 1.44 -29.41
CA ASN H 290 -7.43 0.86 -30.73
C ASN H 290 -5.93 0.68 -30.90
N GLY H 291 -5.23 0.39 -29.80
CA GLY H 291 -3.77 0.25 -29.81
C GLY H 291 -3.27 -1.11 -30.27
#